data_7WJN
#
_entry.id   7WJN
#
_cell.length_a   1.00
_cell.length_b   1.00
_cell.length_c   1.00
_cell.angle_alpha   90.00
_cell.angle_beta   90.00
_cell.angle_gamma   90.00
#
_symmetry.space_group_name_H-M   'P 1'
#
loop_
_entity.id
_entity.type
_entity.pdbx_description
1 polymer 'Chitin synthase'
2 non-polymer URIDINE-DIPHOSPHATE-N-ACETYLGLUCOSAMINE
3 non-polymer 'MANGANESE (II) ION'
#
_entity_poly.entity_id   1
_entity_poly.type   'polypeptide(L)'
_entity_poly.pdbx_seq_one_letter_code
;MSGAPPPSSGFAPRSYGQQPLSHAPRSSMMSVEYDGIPLPPPSIRSCGSQQYVTSYIPTGAAFPPSSVQDMISSMKSYAS
ATDLVRTYSEIPSVEEALSTLDRAAAALNARRYRDALKLYLEGGYAMANVAERQANPKICNLLTSKGFETLNWCARLCDW
IEGRIKEKHPRPGVHKVGIPVSNWDEDWVGPFMDEEEARRMWYTPVYCPHPIDFSNLGYRLRCVETGRRPRLMICITMYN
EGPQQLKATLKKLANNLAYLKEQMPGDEKSLTGAFAGDDVWQNVLVCIVADGREQVHPKTLDYLEAIGLYDEDLLTINSA
GIGAQCHLFEHTLQLSVNGKCLLPIQTVFALKENKASKLDSHHWYFNAFAEQIQPEYTAVMDVGTMLTKSALYHLLFAFE
RNHQIGGACGQLTVDNPFENLSNWVISAQHFEYKISNILDKSLESCFGFISVLPGAFSAYRYEAIRGAPLDAYFQTLNIE
LDVLGPFIGNMYLAADRILSFEVVARKNCNWTMHYVKDAVARTDVPHDLVGLISQRKRWLNGAFFATLFSIWNWGRIYSE
SKHTFVRKMAFLVFYVYHLLYTAFGFFLPANLYLALFFIVFQGFQQNRLEFIDTSEYSQTVLDCAVYIYNFSYLFGLLML
IIIGLGNNPKHMKLTYYFVGAVFGLMMMLSSLVGAGIFFSTPATVHSIVVSILTVGVYFIASALHGEVHHIFMTFTHYTA
LIPSFVNIFTIYSFCNLQDLSWGTKGLHDDPLLAASLDETEKGDFKDVIAKRRALEELRREEKERVENRKKNFEAFRTNV
LLTWAFSNLIFALFVVYFASSSTYMPVLYIFVASLNTCRLLGSIGHWVYIHTEGLRGRVIDKSECGNGTGRYPQNSYVQL
EEHYAALAEDQRTYASGRTNASVRTVNDVSSAA
;
_entity_poly.pdbx_strand_id   A,B
#
# COMPACT_ATOMS: atom_id res chain seq x y z
N HIS A 23 -7.24 -30.72 -44.05
CA HIS A 23 -7.31 -29.28 -44.30
C HIS A 23 -8.76 -28.81 -44.36
N ALA A 24 -9.69 -29.75 -44.23
CA ALA A 24 -11.12 -29.41 -44.25
C ALA A 24 -11.53 -28.49 -43.11
N PRO A 25 -11.15 -28.73 -41.84
CA PRO A 25 -11.58 -27.81 -40.79
C PRO A 25 -11.11 -26.38 -40.97
N ARG A 26 -9.88 -26.19 -41.47
CA ARG A 26 -9.36 -24.85 -41.67
C ARG A 26 -10.15 -24.10 -42.73
N SER A 27 -10.42 -24.75 -43.87
CA SER A 27 -11.22 -24.13 -44.91
C SER A 27 -12.63 -23.86 -44.41
N SER A 28 -13.20 -24.78 -43.64
CA SER A 28 -14.55 -24.58 -43.11
C SER A 28 -14.60 -23.37 -42.19
N MET A 29 -13.60 -23.21 -41.30
CA MET A 29 -13.63 -22.08 -40.38
C MET A 29 -13.37 -20.77 -41.10
N MET A 30 -12.52 -20.78 -42.13
CA MET A 30 -12.32 -19.57 -42.92
C MET A 30 -13.60 -19.18 -43.65
N SER A 31 -14.31 -20.16 -44.20
CA SER A 31 -15.59 -19.88 -44.86
C SER A 31 -16.61 -19.36 -43.86
N VAL A 32 -16.60 -19.89 -42.63
CA VAL A 32 -17.51 -19.41 -41.59
C VAL A 32 -17.21 -17.95 -41.28
N GLU A 33 -15.93 -17.60 -41.14
CA GLU A 33 -15.56 -16.21 -40.90
C GLU A 33 -16.01 -15.31 -42.05
N TYR A 34 -15.79 -15.76 -43.30
CA TYR A 34 -16.20 -14.96 -44.45
C TYR A 34 -17.70 -14.76 -44.48
N ASP A 35 -18.47 -15.80 -44.15
CA ASP A 35 -19.92 -15.68 -44.13
C ASP A 35 -20.40 -14.82 -42.98
N GLY A 36 -19.63 -14.76 -41.89
CA GLY A 36 -19.94 -13.85 -40.80
C GLY A 36 -19.49 -12.42 -41.01
N ILE A 37 -18.66 -12.19 -42.02
CA ILE A 37 -18.20 -10.82 -42.31
C ILE A 37 -19.35 -9.87 -42.64
N PRO A 38 -20.29 -10.19 -43.53
CA PRO A 38 -21.26 -9.18 -43.97
C PRO A 38 -22.09 -8.62 -42.83
N LEU A 39 -22.35 -7.31 -42.90
CA LEU A 39 -23.12 -6.58 -41.91
C LEU A 39 -22.60 -6.78 -40.49
N SER A 49 -23.31 3.79 -38.88
CA SER A 49 -22.06 3.04 -38.80
C SER A 49 -22.33 1.54 -38.71
N GLN A 50 -21.99 0.82 -39.78
CA GLN A 50 -22.21 -0.61 -39.83
C GLN A 50 -21.23 -1.33 -38.91
N GLN A 51 -21.31 -2.67 -38.91
CA GLN A 51 -20.52 -3.47 -37.98
C GLN A 51 -19.03 -3.29 -38.20
N TYR A 52 -18.59 -3.28 -39.45
CA TYR A 52 -17.16 -3.28 -39.77
C TYR A 52 -16.92 -2.54 -41.07
N VAL A 53 -16.12 -1.49 -41.03
CA VAL A 53 -15.77 -0.69 -42.20
C VAL A 53 -14.26 -0.56 -42.26
N THR A 54 -13.69 -0.84 -43.43
CA THR A 54 -12.26 -0.69 -43.68
C THR A 54 -12.06 0.46 -44.66
N SER A 55 -11.26 1.45 -44.27
CA SER A 55 -11.05 2.65 -45.08
C SER A 55 -9.57 2.98 -45.13
N TYR A 56 -9.18 3.67 -46.20
CA TYR A 56 -7.83 4.21 -46.36
C TYR A 56 -7.95 5.73 -46.46
N ILE A 57 -7.22 6.43 -45.59
CA ILE A 57 -7.25 7.88 -45.54
C ILE A 57 -5.99 8.40 -46.24
N PRO A 58 -6.11 9.08 -47.38
CA PRO A 58 -4.92 9.63 -48.04
C PRO A 58 -4.51 10.97 -47.46
N THR A 59 -3.24 11.08 -47.05
CA THR A 59 -2.72 12.29 -46.45
C THR A 59 -2.16 13.21 -47.52
N GLY A 60 -2.40 14.51 -47.35
CA GLY A 60 -1.90 15.53 -48.26
C GLY A 60 -2.91 16.00 -49.29
N ALA A 61 -3.98 15.25 -49.53
CA ALA A 61 -5.00 15.71 -50.47
C ALA A 61 -5.79 16.88 -49.89
N ALA A 62 -6.26 16.76 -48.66
CA ALA A 62 -6.97 17.74 -47.85
C ALA A 62 -8.40 17.97 -48.33
N PHE A 63 -8.82 17.38 -49.45
CA PHE A 63 -10.20 17.33 -49.94
C PHE A 63 -10.63 18.68 -50.52
N PRO A 64 -11.58 18.68 -51.45
CA PRO A 64 -12.16 19.94 -51.93
C PRO A 64 -13.39 20.31 -51.13
N PRO A 65 -13.60 21.60 -50.84
CA PRO A 65 -14.77 22.02 -50.06
C PRO A 65 -16.02 22.19 -50.92
N SER A 66 -16.29 21.20 -51.78
CA SER A 66 -17.48 21.21 -52.61
C SER A 66 -18.36 20.01 -52.31
N SER A 67 -17.76 18.82 -52.27
CA SER A 67 -18.51 17.60 -52.01
C SER A 67 -18.84 17.43 -50.53
N VAL A 68 -18.02 17.99 -49.63
CA VAL A 68 -18.24 17.81 -48.20
C VAL A 68 -19.57 18.43 -47.77
N GLN A 69 -19.85 19.65 -48.26
CA GLN A 69 -21.10 20.31 -47.90
C GLN A 69 -22.31 19.53 -48.37
N ASP A 70 -22.29 19.05 -49.61
CA ASP A 70 -23.41 18.27 -50.14
C ASP A 70 -23.56 16.95 -49.39
N MET A 71 -22.44 16.31 -49.05
CA MET A 71 -22.50 15.07 -48.30
C MET A 71 -23.10 15.28 -46.91
N ILE A 72 -22.73 16.38 -46.25
CA ILE A 72 -23.32 16.71 -44.96
C ILE A 72 -24.82 16.97 -45.11
N SER A 73 -25.20 17.73 -46.13
CA SER A 73 -26.62 18.03 -46.37
C SER A 73 -27.39 16.84 -46.92
N SER A 74 -26.71 15.76 -47.31
CA SER A 74 -27.36 14.59 -47.87
C SER A 74 -27.88 13.62 -46.82
N MET A 75 -27.65 13.89 -45.54
CA MET A 75 -28.10 13.02 -44.47
C MET A 75 -29.20 13.72 -43.69
N LYS A 76 -30.34 13.04 -43.54
CA LYS A 76 -31.51 13.62 -42.88
C LYS A 76 -31.74 13.06 -41.48
N SER A 77 -31.07 11.97 -41.10
CA SER A 77 -31.20 11.45 -39.75
C SER A 77 -30.65 12.41 -38.71
N TYR A 78 -29.76 13.32 -39.12
CA TYR A 78 -29.26 14.33 -38.20
C TYR A 78 -30.41 15.22 -37.69
N ALA A 79 -31.40 15.49 -38.53
CA ALA A 79 -32.55 16.26 -38.09
C ALA A 79 -33.31 15.53 -36.99
N SER A 80 -33.51 14.21 -37.14
CA SER A 80 -34.19 13.44 -36.12
C SER A 80 -33.38 13.42 -34.82
N ALA A 81 -32.06 13.26 -34.93
CA ALA A 81 -31.22 13.27 -33.74
C ALA A 81 -31.28 14.62 -33.03
N THR A 82 -31.23 15.71 -33.79
CA THR A 82 -31.31 17.04 -33.19
C THR A 82 -32.66 17.26 -32.53
N ASP A 83 -33.74 16.82 -33.17
CA ASP A 83 -35.06 16.95 -32.56
C ASP A 83 -35.16 16.17 -31.27
N LEU A 84 -34.62 14.94 -31.26
CA LEU A 84 -34.66 14.13 -30.05
C LEU A 84 -33.87 14.79 -28.91
N VAL A 85 -32.67 15.29 -29.22
CA VAL A 85 -31.85 15.92 -28.19
C VAL A 85 -32.53 17.18 -27.66
N ARG A 86 -33.10 17.99 -28.57
CA ARG A 86 -33.77 19.21 -28.14
C ARG A 86 -34.97 18.90 -27.27
N THR A 87 -35.75 17.87 -27.63
CA THR A 87 -36.90 17.49 -26.81
C THR A 87 -36.46 16.99 -25.45
N TYR A 88 -35.38 16.20 -25.40
CA TYR A 88 -34.93 15.65 -24.12
C TYR A 88 -34.38 16.74 -23.20
N SER A 89 -33.62 17.68 -23.76
CA SER A 89 -32.92 18.68 -22.95
C SER A 89 -33.83 19.80 -22.43
N GLU A 90 -35.14 19.69 -22.62
CA GLU A 90 -36.03 20.77 -22.18
C GLU A 90 -36.12 20.83 -20.66
N ILE A 91 -36.29 19.70 -20.01
CA ILE A 91 -36.54 19.64 -18.57
C ILE A 91 -35.21 19.33 -17.87
N PRO A 92 -34.72 20.21 -17.00
CA PRO A 92 -33.52 19.91 -16.22
C PRO A 92 -33.89 19.11 -14.97
N SER A 93 -32.85 18.73 -14.22
CA SER A 93 -33.03 17.95 -13.00
C SER A 93 -32.07 18.45 -11.93
N VAL A 94 -32.33 18.05 -10.70
CA VAL A 94 -31.49 18.46 -9.57
C VAL A 94 -30.09 17.89 -9.73
N GLU A 95 -30.00 16.61 -10.10
CA GLU A 95 -28.70 15.95 -10.17
C GLU A 95 -27.79 16.60 -11.20
N GLU A 96 -28.35 16.94 -12.37
CA GLU A 96 -27.55 17.58 -13.41
C GLU A 96 -27.07 18.95 -12.97
N ALA A 97 -27.93 19.72 -12.29
CA ALA A 97 -27.53 21.03 -11.79
C ALA A 97 -26.39 20.90 -10.79
N LEU A 98 -26.49 19.94 -9.86
CA LEU A 98 -25.43 19.76 -8.88
C LEU A 98 -24.13 19.31 -9.53
N SER A 99 -24.22 18.42 -10.53
CA SER A 99 -23.01 17.98 -11.23
C SER A 99 -22.35 19.15 -11.98
N THR A 100 -23.16 19.99 -12.62
CA THR A 100 -22.60 21.15 -13.31
C THR A 100 -21.94 22.10 -12.32
N LEU A 101 -22.55 22.30 -11.16
CA LEU A 101 -21.95 23.15 -10.14
C LEU A 101 -20.64 22.57 -9.64
N ASP A 102 -20.57 21.25 -9.47
CA ASP A 102 -19.32 20.62 -9.06
C ASP A 102 -18.23 20.82 -10.11
N ARG A 103 -18.58 20.64 -11.38
CA ARG A 103 -17.60 20.88 -12.44
C ARG A 103 -17.15 22.33 -12.46
N ALA A 104 -18.07 23.26 -12.23
CA ALA A 104 -17.71 24.67 -12.16
C ALA A 104 -16.76 24.94 -11.01
N ALA A 105 -17.00 24.31 -9.85
CA ALA A 105 -16.09 24.47 -8.72
C ALA A 105 -14.71 23.94 -9.05
N ALA A 106 -14.64 22.78 -9.71
CA ALA A 106 -13.34 22.25 -10.12
C ALA A 106 -12.63 23.20 -11.09
N ALA A 107 -13.38 23.73 -12.06
CA ALA A 107 -12.79 24.64 -13.04
C ALA A 107 -12.27 25.91 -12.38
N LEU A 108 -13.02 26.45 -11.43
CA LEU A 108 -12.54 27.62 -10.70
C LEU A 108 -11.33 27.28 -9.84
N ASN A 109 -11.27 26.06 -9.30
CA ASN A 109 -10.07 25.62 -8.60
C ASN A 109 -8.87 25.55 -9.53
N ALA A 110 -9.11 25.24 -10.81
CA ALA A 110 -8.04 25.22 -11.80
C ALA A 110 -7.80 26.58 -12.45
N ARG A 111 -8.52 27.61 -12.03
CA ARG A 111 -8.38 28.97 -12.56
C ARG A 111 -8.63 29.01 -14.07
N ARG A 112 -9.79 28.49 -14.46
CA ARG A 112 -10.30 28.58 -15.83
C ARG A 112 -11.63 29.32 -15.73
N TYR A 113 -11.55 30.65 -15.81
CA TYR A 113 -12.68 31.49 -15.41
C TYR A 113 -13.82 31.49 -16.42
N ARG A 114 -13.52 31.37 -17.73
CA ARG A 114 -14.59 31.36 -18.72
C ARG A 114 -15.49 30.14 -18.55
N ASP A 115 -14.87 28.96 -18.50
CA ASP A 115 -15.64 27.73 -18.31
C ASP A 115 -16.36 27.73 -16.97
N ALA A 116 -15.69 28.23 -15.91
CA ALA A 116 -16.32 28.30 -14.61
C ALA A 116 -17.55 29.19 -14.64
N LEU A 117 -17.45 30.36 -15.29
CA LEU A 117 -18.58 31.26 -15.39
C LEU A 117 -19.73 30.62 -16.17
N LYS A 118 -19.42 29.95 -17.28
CA LYS A 118 -20.47 29.31 -18.07
C LYS A 118 -21.18 28.24 -17.27
N LEU A 119 -20.41 27.38 -16.59
CA LEU A 119 -21.01 26.29 -15.83
C LEU A 119 -21.79 26.82 -14.64
N TYR A 120 -21.30 27.87 -13.98
CA TYR A 120 -22.03 28.47 -12.88
C TYR A 120 -23.36 29.06 -13.35
N LEU A 121 -23.36 29.74 -14.50
CA LEU A 121 -24.60 30.26 -15.04
C LEU A 121 -25.59 29.13 -15.33
N GLU A 122 -25.10 28.06 -15.96
CA GLU A 122 -25.98 26.94 -16.28
C GLU A 122 -26.56 26.33 -15.01
N GLY A 123 -25.72 26.13 -13.99
CA GLY A 123 -26.22 25.56 -12.75
C GLY A 123 -27.21 26.46 -12.03
N GLY A 124 -26.95 27.76 -12.03
CA GLY A 124 -27.89 28.68 -11.39
C GLY A 124 -29.24 28.69 -12.07
N TYR A 125 -29.24 28.76 -13.41
CA TYR A 125 -30.51 28.71 -14.13
C TYR A 125 -31.22 27.39 -13.91
N ALA A 126 -30.47 26.28 -13.90
CA ALA A 126 -31.08 24.97 -13.69
C ALA A 126 -31.73 24.87 -12.32
N MET A 127 -31.03 25.35 -11.27
CA MET A 127 -31.60 25.27 -9.93
C MET A 127 -32.80 26.21 -9.79
N ALA A 128 -32.74 27.39 -10.41
CA ALA A 128 -33.89 28.29 -10.37
C ALA A 128 -35.11 27.65 -11.03
N ASN A 129 -34.91 26.96 -12.15
CA ASN A 129 -36.02 26.26 -12.78
C ASN A 129 -36.51 25.09 -11.93
N VAL A 130 -35.59 24.36 -11.30
CA VAL A 130 -35.94 23.16 -10.54
C VAL A 130 -36.74 23.52 -9.30
N ALA A 131 -36.41 24.64 -8.65
CA ALA A 131 -37.04 24.98 -7.38
C ALA A 131 -38.56 25.07 -7.50
N GLU A 132 -39.08 25.37 -8.68
CA GLU A 132 -40.52 25.48 -8.86
C GLU A 132 -41.20 24.13 -8.68
N ARG A 133 -40.58 23.05 -9.17
CA ARG A 133 -41.25 21.75 -9.22
C ARG A 133 -41.31 21.07 -7.85
N GLN A 134 -40.35 21.33 -6.98
CA GLN A 134 -40.24 20.58 -5.73
C GLN A 134 -41.45 20.82 -4.84
N ALA A 135 -41.97 19.73 -4.25
CA ALA A 135 -43.13 19.82 -3.38
C ALA A 135 -42.77 20.25 -1.96
N ASN A 136 -41.61 19.85 -1.48
CA ASN A 136 -41.20 20.18 -0.11
C ASN A 136 -40.90 21.68 -0.02
N PRO A 137 -41.57 22.43 0.85
CA PRO A 137 -41.29 23.88 0.94
C PRO A 137 -39.84 24.20 1.31
N LYS A 138 -39.24 23.42 2.22
CA LYS A 138 -37.86 23.68 2.60
C LYS A 138 -36.92 23.53 1.42
N ILE A 139 -37.09 22.47 0.64
CA ILE A 139 -36.25 22.25 -0.53
C ILE A 139 -36.44 23.38 -1.54
N CYS A 140 -37.69 23.81 -1.74
CA CYS A 140 -37.96 24.89 -2.67
C CYS A 140 -37.24 26.17 -2.24
N ASN A 141 -37.35 26.52 -0.96
CA ASN A 141 -36.70 27.73 -0.47
C ASN A 141 -35.19 27.65 -0.61
N LEU A 142 -34.60 26.50 -0.23
CA LEU A 142 -33.15 26.36 -0.32
C LEU A 142 -32.68 26.45 -1.77
N LEU A 143 -33.37 25.78 -2.69
CA LEU A 143 -32.98 25.81 -4.08
C LEU A 143 -33.09 27.22 -4.65
N THR A 144 -34.17 27.94 -4.32
CA THR A 144 -34.34 29.30 -4.83
C THR A 144 -33.23 30.21 -4.31
N SER A 145 -32.93 30.12 -3.01
CA SER A 145 -31.89 30.96 -2.44
C SER A 145 -30.53 30.65 -3.06
N LYS A 146 -30.22 29.36 -3.23
CA LYS A 146 -28.95 28.98 -3.84
C LYS A 146 -28.87 29.47 -5.28
N GLY A 147 -29.97 29.39 -6.02
CA GLY A 147 -29.96 29.90 -7.38
C GLY A 147 -29.71 31.39 -7.45
N PHE A 148 -30.36 32.16 -6.58
CA PHE A 148 -30.13 33.60 -6.56
C PHE A 148 -28.69 33.92 -6.18
N GLU A 149 -28.15 33.21 -5.19
CA GLU A 149 -26.76 33.42 -4.80
C GLU A 149 -25.81 33.10 -5.95
N THR A 150 -26.07 32.00 -6.67
CA THR A 150 -25.23 31.63 -7.80
C THR A 150 -25.29 32.67 -8.90
N LEU A 151 -26.48 33.21 -9.18
CA LEU A 151 -26.60 34.24 -10.21
C LEU A 151 -25.84 35.50 -9.82
N ASN A 152 -25.94 35.91 -8.55
CA ASN A 152 -25.19 37.08 -8.10
C ASN A 152 -23.69 36.84 -8.19
N TRP A 153 -23.24 35.63 -7.84
CA TRP A 153 -21.83 35.31 -7.98
C TRP A 153 -21.40 35.34 -9.44
N CYS A 154 -22.26 34.87 -10.34
CA CYS A 154 -21.94 34.94 -11.77
C CYS A 154 -21.79 36.39 -12.22
N ALA A 155 -22.66 37.27 -11.75
CA ALA A 155 -22.54 38.69 -12.07
C ALA A 155 -21.21 39.25 -11.57
N ARG A 156 -20.85 38.93 -10.32
CA ARG A 156 -19.59 39.43 -9.78
C ARG A 156 -18.39 38.89 -10.55
N LEU A 157 -18.43 37.61 -10.93
CA LEU A 157 -17.33 37.03 -11.69
C LEU A 157 -17.22 37.67 -13.07
N CYS A 158 -18.36 37.95 -13.71
CA CYS A 158 -18.32 38.64 -15.00
C CYS A 158 -17.71 40.03 -14.85
N ASP A 159 -18.08 40.74 -13.78
CA ASP A 159 -17.46 42.05 -13.54
C ASP A 159 -15.96 41.93 -13.33
N TRP A 160 -15.53 40.88 -12.62
CA TRP A 160 -14.10 40.67 -12.39
C TRP A 160 -13.38 40.36 -13.70
N ILE A 161 -14.01 39.57 -14.58
CA ILE A 161 -13.41 39.24 -15.86
C ILE A 161 -13.29 40.50 -16.74
N GLU A 162 -14.30 41.36 -16.69
CA GLU A 162 -14.25 42.59 -17.48
C GLU A 162 -13.08 43.47 -17.07
N GLY A 163 -12.69 43.41 -15.80
CA GLY A 163 -11.67 44.28 -15.27
C GLY A 163 -12.18 45.57 -14.67
N ARG A 164 -13.51 45.78 -14.66
CA ARG A 164 -14.07 46.94 -13.98
C ARG A 164 -13.82 46.85 -12.47
N ILE A 165 -13.86 45.64 -11.91
CA ILE A 165 -13.48 45.39 -10.52
C ILE A 165 -12.22 44.52 -10.55
N LYS A 166 -11.20 44.96 -9.82
CA LYS A 166 -9.92 44.25 -9.74
C LYS A 166 -9.75 43.69 -8.34
N GLU A 167 -9.51 42.39 -8.26
CA GLU A 167 -9.37 41.71 -6.97
C GLU A 167 -8.41 40.54 -7.14
N LYS A 168 -7.87 40.07 -6.02
CA LYS A 168 -6.91 38.98 -6.02
C LYS A 168 -7.61 37.68 -5.63
N HIS A 169 -7.54 36.69 -6.52
CA HIS A 169 -8.09 35.36 -6.31
C HIS A 169 -9.57 35.43 -5.91
N PRO A 170 -10.47 35.76 -6.84
CA PRO A 170 -11.88 35.88 -6.47
C PRO A 170 -12.49 34.54 -6.08
N ARG A 171 -13.46 34.61 -5.18
CA ARG A 171 -14.21 33.45 -4.71
C ARG A 171 -15.65 33.87 -4.45
N PRO A 172 -16.59 32.93 -4.54
CA PRO A 172 -18.00 33.26 -4.24
C PRO A 172 -18.15 33.77 -2.82
N GLY A 173 -19.05 34.72 -2.65
CA GLY A 173 -19.20 35.38 -1.36
C GLY A 173 -19.68 34.44 -0.27
N VAL A 174 -19.22 34.71 0.95
CA VAL A 174 -19.58 33.89 2.09
C VAL A 174 -21.04 34.15 2.46
N HIS A 175 -21.81 33.07 2.62
CA HIS A 175 -23.22 33.16 2.92
C HIS A 175 -23.58 32.06 3.90
N LYS A 176 -24.09 32.44 5.07
CA LYS A 176 -24.50 31.49 6.09
C LYS A 176 -26.01 31.48 6.22
N VAL A 177 -26.57 30.30 6.45
CA VAL A 177 -28.02 30.10 6.48
C VAL A 177 -28.42 29.61 7.86
N GLY A 178 -29.40 30.27 8.45
CA GLY A 178 -29.99 29.84 9.71
C GLY A 178 -31.38 29.26 9.45
N ILE A 179 -31.59 28.05 9.95
CA ILE A 179 -32.88 27.38 9.74
C ILE A 179 -33.46 26.93 11.07
N PRO A 180 -34.77 26.85 11.21
CA PRO A 180 -35.36 26.32 12.44
C PRO A 180 -34.97 24.86 12.64
N VAL A 181 -34.82 24.47 13.90
CA VAL A 181 -34.49 23.10 14.24
C VAL A 181 -35.72 22.22 14.03
N SER A 182 -35.51 21.03 13.47
CA SER A 182 -36.63 20.14 13.16
C SER A 182 -37.35 19.70 14.44
N ASN A 183 -36.60 19.36 15.48
CA ASN A 183 -37.17 18.89 16.74
C ASN A 183 -36.77 19.85 17.85
N TRP A 184 -37.77 20.42 18.51
CA TRP A 184 -37.54 21.34 19.61
C TRP A 184 -38.35 20.89 20.82
N ASP A 185 -37.74 20.95 22.00
CA ASP A 185 -38.39 20.50 23.22
C ASP A 185 -39.28 21.61 23.76
N GLU A 186 -40.59 21.37 23.79
CA GLU A 186 -41.52 22.35 24.33
C GLU A 186 -41.29 22.55 25.83
N ASP A 187 -41.04 21.47 26.56
CA ASP A 187 -40.88 21.50 28.01
C ASP A 187 -39.39 21.50 28.33
N TRP A 188 -38.83 22.68 28.54
CA TRP A 188 -37.43 22.80 28.92
C TRP A 188 -37.26 24.05 29.79
N VAL A 189 -36.30 23.99 30.70
CA VAL A 189 -36.06 25.05 31.68
C VAL A 189 -34.67 25.61 31.45
N GLY A 190 -34.57 26.93 31.38
CA GLY A 190 -33.30 27.60 31.21
C GLY A 190 -33.32 28.99 31.81
N PRO A 191 -32.15 29.61 31.92
CA PRO A 191 -32.07 30.97 32.47
C PRO A 191 -32.82 31.97 31.61
N PHE A 192 -32.40 32.12 30.35
CA PHE A 192 -33.11 32.93 29.37
C PHE A 192 -32.50 32.67 28.01
N MET A 193 -33.35 32.53 27.01
CA MET A 193 -32.91 32.24 25.65
C MET A 193 -33.74 33.06 24.68
N ASP A 194 -33.07 33.83 23.82
CA ASP A 194 -33.76 34.49 22.72
C ASP A 194 -34.25 33.44 21.73
N GLU A 195 -35.41 33.72 21.12
CA GLU A 195 -36.01 32.75 20.21
C GLU A 195 -35.09 32.46 19.04
N GLU A 196 -34.40 33.48 18.53
CA GLU A 196 -33.46 33.27 17.43
C GLU A 196 -32.34 32.31 17.84
N GLU A 197 -31.81 32.48 19.05
CA GLU A 197 -30.75 31.59 19.52
C GLU A 197 -31.31 30.22 19.90
N ALA A 198 -32.53 30.18 20.44
CA ALA A 198 -33.07 28.92 20.95
C ALA A 198 -33.50 27.99 19.82
N ARG A 199 -34.16 28.53 18.78
CA ARG A 199 -34.81 27.69 17.79
C ARG A 199 -34.06 27.57 16.48
N ARG A 200 -33.19 28.52 16.15
CA ARG A 200 -32.48 28.52 14.87
C ARG A 200 -31.10 27.91 15.04
N MET A 201 -30.75 27.00 14.13
CA MET A 201 -29.40 26.48 14.01
C MET A 201 -28.76 27.08 12.76
N TRP A 202 -27.51 27.51 12.86
CA TRP A 202 -26.86 28.22 11.78
C TRP A 202 -25.84 27.31 11.11
N TYR A 203 -25.58 27.56 9.82
CA TYR A 203 -24.68 26.73 9.04
C TYR A 203 -23.93 27.57 8.04
N THR A 204 -22.64 27.25 7.83
CA THR A 204 -21.90 27.86 6.74
C THR A 204 -20.77 26.96 6.28
N PRO A 205 -20.54 26.84 4.98
CA PRO A 205 -19.37 26.13 4.48
C PRO A 205 -18.21 27.07 4.27
N VAL A 206 -16.99 26.66 4.60
CA VAL A 206 -15.83 27.55 4.48
C VAL A 206 -14.85 26.95 3.48
N TYR A 207 -14.12 27.83 2.81
CA TYR A 207 -13.14 27.42 1.81
C TYR A 207 -11.70 27.57 2.29
N CYS A 208 -11.49 28.20 3.44
CA CYS A 208 -10.18 28.66 3.86
C CYS A 208 -9.15 27.54 3.78
N PRO A 209 -8.19 27.60 2.85
CA PRO A 209 -7.19 26.52 2.76
C PRO A 209 -6.17 26.56 3.88
N HIS A 210 -5.72 27.75 4.27
CA HIS A 210 -4.84 27.92 5.41
C HIS A 210 -5.65 28.48 6.57
N PRO A 211 -5.86 27.72 7.65
CA PRO A 211 -6.76 28.18 8.72
C PRO A 211 -6.32 29.47 9.39
N ILE A 212 -5.11 29.95 9.12
CA ILE A 212 -4.67 31.21 9.70
C ILE A 212 -5.50 32.37 9.17
N ASP A 213 -5.92 32.29 7.91
CA ASP A 213 -6.67 33.36 7.26
C ASP A 213 -8.18 33.21 7.43
N PHE A 214 -8.63 32.51 8.48
CA PHE A 214 -10.06 32.30 8.66
C PHE A 214 -10.80 33.60 8.86
N SER A 215 -10.26 34.49 9.69
CA SER A 215 -10.95 35.75 9.98
C SER A 215 -10.72 36.81 8.92
N ASN A 216 -9.74 36.63 8.04
CA ASN A 216 -9.51 37.59 6.96
C ASN A 216 -10.53 37.44 5.84
N LEU A 217 -11.00 36.23 5.58
CA LEU A 217 -11.93 35.98 4.48
C LEU A 217 -13.36 36.38 4.82
N GLY A 218 -13.63 36.80 6.05
CA GLY A 218 -14.93 37.29 6.43
C GLY A 218 -15.79 36.34 7.23
N TYR A 219 -15.28 35.16 7.58
CA TYR A 219 -16.06 34.21 8.36
C TYR A 219 -16.14 34.65 9.81
N ARG A 220 -17.33 34.55 10.40
CA ARG A 220 -17.55 34.89 11.79
C ARG A 220 -18.42 33.82 12.44
N LEU A 221 -18.31 33.72 13.75
CA LEU A 221 -19.10 32.78 14.54
C LEU A 221 -20.26 33.51 15.21
N ARG A 222 -21.24 32.72 15.68
CA ARG A 222 -22.43 33.31 16.29
C ARG A 222 -22.09 34.05 17.58
N CYS A 223 -21.13 33.52 18.35
CA CYS A 223 -20.75 34.18 19.59
C CYS A 223 -20.19 35.58 19.33
N VAL A 224 -19.37 35.72 18.29
CA VAL A 224 -18.81 37.02 17.96
C VAL A 224 -19.90 37.97 17.47
N GLU A 225 -20.82 37.46 16.64
CA GLU A 225 -21.90 38.30 16.13
C GLU A 225 -22.80 38.79 17.25
N THR A 226 -23.17 37.90 18.18
CA THR A 226 -24.09 38.26 19.25
C THR A 226 -23.46 39.14 20.31
N GLY A 227 -22.14 39.34 20.26
CA GLY A 227 -21.45 40.15 21.23
C GLY A 227 -20.88 39.40 22.42
N ARG A 228 -21.18 38.11 22.54
CA ARG A 228 -20.63 37.33 23.63
C ARG A 228 -19.13 37.11 23.42
N ARG A 229 -18.39 37.10 24.53
CA ARG A 229 -16.95 36.86 24.52
C ARG A 229 -16.64 35.75 25.50
N PRO A 230 -16.69 34.49 25.04
CA PRO A 230 -16.36 33.37 25.93
C PRO A 230 -14.90 33.41 26.35
N ARG A 231 -14.63 32.92 27.55
CA ARG A 231 -13.29 32.91 28.11
C ARG A 231 -12.65 31.53 28.18
N LEU A 232 -13.43 30.47 28.03
CA LEU A 232 -12.93 29.11 28.04
C LEU A 232 -13.44 28.36 26.82
N MET A 233 -12.56 27.61 26.17
CA MET A 233 -12.90 26.83 24.99
C MET A 233 -12.48 25.39 25.19
N ILE A 234 -13.32 24.47 24.74
CA ILE A 234 -13.08 23.04 24.86
C ILE A 234 -13.21 22.41 23.48
N CYS A 235 -12.27 21.54 23.14
CA CYS A 235 -12.25 20.87 21.85
C CYS A 235 -12.44 19.38 22.04
N ILE A 236 -13.41 18.81 21.32
CA ILE A 236 -13.74 17.39 21.43
C ILE A 236 -13.50 16.78 20.05
N THR A 237 -12.31 16.23 19.84
CA THR A 237 -12.01 15.58 18.56
C THR A 237 -12.79 14.28 18.43
N MET A 238 -13.32 14.06 17.23
CA MET A 238 -14.17 12.91 16.96
C MET A 238 -13.79 12.27 15.64
N TYR A 239 -13.79 10.93 15.60
CA TYR A 239 -13.59 10.19 14.37
C TYR A 239 -14.05 8.76 14.60
N ASN A 240 -15.07 8.35 13.85
CA ASN A 240 -15.55 6.96 13.85
C ASN A 240 -15.92 6.51 15.27
N GLU A 241 -16.89 7.20 15.85
CA GLU A 241 -17.33 6.92 17.21
C GLU A 241 -18.83 6.72 17.24
N GLY A 242 -19.29 5.89 18.17
CA GLY A 242 -20.70 5.68 18.38
C GLY A 242 -21.35 6.84 19.09
N PRO A 243 -22.69 6.90 19.05
CA PRO A 243 -23.39 7.99 19.73
C PRO A 243 -23.20 8.01 21.24
N GLN A 244 -23.00 6.84 21.84
CA GLN A 244 -22.99 6.76 23.30
C GLN A 244 -21.83 7.56 23.89
N GLN A 245 -20.65 7.49 23.29
CA GLN A 245 -19.50 8.20 23.82
C GLN A 245 -19.71 9.71 23.79
N LEU A 246 -20.22 10.22 22.66
CA LEU A 246 -20.48 11.65 22.55
C LEU A 246 -21.56 12.09 23.53
N LYS A 247 -22.61 11.28 23.67
CA LYS A 247 -23.67 11.63 24.62
C LYS A 247 -23.15 11.69 26.05
N ALA A 248 -22.32 10.72 26.43
CA ALA A 248 -21.74 10.72 27.76
C ALA A 248 -20.84 11.92 27.98
N THR A 249 -20.02 12.26 26.98
CA THR A 249 -19.13 13.41 27.12
C THR A 249 -19.92 14.70 27.29
N LEU A 250 -20.98 14.88 26.49
CA LEU A 250 -21.78 16.09 26.59
C LEU A 250 -22.50 16.17 27.93
N LYS A 251 -23.04 15.04 28.41
CA LYS A 251 -23.71 15.04 29.71
C LYS A 251 -22.74 15.40 30.82
N LYS A 252 -21.52 14.86 30.78
CA LYS A 252 -20.54 15.18 31.82
C LYS A 252 -20.11 16.64 31.76
N LEU A 253 -19.95 17.20 30.56
CA LEU A 253 -19.62 18.62 30.45
C LEU A 253 -20.74 19.48 30.99
N ALA A 254 -21.99 19.10 30.72
CA ALA A 254 -23.12 19.86 31.27
C ALA A 254 -23.14 19.78 32.79
N ASN A 255 -22.83 18.61 33.35
CA ASN A 255 -22.75 18.49 34.81
C ASN A 255 -21.66 19.38 35.38
N ASN A 256 -20.51 19.45 34.71
CA ASN A 256 -19.44 20.32 35.18
C ASN A 256 -19.88 21.78 35.16
N LEU A 257 -20.56 22.18 34.09
CA LEU A 257 -21.07 23.56 34.02
C LEU A 257 -22.07 23.81 35.15
N ALA A 258 -22.94 22.84 35.42
CA ALA A 258 -23.91 23.00 36.51
C ALA A 258 -23.21 23.16 37.85
N TYR A 259 -22.16 22.36 38.08
CA TYR A 259 -21.40 22.50 39.33
C TYR A 259 -20.74 23.87 39.43
N LEU A 260 -20.20 24.37 38.31
CA LEU A 260 -19.59 25.69 38.33
C LEU A 260 -20.61 26.78 38.61
N LYS A 261 -21.83 26.61 38.09
CA LYS A 261 -22.87 27.62 38.31
C LYS A 261 -23.24 27.72 39.78
N GLU A 262 -23.47 26.58 40.44
CA GLU A 262 -23.91 26.52 41.83
C GLU A 262 -22.81 26.85 42.82
N GLN A 263 -21.65 27.32 42.36
CA GLN A 263 -20.56 27.66 43.26
C GLN A 263 -20.97 28.77 44.22
N MET A 264 -20.71 28.56 45.50
CA MET A 264 -21.11 29.54 46.51
C MET A 264 -20.31 30.84 46.31
N PRO A 265 -20.95 31.99 46.46
CA PRO A 265 -20.24 33.26 46.28
C PRO A 265 -19.60 33.73 47.58
N GLY A 266 -18.67 34.66 47.43
CA GLY A 266 -18.00 35.25 48.59
C GLY A 266 -17.33 34.24 49.50
N ASP A 267 -16.63 33.27 48.92
CA ASP A 267 -15.91 32.28 49.70
C ASP A 267 -14.46 32.24 49.26
N GLU A 268 -13.59 31.80 50.19
CA GLU A 268 -12.16 31.74 49.89
C GLU A 268 -11.86 30.74 48.78
N LYS A 269 -12.48 29.56 48.83
CA LYS A 269 -12.22 28.54 47.82
C LYS A 269 -12.89 28.85 46.49
N SER A 270 -13.98 29.60 46.51
CA SER A 270 -14.77 29.82 45.30
C SER A 270 -14.01 30.67 44.29
N LEU A 271 -14.29 30.40 43.02
CA LEU A 271 -13.74 31.21 41.93
C LEU A 271 -14.50 32.52 41.82
N THR A 272 -13.80 33.55 41.35
CA THR A 272 -14.38 34.87 41.16
C THR A 272 -14.03 35.38 39.78
N GLY A 273 -14.93 36.18 39.22
CA GLY A 273 -14.72 36.74 37.90
C GLY A 273 -15.68 36.23 36.86
N ALA A 274 -15.17 35.97 35.65
CA ALA A 274 -16.02 35.53 34.55
C ALA A 274 -16.63 34.15 34.78
N PHE A 275 -16.04 33.35 35.65
CA PHE A 275 -16.51 31.98 35.89
C PHE A 275 -17.42 31.89 37.10
N ALA A 276 -18.16 32.95 37.39
CA ALA A 276 -19.07 32.97 38.54
C ALA A 276 -20.34 32.21 38.21
N GLY A 277 -21.37 32.34 39.05
CA GLY A 277 -22.61 31.65 38.84
C GLY A 277 -23.62 32.44 38.03
N ASP A 278 -24.60 31.71 37.50
CA ASP A 278 -25.75 32.21 36.74
C ASP A 278 -25.36 32.76 35.37
N ASP A 279 -24.07 32.91 35.06
CA ASP A 279 -23.65 33.36 33.74
C ASP A 279 -22.46 32.56 33.23
N VAL A 280 -22.15 31.42 33.85
CA VAL A 280 -20.98 30.64 33.44
C VAL A 280 -21.20 30.03 32.06
N TRP A 281 -22.43 29.59 31.77
CA TRP A 281 -22.69 28.91 30.49
C TRP A 281 -22.49 29.83 29.30
N GLN A 282 -22.47 31.15 29.51
CA GLN A 282 -22.20 32.08 28.42
C GLN A 282 -20.72 32.25 28.14
N ASN A 283 -19.85 31.79 29.03
CA ASN A 283 -18.41 31.97 28.88
C ASN A 283 -17.69 30.71 28.42
N VAL A 284 -18.42 29.68 28.03
CA VAL A 284 -17.84 28.41 27.62
C VAL A 284 -18.35 28.06 26.23
N LEU A 285 -17.43 27.73 25.33
CA LEU A 285 -17.76 27.32 23.98
C LEU A 285 -17.14 25.95 23.73
N VAL A 286 -17.91 25.06 23.10
CA VAL A 286 -17.47 23.68 22.86
C VAL A 286 -17.37 23.47 21.36
N CYS A 287 -16.18 23.11 20.89
CA CYS A 287 -15.93 22.87 19.48
C CYS A 287 -15.79 21.36 19.26
N ILE A 288 -16.64 20.81 18.42
CA ILE A 288 -16.60 19.40 18.05
C ILE A 288 -16.07 19.32 16.64
N VAL A 289 -14.84 18.85 16.48
CA VAL A 289 -14.16 18.85 15.19
C VAL A 289 -14.14 17.43 14.68
N ALA A 290 -15.03 17.09 13.76
CA ALA A 290 -15.01 15.79 13.14
C ALA A 290 -13.86 15.69 12.14
N ASP A 291 -13.47 14.46 11.82
CA ASP A 291 -12.28 14.23 11.02
C ASP A 291 -12.56 13.95 9.56
N GLY A 292 -13.73 13.40 9.23
CA GLY A 292 -14.06 13.14 7.84
C GLY A 292 -15.49 12.73 7.65
N ARG A 293 -16.18 13.36 6.70
CA ARG A 293 -17.59 13.06 6.47
C ARG A 293 -17.79 11.65 5.94
N GLU A 294 -16.77 11.05 5.35
CA GLU A 294 -16.87 9.69 4.83
C GLU A 294 -16.71 8.62 5.90
N GLN A 295 -16.23 8.99 7.08
CA GLN A 295 -15.94 8.01 8.13
C GLN A 295 -16.82 8.15 9.37
N VAL A 296 -17.64 9.20 9.46
CA VAL A 296 -18.49 9.37 10.63
C VAL A 296 -19.52 8.25 10.69
N HIS A 297 -19.71 7.69 11.87
CA HIS A 297 -20.68 6.62 12.06
C HIS A 297 -22.08 7.16 11.77
N PRO A 298 -22.88 6.46 10.95
CA PRO A 298 -24.21 7.00 10.62
C PRO A 298 -25.10 7.26 11.82
N LYS A 299 -25.03 6.40 12.84
CA LYS A 299 -25.80 6.63 14.05
C LYS A 299 -25.35 7.91 14.76
N THR A 300 -24.06 8.23 14.69
CA THR A 300 -23.58 9.48 15.25
C THR A 300 -24.19 10.67 14.52
N LEU A 301 -24.27 10.60 13.19
CA LEU A 301 -24.91 11.67 12.43
C LEU A 301 -26.39 11.80 12.79
N ASP A 302 -27.07 10.66 12.96
CA ASP A 302 -28.48 10.70 13.36
C ASP A 302 -28.65 11.36 14.72
N TYR A 303 -27.77 11.00 15.68
CA TYR A 303 -27.86 11.60 17.00
C TYR A 303 -27.58 13.10 16.95
N LEU A 304 -26.60 13.51 16.14
CA LEU A 304 -26.33 14.94 16.00
C LEU A 304 -27.52 15.67 15.40
N GLU A 305 -28.17 15.05 14.40
CA GLU A 305 -29.36 15.65 13.82
C GLU A 305 -30.49 15.73 14.83
N ALA A 306 -30.54 14.79 15.77
CA ALA A 306 -31.58 14.82 16.79
C ALA A 306 -31.48 16.05 17.68
N ILE A 307 -30.26 16.43 18.06
CA ILE A 307 -30.05 17.54 18.99
C ILE A 307 -29.94 18.86 18.22
N GLY A 308 -30.20 18.81 16.93
CA GLY A 308 -30.18 20.02 16.12
C GLY A 308 -28.79 20.53 15.84
N LEU A 309 -27.94 19.67 15.26
CA LEU A 309 -26.58 20.07 14.92
C LEU A 309 -26.15 19.54 13.57
N TYR A 310 -27.06 18.97 12.78
CA TYR A 310 -26.72 18.44 11.47
C TYR A 310 -28.00 18.31 10.64
N ASP A 311 -27.86 18.54 9.33
CA ASP A 311 -28.97 18.40 8.40
C ASP A 311 -28.39 18.14 7.02
N GLU A 312 -28.75 17.01 6.42
CA GLU A 312 -28.09 16.58 5.20
C GLU A 312 -28.53 17.41 3.99
N ASP A 313 -29.81 17.77 3.93
CA ASP A 313 -30.31 18.52 2.77
C ASP A 313 -29.64 19.89 2.68
N LEU A 314 -29.51 20.58 3.81
CA LEU A 314 -28.88 21.90 3.81
C LEU A 314 -27.42 21.79 3.38
N LEU A 315 -26.70 20.79 3.88
CA LEU A 315 -25.31 20.59 3.49
C LEU A 315 -25.18 20.29 2.01
N THR A 316 -26.07 19.45 1.47
CA THR A 316 -26.00 19.09 0.07
C THR A 316 -26.30 20.28 -0.83
N ILE A 317 -27.30 21.08 -0.47
CA ILE A 317 -27.73 22.17 -1.35
C ILE A 317 -26.77 23.35 -1.27
N ASN A 318 -26.43 23.80 -0.06
CA ASN A 318 -25.68 25.04 0.08
C ASN A 318 -24.19 24.89 -0.20
N SER A 319 -23.67 23.67 -0.28
CA SER A 319 -22.26 23.43 -0.55
C SER A 319 -22.00 22.99 -1.98
N ALA A 320 -22.95 23.21 -2.88
CA ALA A 320 -22.84 22.66 -4.23
C ALA A 320 -21.69 23.31 -5.00
N GLY A 321 -21.64 24.64 -5.04
CA GLY A 321 -20.67 25.32 -5.87
C GLY A 321 -19.42 25.80 -5.18
N ILE A 322 -19.48 25.93 -3.85
CA ILE A 322 -18.38 26.54 -3.11
C ILE A 322 -17.14 25.65 -3.14
N GLY A 323 -17.32 24.33 -3.05
CA GLY A 323 -16.19 23.44 -2.93
C GLY A 323 -15.51 23.62 -1.59
N ALA A 324 -16.30 23.60 -0.52
CA ALA A 324 -15.82 23.94 0.81
C ALA A 324 -14.85 22.89 1.34
N GLN A 325 -13.87 23.37 2.13
CA GLN A 325 -12.97 22.48 2.83
C GLN A 325 -13.64 21.83 4.03
N CYS A 326 -14.43 22.59 4.78
CA CYS A 326 -15.18 22.05 5.91
C CYS A 326 -16.42 22.89 6.14
N HIS A 327 -17.46 22.25 6.67
CA HIS A 327 -18.74 22.89 6.92
C HIS A 327 -18.96 22.96 8.43
N LEU A 328 -19.37 24.14 8.91
CA LEU A 328 -19.55 24.32 10.36
C LEU A 328 -20.98 24.69 10.68
N PHE A 329 -21.57 23.96 11.62
CA PHE A 329 -22.88 24.22 12.19
C PHE A 329 -22.71 24.82 13.58
N GLU A 330 -23.64 25.70 13.95
CA GLU A 330 -23.58 26.39 15.22
C GLU A 330 -24.95 26.33 15.90
N HIS A 331 -24.95 26.03 17.20
CA HIS A 331 -26.20 25.95 17.93
C HIS A 331 -25.92 26.02 19.43
N THR A 332 -26.86 26.62 20.17
CA THR A 332 -26.81 26.63 21.63
C THR A 332 -27.71 25.50 22.13
N LEU A 333 -27.14 24.30 22.16
CA LEU A 333 -27.96 23.11 22.37
C LEU A 333 -28.43 22.99 23.81
N GLN A 334 -29.64 22.47 23.96
CA GLN A 334 -30.25 22.17 25.25
C GLN A 334 -30.43 20.67 25.35
N LEU A 335 -29.88 20.07 26.41
CA LEU A 335 -29.95 18.63 26.60
C LEU A 335 -30.76 18.31 27.85
N SER A 336 -31.56 17.25 27.77
CA SER A 336 -32.38 16.80 28.88
C SER A 336 -32.09 15.33 29.14
N VAL A 337 -31.80 15.00 30.40
CA VAL A 337 -31.54 13.62 30.81
C VAL A 337 -32.55 13.26 31.89
N ASN A 338 -33.42 12.30 31.58
CA ASN A 338 -34.47 11.82 32.48
C ASN A 338 -35.32 13.04 32.86
N GLY A 339 -35.60 13.28 34.14
CA GLY A 339 -36.36 14.44 34.56
C GLY A 339 -35.55 15.69 34.81
N LYS A 340 -34.24 15.66 34.56
CA LYS A 340 -33.38 16.81 34.79
C LYS A 340 -33.02 17.46 33.46
N CYS A 341 -33.07 18.78 33.44
CA CYS A 341 -32.73 19.57 32.27
C CYS A 341 -31.34 20.17 32.46
N LEU A 342 -30.40 19.77 31.62
CA LEU A 342 -29.03 20.27 31.71
C LEU A 342 -28.95 21.71 31.21
N LEU A 343 -27.89 22.39 31.60
CA LEU A 343 -27.70 23.77 31.19
C LEU A 343 -27.39 23.85 29.68
N PRO A 344 -27.74 24.96 29.04
CA PRO A 344 -27.43 25.10 27.61
C PRO A 344 -25.93 25.15 27.38
N ILE A 345 -25.52 24.60 26.22
CA ILE A 345 -24.12 24.55 25.85
C ILE A 345 -23.97 25.17 24.47
N GLN A 346 -23.12 26.19 24.35
CA GLN A 346 -22.81 26.77 23.05
C GLN A 346 -21.87 25.83 22.32
N THR A 347 -22.28 25.35 21.13
CA THR A 347 -21.56 24.30 20.43
C THR A 347 -21.37 24.68 18.97
N VAL A 348 -20.15 24.42 18.48
CA VAL A 348 -19.79 24.62 17.09
C VAL A 348 -19.27 23.28 16.58
N PHE A 349 -19.99 22.68 15.63
CA PHE A 349 -19.62 21.39 15.06
C PHE A 349 -19.01 21.64 13.68
N ALA A 350 -17.72 21.40 13.55
CA ALA A 350 -16.99 21.60 12.31
C ALA A 350 -16.69 20.23 11.71
N LEU A 351 -17.30 19.93 10.57
CA LEU A 351 -17.14 18.67 9.88
C LEU A 351 -16.26 18.88 8.66
N LYS A 352 -15.14 18.17 8.60
CA LYS A 352 -14.19 18.32 7.51
C LYS A 352 -14.52 17.36 6.38
N GLU A 353 -14.35 17.83 5.15
CA GLU A 353 -14.73 17.03 3.99
C GLU A 353 -13.82 15.81 3.82
N ASN A 354 -12.51 16.02 3.89
CA ASN A 354 -11.53 14.97 3.67
C ASN A 354 -10.90 14.55 4.99
N LYS A 355 -10.44 13.29 5.03
CA LYS A 355 -9.79 12.78 6.22
C LYS A 355 -8.40 13.40 6.38
N ALA A 356 -8.02 13.64 7.63
CA ALA A 356 -6.69 14.13 7.96
C ALA A 356 -6.35 13.65 9.37
N SER A 357 -5.17 14.05 9.85
CA SER A 357 -4.75 13.64 11.17
C SER A 357 -5.44 14.47 12.25
N LYS A 358 -5.39 13.97 13.48
CA LYS A 358 -5.90 14.72 14.62
C LYS A 358 -5.16 16.04 14.78
N LEU A 359 -3.88 16.06 14.43
CA LEU A 359 -3.12 17.30 14.47
C LEU A 359 -3.73 18.34 13.53
N ASP A 360 -4.34 17.90 12.42
CA ASP A 360 -5.04 18.84 11.54
C ASP A 360 -6.28 19.40 12.21
N SER A 361 -7.00 18.58 12.97
CA SER A 361 -8.15 19.09 13.71
C SER A 361 -7.71 20.13 14.73
N HIS A 362 -6.61 19.87 15.43
CA HIS A 362 -6.08 20.86 16.36
C HIS A 362 -5.61 22.11 15.63
N HIS A 363 -5.06 21.95 14.43
CA HIS A 363 -4.68 23.10 13.61
C HIS A 363 -5.89 23.99 13.35
N TRP A 364 -6.98 23.39 12.87
CA TRP A 364 -8.17 24.18 12.58
C TRP A 364 -8.69 24.84 13.85
N TYR A 365 -8.86 24.06 14.92
CA TYR A 365 -9.38 24.59 16.17
C TYR A 365 -8.52 25.75 16.66
N PHE A 366 -7.26 25.47 17.00
CA PHE A 366 -6.38 26.51 17.53
C PHE A 366 -6.37 27.72 16.62
N ASN A 367 -5.86 27.57 15.39
CA ASN A 367 -5.66 28.75 14.54
C ASN A 367 -6.97 29.51 14.37
N ALA A 368 -7.96 28.92 13.69
CA ALA A 368 -9.13 29.70 13.35
C ALA A 368 -9.87 30.19 14.59
N PHE A 369 -10.30 29.28 15.45
CA PHE A 369 -11.23 29.69 16.49
C PHE A 369 -10.52 30.45 17.60
N ALA A 370 -9.32 30.04 18.00
CA ALA A 370 -8.62 30.79 19.04
C ALA A 370 -8.22 32.17 18.53
N GLU A 371 -7.71 32.28 17.30
CA GLU A 371 -7.30 33.59 16.80
C GLU A 371 -8.50 34.53 16.69
N GLN A 372 -9.68 34.00 16.32
CA GLN A 372 -10.83 34.88 16.24
C GLN A 372 -11.35 35.24 17.63
N ILE A 373 -11.69 34.24 18.45
CA ILE A 373 -12.33 34.50 19.73
C ILE A 373 -11.36 35.15 20.71
N GLN A 374 -10.10 34.72 20.70
CA GLN A 374 -9.07 35.17 21.64
C GLN A 374 -9.48 34.82 23.07
N PRO A 375 -9.50 33.55 23.44
CA PRO A 375 -9.93 33.15 24.78
C PRO A 375 -8.82 33.37 25.79
N GLU A 376 -9.09 32.94 27.02
CA GLU A 376 -8.09 32.96 28.09
C GLU A 376 -7.49 31.59 28.35
N TYR A 377 -8.34 30.56 28.42
CA TYR A 377 -7.90 29.19 28.61
C TYR A 377 -8.39 28.33 27.45
N THR A 378 -7.64 27.27 27.15
CA THR A 378 -7.95 26.38 26.05
C THR A 378 -7.76 24.95 26.52
N ALA A 379 -8.86 24.19 26.59
CA ALA A 379 -8.83 22.82 27.09
C ALA A 379 -8.99 21.85 25.93
N VAL A 380 -8.26 20.74 25.99
CA VAL A 380 -8.27 19.73 24.94
C VAL A 380 -8.58 18.38 25.56
N MET A 381 -9.53 17.66 24.94
CA MET A 381 -9.91 16.32 25.38
C MET A 381 -10.34 15.53 24.15
N ASP A 382 -10.41 14.21 24.32
CA ASP A 382 -10.91 13.34 23.27
C ASP A 382 -12.41 13.14 23.45
N VAL A 383 -12.99 12.21 22.70
CA VAL A 383 -14.40 11.88 22.79
C VAL A 383 -14.53 10.61 23.63
N GLY A 384 -15.48 10.62 24.57
CA GLY A 384 -15.65 9.54 25.50
C GLY A 384 -15.04 9.79 26.85
N THR A 385 -14.18 10.79 26.98
CA THR A 385 -13.60 11.16 28.27
C THR A 385 -14.69 11.73 29.16
N MET A 386 -15.03 10.99 30.22
CA MET A 386 -16.10 11.39 31.13
C MET A 386 -15.48 12.04 32.36
N LEU A 387 -15.74 13.32 32.54
CA LEU A 387 -15.16 14.07 33.64
C LEU A 387 -16.03 13.98 34.89
N THR A 388 -15.40 14.12 36.05
CA THR A 388 -16.13 14.22 37.29
C THR A 388 -16.73 15.62 37.43
N LYS A 389 -17.50 15.83 38.49
CA LYS A 389 -18.21 17.09 38.67
C LYS A 389 -17.30 18.25 39.07
N SER A 390 -16.03 17.99 39.39
CA SER A 390 -15.15 19.02 39.91
C SER A 390 -13.88 19.21 39.11
N ALA A 391 -13.78 18.62 37.91
CA ALA A 391 -12.54 18.72 37.14
C ALA A 391 -12.29 20.14 36.68
N LEU A 392 -13.30 20.78 36.07
CA LEU A 392 -13.13 22.14 35.57
C LEU A 392 -12.85 23.10 36.71
N TYR A 393 -13.52 22.92 37.85
CA TYR A 393 -13.30 23.80 38.98
C TYR A 393 -11.86 23.74 39.46
N HIS A 394 -11.32 22.52 39.58
CA HIS A 394 -9.94 22.38 40.05
C HIS A 394 -8.95 22.95 39.05
N LEU A 395 -9.16 22.67 37.75
CA LEU A 395 -8.26 23.22 36.74
C LEU A 395 -8.24 24.73 36.77
N LEU A 396 -9.43 25.35 36.77
CA LEU A 396 -9.50 26.81 36.78
C LEU A 396 -8.94 27.38 38.07
N PHE A 397 -9.16 26.70 39.19
CA PHE A 397 -8.63 27.18 40.46
C PHE A 397 -7.12 27.19 40.45
N ALA A 398 -6.50 26.12 39.94
CA ALA A 398 -5.05 26.09 39.84
C ALA A 398 -4.54 27.20 38.93
N PHE A 399 -5.18 27.35 37.76
CA PHE A 399 -4.73 28.36 36.79
C PHE A 399 -4.83 29.77 37.38
N GLU A 400 -5.91 30.06 38.10
CA GLU A 400 -6.11 31.40 38.63
C GLU A 400 -5.19 31.67 39.82
N ARG A 401 -5.01 30.69 40.69
CA ARG A 401 -4.23 30.93 41.91
C ARG A 401 -2.73 30.99 41.61
N ASN A 402 -2.22 30.09 40.79
CA ASN A 402 -0.76 30.01 40.65
C ASN A 402 -0.20 31.13 39.79
N HIS A 403 -0.77 31.34 38.60
CA HIS A 403 -0.41 32.42 37.68
C HIS A 403 0.95 32.21 37.04
N GLN A 404 1.67 31.17 37.43
CA GLN A 404 2.90 30.79 36.75
C GLN A 404 2.71 29.58 35.86
N ILE A 405 1.50 29.01 35.83
CA ILE A 405 1.24 27.77 35.13
C ILE A 405 0.90 28.09 33.68
N GLY A 406 1.66 27.51 32.76
CA GLY A 406 1.38 27.66 31.35
C GLY A 406 0.62 26.47 30.79
N GLY A 407 0.49 25.41 31.58
CA GLY A 407 -0.23 24.24 31.17
C GLY A 407 -0.50 23.28 32.31
N ALA A 408 -1.59 22.53 32.24
CA ALA A 408 -1.95 21.60 33.30
C ALA A 408 -2.56 20.36 32.68
N CYS A 409 -2.49 19.26 33.41
CA CYS A 409 -3.09 18.00 32.98
C CYS A 409 -3.74 17.31 34.17
N GLY A 410 -4.92 16.73 33.93
CA GLY A 410 -5.64 16.04 34.97
C GLY A 410 -5.29 14.57 35.05
N GLN A 411 -5.89 13.90 36.04
CA GLN A 411 -5.67 12.48 36.24
C GLN A 411 -6.51 11.67 35.26
N LEU A 412 -5.90 10.63 34.71
CA LEU A 412 -6.56 9.73 33.77
C LEU A 412 -6.84 8.41 34.48
N THR A 413 -8.07 7.92 34.35
CA THR A 413 -8.52 6.74 35.08
C THR A 413 -9.29 5.83 34.12
N VAL A 414 -9.52 4.60 34.56
CA VAL A 414 -10.28 3.61 33.82
C VAL A 414 -11.69 3.57 34.39
N ASP A 415 -12.70 3.65 33.52
CA ASP A 415 -14.08 3.62 33.96
C ASP A 415 -14.47 2.21 34.40
N ASN A 416 -15.12 2.11 35.56
CA ASN A 416 -15.55 0.86 36.17
C ASN A 416 -14.39 -0.11 36.32
N PRO A 417 -13.41 0.18 37.18
CA PRO A 417 -12.31 -0.79 37.36
C PRO A 417 -12.71 -2.00 38.17
N PHE A 418 -13.46 -1.80 39.27
CA PHE A 418 -13.82 -2.92 40.13
C PHE A 418 -14.73 -3.90 39.41
N GLU A 419 -15.69 -3.41 38.63
CA GLU A 419 -16.49 -4.28 37.79
C GLU A 419 -15.61 -4.93 36.73
N ASN A 420 -16.03 -6.11 36.28
CA ASN A 420 -15.27 -6.89 35.30
C ASN A 420 -13.85 -7.17 35.81
N LEU A 421 -13.74 -7.48 37.11
CA LEU A 421 -12.44 -7.76 37.70
C LEU A 421 -11.86 -9.08 37.19
N SER A 422 -12.69 -9.94 36.60
CA SER A 422 -12.19 -11.19 36.04
C SER A 422 -11.28 -10.96 34.83
N ASN A 423 -11.40 -9.82 34.17
CA ASN A 423 -10.57 -9.53 33.00
C ASN A 423 -9.20 -9.04 33.46
N TRP A 424 -8.15 -9.70 33.00
CA TRP A 424 -6.80 -9.37 33.46
C TRP A 424 -6.28 -8.11 32.80
N VAL A 425 -6.61 -7.87 31.53
CA VAL A 425 -6.08 -6.72 30.81
C VAL A 425 -6.58 -5.42 31.45
N ILE A 426 -7.87 -5.36 31.79
CA ILE A 426 -8.42 -4.14 32.37
C ILE A 426 -7.78 -3.84 33.72
N SER A 427 -7.61 -4.86 34.55
CA SER A 427 -6.98 -4.64 35.86
C SER A 427 -5.52 -4.24 35.71
N ALA A 428 -4.80 -4.85 34.76
CA ALA A 428 -3.42 -4.46 34.52
C ALA A 428 -3.33 -3.00 34.09
N GLN A 429 -4.23 -2.59 33.19
CA GLN A 429 -4.22 -1.20 32.74
C GLN A 429 -4.58 -0.24 33.87
N HIS A 430 -5.51 -0.64 34.74
CA HIS A 430 -5.87 0.20 35.88
C HIS A 430 -4.67 0.40 36.81
N PHE A 431 -3.96 -0.70 37.11
CA PHE A 431 -2.78 -0.59 37.96
C PHE A 431 -1.71 0.28 37.30
N GLU A 432 -1.50 0.09 36.00
CA GLU A 432 -0.50 0.89 35.29
C GLU A 432 -0.85 2.37 35.33
N TYR A 433 -2.11 2.71 35.09
CA TYR A 433 -2.52 4.11 35.12
C TYR A 433 -2.32 4.72 36.50
N LYS A 434 -2.73 4.01 37.54
CA LYS A 434 -2.60 4.56 38.89
C LYS A 434 -1.14 4.77 39.25
N ILE A 435 -0.30 3.77 39.02
CA ILE A 435 1.11 3.89 39.39
C ILE A 435 1.80 4.97 38.57
N SER A 436 1.53 5.01 37.26
CA SER A 436 2.15 6.03 36.42
C SER A 436 1.75 7.41 36.90
N ASN A 437 0.45 7.65 37.08
CA ASN A 437 -0.01 8.95 37.54
C ASN A 437 0.71 9.32 38.83
N ILE A 438 0.53 8.52 39.88
CA ILE A 438 1.09 8.88 41.18
C ILE A 438 2.59 9.15 41.07
N LEU A 439 3.37 8.10 40.80
CA LEU A 439 4.82 8.23 40.90
C LEU A 439 5.35 9.23 39.86
N ASP A 440 5.15 8.93 38.58
CA ASP A 440 5.82 9.72 37.55
C ASP A 440 5.26 11.14 37.49
N LYS A 441 3.94 11.29 37.51
CA LYS A 441 3.37 12.63 37.41
C LYS A 441 3.76 13.48 38.60
N SER A 442 3.74 12.93 39.82
CA SER A 442 4.13 13.72 40.98
C SER A 442 5.60 14.12 40.89
N LEU A 443 6.47 13.17 40.54
CA LEU A 443 7.89 13.48 40.47
C LEU A 443 8.17 14.55 39.43
N GLU A 444 7.54 14.45 38.26
CA GLU A 444 7.78 15.44 37.21
C GLU A 444 7.16 16.78 37.56
N SER A 445 5.99 16.77 38.22
CA SER A 445 5.32 18.03 38.55
C SER A 445 6.01 18.77 39.68
N CYS A 446 6.81 18.08 40.50
CA CYS A 446 7.58 18.80 41.52
C CYS A 446 8.54 19.79 40.88
N PHE A 447 9.18 19.40 39.78
CA PHE A 447 10.13 20.27 39.07
C PHE A 447 9.46 21.20 38.08
N GLY A 448 8.14 21.12 37.91
CA GLY A 448 7.46 21.94 36.93
C GLY A 448 7.74 21.61 35.49
N PHE A 449 7.80 20.33 35.14
CA PHE A 449 7.94 19.89 33.76
C PHE A 449 7.28 18.53 33.63
N ILE A 450 6.26 18.43 32.77
CA ILE A 450 5.43 17.24 32.69
C ILE A 450 5.41 16.73 31.26
N SER A 451 5.54 15.41 31.10
CA SER A 451 5.31 14.74 29.83
C SER A 451 3.89 14.20 29.85
N VAL A 452 3.00 14.80 29.06
CA VAL A 452 1.58 14.50 29.14
C VAL A 452 1.32 13.12 28.53
N LEU A 453 0.54 12.31 29.23
CA LEU A 453 0.12 11.03 28.68
C LEU A 453 -0.78 11.25 27.46
N PRO A 454 -0.57 10.50 26.38
CA PRO A 454 -1.45 10.65 25.21
C PRO A 454 -2.89 10.28 25.56
N GLY A 455 -3.82 11.02 24.96
CA GLY A 455 -5.23 10.81 25.21
C GLY A 455 -5.76 11.45 26.48
N ALA A 456 -4.91 12.14 27.24
CA ALA A 456 -5.35 12.73 28.49
C ALA A 456 -6.16 14.00 28.24
N PHE A 457 -6.79 14.48 29.30
CA PHE A 457 -7.55 15.72 29.27
C PHE A 457 -6.67 16.83 29.81
N SER A 458 -6.22 17.73 28.93
CA SER A 458 -5.23 18.72 29.30
C SER A 458 -5.79 20.12 29.07
N ALA A 459 -5.07 21.12 29.58
CA ALA A 459 -5.48 22.50 29.40
C ALA A 459 -4.26 23.38 29.34
N TYR A 460 -4.39 24.51 28.63
CA TYR A 460 -3.36 25.53 28.57
C TYR A 460 -4.05 26.88 28.71
N ARG A 461 -3.26 27.94 28.76
CA ARG A 461 -3.78 29.30 28.66
C ARG A 461 -3.31 29.89 27.34
N TYR A 462 -4.22 30.55 26.62
CA TYR A 462 -3.86 31.04 25.29
C TYR A 462 -3.05 32.32 25.42
N GLU A 463 -2.03 32.29 26.25
CA GLU A 463 -1.02 33.34 26.33
C GLU A 463 0.40 32.80 26.30
N ALA A 464 0.64 31.56 26.73
CA ALA A 464 1.95 30.94 26.63
C ALA A 464 2.14 30.14 25.35
N ILE A 465 1.06 29.83 24.64
CA ILE A 465 1.13 29.09 23.39
C ILE A 465 0.77 29.99 22.20
N ARG A 466 0.87 31.31 22.39
CA ARG A 466 0.41 32.23 21.36
C ARG A 466 1.24 32.12 20.09
N GLY A 467 2.57 32.08 20.22
CA GLY A 467 3.43 32.19 19.06
C GLY A 467 4.25 30.98 18.70
N ALA A 468 5.52 30.99 19.09
CA ALA A 468 6.45 29.93 18.69
C ALA A 468 6.02 28.52 19.09
N PRO A 469 5.47 28.27 20.29
CA PRO A 469 5.08 26.88 20.61
C PRO A 469 4.12 26.27 19.60
N LEU A 470 3.15 27.03 19.11
CA LEU A 470 2.22 26.48 18.12
C LEU A 470 2.90 26.27 16.77
N ASP A 471 3.87 27.13 16.42
CA ASP A 471 4.62 26.90 15.20
C ASP A 471 5.40 25.60 15.28
N ALA A 472 6.03 25.34 16.42
CA ALA A 472 6.71 24.06 16.61
C ALA A 472 5.71 22.90 16.60
N TYR A 473 4.52 23.13 17.14
CA TYR A 473 3.49 22.10 17.15
C TYR A 473 3.06 21.71 15.74
N PHE A 474 2.89 22.71 14.86
CA PHE A 474 2.32 22.50 13.52
C PHE A 474 3.37 22.46 12.42
N GLN A 475 4.66 22.43 12.77
CA GLN A 475 5.71 22.32 11.77
C GLN A 475 5.50 21.12 10.85
N THR A 476 4.98 20.01 11.39
CA THR A 476 4.75 18.83 10.55
C THR A 476 3.71 19.10 9.48
N LEU A 477 2.63 19.81 9.83
CA LEU A 477 1.61 20.15 8.84
C LEU A 477 2.13 21.20 7.85
N ASN A 478 3.00 22.10 8.31
CA ASN A 478 3.49 23.16 7.43
C ASN A 478 4.42 22.61 6.35
N ILE A 479 5.29 21.67 6.71
CA ILE A 479 6.32 21.14 5.82
C ILE A 479 6.09 19.65 5.63
N GLU A 480 6.12 19.19 4.37
CA GLU A 480 5.90 17.79 4.08
C GLU A 480 7.03 16.94 4.66
N LEU A 481 6.73 15.67 4.91
CA LEU A 481 7.65 14.77 5.60
C LEU A 481 8.93 14.54 4.83
N ASP A 482 8.92 14.71 3.51
CA ASP A 482 10.11 14.42 2.71
C ASP A 482 11.28 15.31 3.12
N VAL A 483 11.02 16.59 3.36
CA VAL A 483 12.09 17.48 3.79
C VAL A 483 12.53 17.17 5.22
N LEU A 484 11.57 16.94 6.11
CA LEU A 484 11.91 16.70 7.52
C LEU A 484 12.65 15.38 7.70
N GLY A 485 12.12 14.30 7.14
CA GLY A 485 12.70 12.99 7.31
C GLY A 485 11.83 12.09 8.17
N PRO A 486 12.36 10.93 8.55
CA PRO A 486 11.58 10.00 9.37
C PRO A 486 11.63 10.31 10.86
N PHE A 487 12.76 10.86 11.32
CA PHE A 487 12.90 11.16 12.74
C PHE A 487 11.87 12.19 13.18
N ILE A 488 11.70 13.25 12.39
CA ILE A 488 10.77 14.31 12.76
C ILE A 488 9.33 13.80 12.73
N GLY A 489 8.98 12.99 11.72
CA GLY A 489 7.64 12.45 11.67
C GLY A 489 7.34 11.54 12.85
N ASN A 490 8.27 10.67 13.20
CA ASN A 490 8.08 9.81 14.36
C ASN A 490 8.00 10.62 15.64
N MET A 491 8.79 11.69 15.74
CA MET A 491 8.73 12.56 16.91
C MET A 491 7.36 13.21 17.04
N TYR A 492 6.82 13.72 15.93
CA TYR A 492 5.55 14.41 15.97
C TYR A 492 4.35 13.47 15.92
N LEU A 493 4.59 12.16 15.81
CA LEU A 493 3.51 11.20 15.97
C LEU A 493 2.78 11.40 17.29
N ALA A 494 3.48 11.82 18.33
CA ALA A 494 2.88 12.29 19.58
C ALA A 494 3.52 13.64 19.88
N ALA A 495 2.86 14.72 19.43
CA ALA A 495 3.42 16.05 19.47
C ALA A 495 2.93 16.88 20.66
N ASP A 496 2.21 16.27 21.59
CA ASP A 496 1.81 17.00 22.79
C ASP A 496 3.02 17.32 23.67
N ARG A 497 3.96 16.37 23.77
CA ARG A 497 5.17 16.61 24.53
C ARG A 497 6.01 17.72 23.91
N ILE A 498 5.98 17.84 22.59
CA ILE A 498 6.68 18.94 21.93
C ILE A 498 6.09 20.27 22.38
N LEU A 499 4.77 20.36 22.42
CA LEU A 499 4.13 21.59 22.88
C LEU A 499 4.45 21.87 24.33
N SER A 500 4.45 20.84 25.18
CA SER A 500 4.79 21.03 26.59
C SER A 500 6.22 21.57 26.75
N PHE A 501 7.17 20.96 26.04
CA PHE A 501 8.55 21.42 26.15
C PHE A 501 8.70 22.84 25.63
N GLU A 502 8.02 23.17 24.53
CA GLU A 502 8.11 24.52 23.99
C GLU A 502 7.51 25.53 24.97
N VAL A 503 6.45 25.15 25.68
CA VAL A 503 5.88 26.03 26.69
C VAL A 503 6.88 26.26 27.82
N VAL A 504 7.53 25.20 28.28
CA VAL A 504 8.44 25.34 29.42
C VAL A 504 9.68 26.14 29.00
N ALA A 505 10.22 25.85 27.82
CA ALA A 505 11.47 26.47 27.36
C ALA A 505 11.23 27.63 26.40
N ARG A 506 10.16 28.39 26.60
CA ARG A 506 9.87 29.50 25.71
C ARG A 506 10.83 30.66 25.94
N LYS A 507 11.24 31.30 24.85
CA LYS A 507 12.21 32.38 24.93
C LYS A 507 11.62 33.61 25.61
N ASN A 508 12.42 34.20 26.51
CA ASN A 508 12.07 35.43 27.22
C ASN A 508 10.85 35.27 28.12
N CYS A 509 10.44 34.04 28.41
CA CYS A 509 9.32 33.79 29.29
C CYS A 509 9.63 32.61 30.19
N ASN A 510 9.02 32.59 31.37
CA ASN A 510 9.20 31.52 32.35
C ASN A 510 7.85 30.89 32.66
N TRP A 511 7.45 29.92 31.85
CA TRP A 511 6.20 29.20 32.03
C TRP A 511 6.51 27.78 32.51
N THR A 512 5.81 27.35 33.56
CA THR A 512 5.95 26.01 34.08
C THR A 512 4.61 25.28 33.94
N MET A 513 4.65 23.97 34.17
CA MET A 513 3.47 23.13 34.08
C MET A 513 3.11 22.59 35.45
N HIS A 514 1.93 21.97 35.54
CA HIS A 514 1.42 21.51 36.82
C HIS A 514 0.52 20.31 36.59
N TYR A 515 0.38 19.50 37.63
CA TYR A 515 -0.45 18.30 37.61
C TYR A 515 -1.49 18.41 38.71
N VAL A 516 -2.76 18.29 38.36
CA VAL A 516 -3.86 18.40 39.30
C VAL A 516 -4.38 17.00 39.58
N LYS A 517 -4.35 16.60 40.85
CA LYS A 517 -4.73 15.24 41.21
C LYS A 517 -6.24 15.04 41.20
N ASP A 518 -7.00 16.10 41.41
CA ASP A 518 -8.45 16.00 41.59
C ASP A 518 -9.24 16.14 40.30
N ALA A 519 -8.58 16.41 39.17
CA ALA A 519 -9.25 16.50 37.87
C ALA A 519 -9.29 15.11 37.25
N VAL A 520 -10.26 14.32 37.70
CA VAL A 520 -10.37 12.91 37.32
C VAL A 520 -11.15 12.81 36.02
N ALA A 521 -10.56 12.13 35.04
CA ALA A 521 -11.21 11.88 33.75
C ALA A 521 -11.14 10.39 33.46
N ARG A 522 -12.30 9.77 33.26
CA ARG A 522 -12.39 8.32 33.13
C ARG A 522 -12.60 7.95 31.67
N THR A 523 -11.72 7.13 31.13
CA THR A 523 -11.81 6.67 29.75
C THR A 523 -12.32 5.23 29.70
N ASP A 524 -12.33 4.64 28.51
CA ASP A 524 -12.80 3.28 28.28
C ASP A 524 -11.69 2.52 27.54
N VAL A 525 -10.85 1.82 28.30
CA VAL A 525 -9.68 1.15 27.78
C VAL A 525 -10.08 -0.09 26.98
N PRO A 526 -9.25 -0.54 26.03
CA PRO A 526 -9.59 -1.76 25.29
C PRO A 526 -9.59 -3.00 26.17
N HIS A 527 -10.44 -3.94 25.81
CA HIS A 527 -10.64 -5.17 26.58
C HIS A 527 -9.85 -6.35 26.02
N ASP A 528 -9.10 -6.17 24.94
CA ASP A 528 -8.38 -7.25 24.30
C ASP A 528 -6.90 -6.91 24.17
N LEU A 529 -6.09 -7.94 23.97
CA LEU A 529 -4.65 -7.74 23.88
C LEU A 529 -4.25 -7.03 22.60
N VAL A 530 -4.98 -7.24 21.50
CA VAL A 530 -4.54 -6.72 20.20
C VAL A 530 -4.75 -5.21 20.12
N GLY A 531 -5.91 -4.72 20.55
CA GLY A 531 -6.12 -3.28 20.59
C GLY A 531 -5.15 -2.60 21.52
N LEU A 532 -4.86 -3.23 22.66
CA LEU A 532 -3.83 -2.71 23.56
C LEU A 532 -2.48 -2.67 22.87
N ILE A 533 -2.17 -3.68 22.06
CA ILE A 533 -0.89 -3.71 21.35
C ILE A 533 -0.78 -2.53 20.40
N SER A 534 -1.83 -2.27 19.62
CA SER A 534 -1.78 -1.16 18.66
C SER A 534 -1.69 0.19 19.37
N GLN A 535 -2.55 0.39 20.38
CA GLN A 535 -2.53 1.64 21.14
C GLN A 535 -1.15 1.89 21.75
N ARG A 536 -0.58 0.85 22.37
CA ARG A 536 0.74 1.00 22.97
C ARG A 536 1.81 1.19 21.93
N LYS A 537 1.63 0.66 20.71
CA LYS A 537 2.58 0.94 19.65
C LYS A 537 2.67 2.43 19.39
N ARG A 538 1.52 3.07 19.18
CA ARG A 538 1.53 4.51 18.93
C ARG A 538 2.13 5.26 20.12
N TRP A 539 1.70 4.88 21.33
CA TRP A 539 2.19 5.57 22.54
C TRP A 539 3.70 5.47 22.66
N LEU A 540 4.24 4.26 22.46
CA LEU A 540 5.67 4.04 22.68
C LEU A 540 6.51 4.76 21.64
N ASN A 541 6.10 4.71 20.37
CA ASN A 541 6.85 5.44 19.35
C ASN A 541 6.91 6.92 19.66
N GLY A 542 5.74 7.51 19.93
CA GLY A 542 5.70 8.93 20.22
C GLY A 542 6.53 9.30 21.44
N ALA A 543 6.39 8.52 22.52
CA ALA A 543 7.10 8.83 23.75
C ALA A 543 8.60 8.73 23.57
N PHE A 544 9.06 7.66 22.91
CA PHE A 544 10.50 7.47 22.73
C PHE A 544 11.12 8.61 21.94
N PHE A 545 10.50 8.98 20.81
CA PHE A 545 11.14 10.01 20.01
C PHE A 545 10.98 11.41 20.61
N ALA A 546 9.88 11.67 21.31
CA ALA A 546 9.76 12.93 22.04
C ALA A 546 10.81 13.03 23.13
N THR A 547 11.08 11.92 23.82
CA THR A 547 12.12 11.92 24.85
C THR A 547 13.49 12.20 24.24
N LEU A 548 13.79 11.59 23.09
CA LEU A 548 15.06 11.88 22.44
C LEU A 548 15.17 13.36 22.07
N PHE A 549 14.09 13.93 21.53
CA PHE A 549 14.10 15.35 21.18
C PHE A 549 14.34 16.22 22.41
N SER A 550 13.65 15.92 23.52
CA SER A 550 13.82 16.69 24.74
C SER A 550 15.25 16.59 25.26
N ILE A 551 15.82 15.39 25.23
CA ILE A 551 17.19 15.21 25.70
C ILE A 551 18.15 16.04 24.86
N TRP A 552 17.96 16.04 23.54
CA TRP A 552 18.89 16.79 22.69
C TRP A 552 18.72 18.30 22.87
N ASN A 553 17.50 18.78 23.06
CA ASN A 553 17.24 20.21 23.09
C ASN A 553 17.09 20.79 24.50
N TRP A 554 17.46 20.02 25.53
CA TRP A 554 17.35 20.53 26.90
C TRP A 554 18.13 21.82 27.12
N GLY A 555 19.18 22.06 26.34
CA GLY A 555 20.00 23.24 26.56
C GLY A 555 19.30 24.57 26.34
N ARG A 556 18.20 24.55 25.59
CA ARG A 556 17.47 25.78 25.31
C ARG A 556 16.91 26.43 26.57
N ILE A 557 16.68 25.65 27.62
CA ILE A 557 16.18 26.20 28.87
C ILE A 557 17.18 27.19 29.46
N TYR A 558 18.46 26.84 29.44
CA TYR A 558 19.48 27.74 29.96
C TYR A 558 19.87 28.80 28.94
N SER A 559 19.97 28.42 27.66
CA SER A 559 20.49 29.36 26.67
C SER A 559 19.48 30.46 26.33
N GLU A 560 18.20 30.11 26.25
CA GLU A 560 17.19 31.04 25.75
C GLU A 560 16.18 31.48 26.79
N SER A 561 15.65 30.57 27.60
CA SER A 561 14.63 30.92 28.56
C SER A 561 15.20 31.81 29.67
N LYS A 562 14.29 32.38 30.47
CA LYS A 562 14.67 33.23 31.60
C LYS A 562 13.91 32.74 32.84
N HIS A 563 14.47 31.74 33.51
CA HIS A 563 13.94 31.21 34.75
C HIS A 563 14.75 31.74 35.93
N THR A 564 14.33 31.35 37.14
CA THR A 564 15.14 31.60 38.31
C THR A 564 16.31 30.62 38.34
N PHE A 565 17.37 31.02 39.04
CA PHE A 565 18.56 30.17 39.14
C PHE A 565 18.22 28.85 39.82
N VAL A 566 17.39 28.90 40.86
CA VAL A 566 16.95 27.69 41.55
C VAL A 566 16.22 26.76 40.57
N ARG A 567 15.37 27.33 39.72
CA ARG A 567 14.66 26.53 38.74
C ARG A 567 15.63 25.86 37.77
N LYS A 568 16.67 26.58 37.35
CA LYS A 568 17.64 25.99 36.43
C LYS A 568 18.41 24.85 37.11
N MET A 569 18.77 25.01 38.38
CA MET A 569 19.45 23.92 39.08
C MET A 569 18.54 22.70 39.22
N ALA A 570 17.26 22.93 39.56
CA ALA A 570 16.31 21.83 39.65
C ALA A 570 16.15 21.13 38.31
N PHE A 571 16.11 21.91 37.22
CA PHE A 571 16.02 21.32 35.89
C PHE A 571 17.25 20.48 35.58
N LEU A 572 18.43 20.93 36.01
CA LEU A 572 19.65 20.15 35.78
C LEU A 572 19.60 18.82 36.53
N VAL A 573 19.14 18.85 37.78
CA VAL A 573 19.01 17.61 38.55
C VAL A 573 18.02 16.66 37.88
N PHE A 574 16.87 17.20 37.45
CA PHE A 574 15.89 16.37 36.77
C PHE A 574 16.43 15.85 35.45
N TYR A 575 17.30 16.61 34.78
CA TYR A 575 17.89 16.16 33.54
C TYR A 575 18.79 14.95 33.78
N VAL A 576 19.61 15.00 34.84
CA VAL A 576 20.45 13.85 35.16
C VAL A 576 19.58 12.63 35.46
N TYR A 577 18.53 12.82 36.25
CA TYR A 577 17.63 11.70 36.56
C TYR A 577 16.97 11.16 35.29
N HIS A 578 16.56 12.05 34.39
CA HIS A 578 15.91 11.63 33.16
C HIS A 578 16.86 10.82 32.30
N LEU A 579 18.12 11.25 32.19
CA LEU A 579 19.10 10.49 31.44
C LEU A 579 19.26 9.09 32.02
N LEU A 580 19.42 8.98 33.34
CA LEU A 580 19.60 7.67 33.95
C LEU A 580 18.37 6.79 33.73
N TYR A 581 17.18 7.35 33.91
CA TYR A 581 15.95 6.58 33.78
C TYR A 581 15.77 6.08 32.35
N THR A 582 16.01 6.94 31.36
CA THR A 582 15.89 6.52 29.96
C THR A 582 16.92 5.44 29.62
N ALA A 583 18.16 5.61 30.07
CA ALA A 583 19.18 4.61 29.79
C ALA A 583 18.81 3.27 30.41
N PHE A 584 18.29 3.26 31.63
CA PHE A 584 17.83 2.01 32.23
C PHE A 584 16.67 1.41 31.45
N GLY A 585 15.73 2.25 31.02
CA GLY A 585 14.57 1.75 30.29
C GLY A 585 14.93 1.13 28.95
N PHE A 586 15.98 1.65 28.30
CA PHE A 586 16.37 1.10 27.00
C PHE A 586 16.80 -0.36 27.11
N PHE A 587 17.51 -0.71 28.18
CA PHE A 587 18.01 -2.07 28.39
C PHE A 587 17.12 -2.89 29.32
N LEU A 588 15.80 -2.71 29.23
CA LEU A 588 14.89 -3.39 30.14
C LEU A 588 14.69 -4.87 29.81
N PRO A 589 14.49 -5.28 28.54
CA PRO A 589 14.31 -6.72 28.28
C PRO A 589 15.50 -7.57 28.67
N ALA A 590 16.71 -7.08 28.40
CA ALA A 590 17.90 -7.83 28.78
C ALA A 590 18.00 -7.98 30.30
N ASN A 591 17.72 -6.91 31.04
CA ASN A 591 17.77 -6.97 32.49
C ASN A 591 16.71 -7.92 33.03
N LEU A 592 15.51 -7.90 32.47
CA LEU A 592 14.46 -8.83 32.92
C LEU A 592 14.89 -10.26 32.69
N TYR A 593 15.42 -10.56 31.50
CA TYR A 593 15.87 -11.91 31.21
C TYR A 593 16.98 -12.34 32.16
N LEU A 594 17.96 -11.46 32.38
CA LEU A 594 19.08 -11.80 33.25
C LEU A 594 18.61 -12.04 34.68
N ALA A 595 17.73 -11.18 35.20
CA ALA A 595 17.26 -11.35 36.56
C ALA A 595 16.53 -12.67 36.72
N LEU A 596 15.58 -12.96 35.82
CA LEU A 596 14.84 -14.21 35.92
C LEU A 596 15.78 -15.41 35.83
N PHE A 597 16.64 -15.42 34.80
CA PHE A 597 17.54 -16.54 34.58
C PHE A 597 18.42 -16.77 35.79
N PHE A 598 19.21 -15.76 36.16
CA PHE A 598 20.08 -15.89 37.34
C PHE A 598 19.28 -16.40 38.52
N ILE A 599 18.38 -15.57 39.05
CA ILE A 599 17.73 -15.92 40.31
C ILE A 599 17.10 -17.31 40.23
N VAL A 600 16.05 -17.45 39.42
CA VAL A 600 15.27 -18.69 39.51
C VAL A 600 16.08 -19.88 39.00
N PHE A 601 16.59 -19.79 37.76
CA PHE A 601 17.07 -21.01 37.12
C PHE A 601 18.50 -21.37 37.54
N GLN A 602 19.33 -20.40 37.91
CA GLN A 602 20.60 -20.76 38.52
C GLN A 602 20.51 -20.84 40.03
N GLY A 603 19.32 -20.68 40.61
CA GLY A 603 19.11 -21.13 41.96
C GLY A 603 18.68 -22.58 41.96
N PHE A 604 17.92 -22.97 40.95
CA PHE A 604 17.53 -24.38 40.84
C PHE A 604 18.70 -25.25 40.41
N GLN A 605 19.47 -24.80 39.41
CA GLN A 605 20.56 -25.63 38.89
C GLN A 605 21.73 -25.70 39.86
N GLN A 606 22.14 -24.57 40.42
CA GLN A 606 23.31 -24.50 41.28
C GLN A 606 22.96 -24.50 42.77
N ASN A 607 21.73 -24.89 43.11
CA ASN A 607 21.31 -25.06 44.50
C ASN A 607 21.47 -23.76 45.28
N ARG A 608 20.74 -22.74 44.85
CA ARG A 608 20.66 -21.48 45.57
C ARG A 608 19.26 -21.13 46.04
N LEU A 609 18.27 -21.94 45.71
CA LEU A 609 16.95 -21.80 46.33
C LEU A 609 17.07 -22.23 47.79
N GLU A 610 16.72 -21.32 48.71
CA GLU A 610 16.99 -21.56 50.11
C GLU A 610 15.99 -22.49 50.78
N PHE A 611 14.84 -22.76 50.15
CA PHE A 611 13.80 -23.58 50.75
C PHE A 611 13.82 -25.02 50.26
N ILE A 612 14.85 -25.42 49.51
CA ILE A 612 14.96 -26.79 49.03
C ILE A 612 16.41 -27.03 48.68
N ASP A 613 16.82 -28.31 48.69
CA ASP A 613 18.19 -28.71 48.35
C ASP A 613 18.14 -29.48 47.04
N THR A 614 18.65 -28.87 45.98
CA THR A 614 18.70 -29.47 44.66
C THR A 614 20.13 -29.87 44.29
N SER A 615 20.92 -30.26 45.30
CA SER A 615 22.33 -30.54 45.05
C SER A 615 22.53 -31.75 44.16
N GLU A 616 21.89 -32.88 44.48
CA GLU A 616 22.30 -34.08 43.78
C GLU A 616 21.42 -34.36 42.56
N TYR A 617 20.19 -34.84 42.76
CA TYR A 617 19.19 -34.93 41.71
C TYR A 617 19.66 -35.87 40.61
N SER A 618 18.90 -35.95 39.52
CA SER A 618 19.30 -36.81 38.40
C SER A 618 20.55 -36.28 37.70
N GLN A 619 20.75 -34.95 37.70
CA GLN A 619 21.74 -34.19 36.95
C GLN A 619 21.30 -34.06 35.49
N THR A 620 20.29 -34.80 35.05
CA THR A 620 19.66 -34.57 33.76
C THR A 620 18.54 -33.56 33.86
N VAL A 621 18.21 -33.12 35.07
CA VAL A 621 17.19 -32.12 35.30
C VAL A 621 17.79 -30.75 35.60
N LEU A 622 18.97 -30.73 36.22
CA LEU A 622 19.62 -29.47 36.57
C LEU A 622 19.92 -28.63 35.33
N ASP A 623 20.43 -29.26 34.27
CA ASP A 623 20.65 -28.54 33.02
C ASP A 623 19.37 -28.44 32.20
N CYS A 624 18.43 -29.36 32.41
CA CYS A 624 17.20 -29.38 31.62
C CYS A 624 16.40 -28.10 31.81
N ALA A 625 16.31 -27.61 33.04
CA ALA A 625 15.55 -26.39 33.30
C ALA A 625 16.15 -25.20 32.56
N VAL A 626 17.47 -25.05 32.61
CA VAL A 626 18.13 -23.93 31.94
C VAL A 626 17.97 -24.04 30.43
N TYR A 627 18.13 -25.25 29.89
CA TYR A 627 17.98 -25.41 28.43
C TYR A 627 16.56 -25.11 27.99
N ILE A 628 15.56 -25.59 28.73
CA ILE A 628 14.17 -25.33 28.39
C ILE A 628 13.88 -23.83 28.44
N TYR A 629 14.35 -23.16 29.50
CA TYR A 629 14.10 -21.73 29.63
C TYR A 629 14.72 -20.95 28.48
N ASN A 630 15.99 -21.25 28.16
CA ASN A 630 16.65 -20.52 27.09
C ASN A 630 15.97 -20.76 25.75
N PHE A 631 15.65 -22.02 25.44
CA PHE A 631 15.03 -22.31 24.15
C PHE A 631 13.65 -21.67 24.05
N SER A 632 12.85 -21.76 25.11
CA SER A 632 11.52 -21.15 25.08
C SER A 632 11.61 -19.64 24.89
N TYR A 633 12.51 -18.98 25.63
CA TYR A 633 12.63 -17.53 25.52
C TYR A 633 13.06 -17.13 24.12
N LEU A 634 14.08 -17.80 23.58
CA LEU A 634 14.58 -17.44 22.26
C LEU A 634 13.53 -17.69 21.17
N PHE A 635 12.86 -18.83 21.22
CA PHE A 635 11.84 -19.13 20.22
C PHE A 635 10.68 -18.16 20.30
N GLY A 636 10.25 -17.82 21.52
CA GLY A 636 9.19 -16.83 21.66
C GLY A 636 9.57 -15.47 21.10
N LEU A 637 10.79 -15.02 21.38
CA LEU A 637 11.23 -13.73 20.85
C LEU A 637 11.30 -13.76 19.33
N LEU A 638 11.81 -14.85 18.76
CA LEU A 638 11.89 -14.96 17.31
C LEU A 638 10.51 -14.92 16.67
N MET A 639 9.56 -15.67 17.25
CA MET A 639 8.21 -15.68 16.72
C MET A 639 7.56 -14.30 16.81
N LEU A 640 7.77 -13.62 17.94
CA LEU A 640 7.21 -12.28 18.10
C LEU A 640 7.78 -11.31 17.08
N ILE A 641 9.09 -11.36 16.84
CA ILE A 641 9.68 -10.46 15.86
C ILE A 641 9.14 -10.75 14.47
N ILE A 642 9.06 -12.03 14.11
CA ILE A 642 8.58 -12.39 12.78
C ILE A 642 7.14 -11.93 12.57
N ILE A 643 6.28 -12.13 13.59
CA ILE A 643 4.89 -11.74 13.46
C ILE A 643 4.76 -10.22 13.40
N GLY A 644 5.44 -9.52 14.32
CA GLY A 644 5.29 -8.07 14.38
C GLY A 644 5.81 -7.38 13.13
N LEU A 645 6.93 -7.84 12.59
CA LEU A 645 7.46 -7.23 11.38
C LEU A 645 6.60 -7.53 10.16
N GLY A 646 5.69 -8.51 10.26
CA GLY A 646 4.90 -8.92 9.13
C GLY A 646 3.44 -8.52 9.19
N ASN A 647 2.58 -9.47 9.54
CA ASN A 647 1.14 -9.26 9.47
C ASN A 647 0.63 -8.36 10.60
N ASN A 648 -0.52 -7.75 10.34
CA ASN A 648 -1.15 -6.88 11.33
C ASN A 648 -1.63 -7.70 12.53
N PRO A 649 -1.50 -7.17 13.75
CA PRO A 649 -1.89 -7.95 14.93
C PRO A 649 -3.39 -8.05 15.12
N LYS A 650 -4.10 -8.49 14.10
CA LYS A 650 -5.54 -8.75 14.23
C LYS A 650 -5.90 -10.17 13.83
N HIS A 651 -5.28 -10.69 12.78
CA HIS A 651 -5.47 -12.09 12.42
C HIS A 651 -4.73 -13.01 13.38
N MET A 652 -3.68 -12.52 14.03
CA MET A 652 -2.77 -13.32 14.85
C MET A 652 -3.16 -13.30 16.32
N LYS A 653 -4.44 -13.20 16.63
CA LYS A 653 -4.88 -13.12 18.02
C LYS A 653 -4.43 -14.35 18.82
N LEU A 654 -4.58 -15.54 18.25
CA LEU A 654 -4.26 -16.75 19.00
C LEU A 654 -2.79 -16.85 19.33
N THR A 655 -1.91 -16.51 18.39
CA THR A 655 -0.48 -16.64 18.66
C THR A 655 -0.03 -15.65 19.73
N TYR A 656 -0.49 -14.40 19.65
CA TYR A 656 -0.17 -13.43 20.68
C TYR A 656 -0.70 -13.87 22.03
N TYR A 657 -1.92 -14.41 22.06
CA TYR A 657 -2.47 -14.89 23.33
C TYR A 657 -1.64 -16.02 23.90
N PHE A 658 -1.19 -16.94 23.05
CA PHE A 658 -0.39 -18.08 23.52
C PHE A 658 0.94 -17.60 24.09
N VAL A 659 1.63 -16.69 23.39
CA VAL A 659 2.90 -16.18 23.87
C VAL A 659 2.71 -15.43 25.18
N GLY A 660 1.67 -14.61 25.27
CA GLY A 660 1.40 -13.89 26.49
C GLY A 660 1.09 -14.82 27.65
N ALA A 661 0.35 -15.90 27.40
CA ALA A 661 0.05 -16.86 28.46
C ALA A 661 1.31 -17.56 28.94
N VAL A 662 2.18 -17.95 28.01
CA VAL A 662 3.43 -18.61 28.41
C VAL A 662 4.28 -17.67 29.27
N PHE A 663 4.44 -16.42 28.82
CA PHE A 663 5.24 -15.47 29.59
C PHE A 663 4.62 -15.16 30.94
N GLY A 664 3.28 -15.07 31.00
CA GLY A 664 2.63 -14.82 32.26
C GLY A 664 2.81 -15.95 33.26
N LEU A 665 2.68 -17.20 32.79
CA LEU A 665 2.92 -18.33 33.67
C LEU A 665 4.36 -18.36 34.16
N MET A 666 5.31 -18.06 33.27
CA MET A 666 6.71 -18.00 33.68
C MET A 666 6.93 -16.94 34.74
N MET A 667 6.32 -15.76 34.56
CA MET A 667 6.52 -14.68 35.52
C MET A 667 5.86 -15.01 36.86
N MET A 668 4.70 -15.66 36.84
CA MET A 668 4.06 -16.07 38.10
C MET A 668 4.90 -17.09 38.84
N LEU A 669 5.45 -18.07 38.13
CA LEU A 669 6.34 -19.04 38.76
C LEU A 669 7.57 -18.35 39.35
N SER A 670 8.16 -17.41 38.61
CA SER A 670 9.32 -16.69 39.12
C SER A 670 8.97 -15.89 40.36
N SER A 671 7.78 -15.26 40.37
CA SER A 671 7.36 -14.49 41.54
C SER A 671 7.21 -15.40 42.76
N LEU A 672 6.59 -16.57 42.58
CA LEU A 672 6.44 -17.49 43.71
C LEU A 672 7.80 -17.95 44.23
N VAL A 673 8.71 -18.28 43.33
CA VAL A 673 10.04 -18.74 43.76
C VAL A 673 10.78 -17.62 44.48
N GLY A 674 10.68 -16.40 43.96
CA GLY A 674 11.33 -15.27 44.63
C GLY A 674 10.78 -15.00 46.01
N ALA A 675 9.45 -15.10 46.15
CA ALA A 675 8.85 -14.93 47.47
C ALA A 675 9.33 -16.00 48.44
N GLY A 676 9.39 -17.25 47.98
CA GLY A 676 9.92 -18.31 48.82
C GLY A 676 11.36 -18.06 49.25
N ILE A 677 12.20 -17.65 48.31
CA ILE A 677 13.60 -17.36 48.63
C ILE A 677 13.70 -16.24 49.65
N PHE A 678 12.91 -15.17 49.46
CA PHE A 678 12.96 -14.05 50.37
C PHE A 678 12.51 -14.45 51.77
N PHE A 679 11.45 -15.26 51.88
CA PHE A 679 10.96 -15.64 53.19
C PHE A 679 11.87 -16.64 53.88
N SER A 680 12.59 -17.46 53.11
CA SER A 680 13.52 -18.41 53.73
C SER A 680 14.77 -17.73 54.26
N THR A 681 15.12 -16.58 53.69
CA THR A 681 16.29 -15.85 54.14
C THR A 681 16.10 -15.37 55.58
N PRO A 682 17.17 -15.31 56.39
CA PRO A 682 17.01 -14.81 57.77
C PRO A 682 16.79 -13.31 57.87
N ALA A 683 16.57 -12.64 56.75
CA ALA A 683 16.16 -11.24 56.71
C ALA A 683 17.23 -10.32 57.32
N THR A 684 18.35 -10.22 56.61
CA THR A 684 19.41 -9.28 56.98
C THR A 684 18.92 -7.85 56.77
N VAL A 685 19.62 -6.91 57.42
CA VAL A 685 19.24 -5.49 57.33
C VAL A 685 19.33 -5.01 55.90
N HIS A 686 20.40 -5.35 55.20
CA HIS A 686 20.53 -4.98 53.80
C HIS A 686 19.39 -5.56 52.98
N SER A 687 19.04 -6.82 53.24
CA SER A 687 17.98 -7.46 52.48
C SER A 687 16.64 -6.75 52.67
N ILE A 688 16.30 -6.42 53.92
CA ILE A 688 15.01 -5.81 54.18
C ILE A 688 14.97 -4.38 53.64
N VAL A 689 16.07 -3.65 53.75
CA VAL A 689 16.12 -2.29 53.20
C VAL A 689 15.94 -2.32 51.69
N VAL A 690 16.65 -3.23 51.01
CA VAL A 690 16.53 -3.34 49.56
C VAL A 690 15.11 -3.75 49.18
N SER A 691 14.52 -4.69 49.92
CA SER A 691 13.16 -5.12 49.61
C SER A 691 12.18 -3.97 49.74
N ILE A 692 12.29 -3.19 50.82
CA ILE A 692 11.43 -2.02 50.98
C ILE A 692 11.60 -1.08 49.80
N LEU A 693 12.82 -0.56 49.62
CA LEU A 693 13.05 0.46 48.60
C LEU A 693 12.85 -0.05 47.18
N THR A 694 12.72 -1.36 46.98
CA THR A 694 12.46 -1.89 45.65
C THR A 694 10.97 -2.09 45.40
N VAL A 695 10.28 -2.83 46.25
CA VAL A 695 8.90 -3.21 46.01
C VAL A 695 7.92 -2.35 46.81
N GLY A 696 8.20 -2.10 48.08
CA GLY A 696 7.21 -1.48 48.93
C GLY A 696 6.97 -0.01 48.65
N VAL A 697 7.74 0.60 47.74
CA VAL A 697 7.50 1.99 47.37
C VAL A 697 6.11 2.16 46.78
N TYR A 698 5.66 1.18 46.00
CA TYR A 698 4.32 1.24 45.42
C TYR A 698 3.27 1.35 46.51
N PHE A 699 3.32 0.45 47.50
CA PHE A 699 2.32 0.46 48.55
C PHE A 699 2.45 1.69 49.44
N ILE A 700 3.68 2.13 49.69
CA ILE A 700 3.88 3.33 50.52
C ILE A 700 3.24 4.55 49.86
N ALA A 701 3.53 4.76 48.58
CA ALA A 701 2.97 5.91 47.88
C ALA A 701 1.45 5.79 47.76
N SER A 702 0.94 4.58 47.48
CA SER A 702 -0.49 4.40 47.34
C SER A 702 -1.21 4.69 48.66
N ALA A 703 -0.65 4.23 49.78
CA ALA A 703 -1.26 4.52 51.08
C ALA A 703 -1.15 6.00 51.41
N LEU A 704 -0.04 6.64 51.04
CA LEU A 704 0.11 8.06 51.31
C LEU A 704 -0.93 8.88 50.56
N HIS A 705 -1.19 8.54 49.31
CA HIS A 705 -2.16 9.28 48.50
C HIS A 705 -3.58 8.75 48.64
N GLY A 706 -3.80 7.71 49.45
CA GLY A 706 -5.13 7.22 49.73
C GLY A 706 -5.70 6.27 48.69
N GLU A 707 -5.00 6.02 47.59
CA GLU A 707 -5.48 5.10 46.55
C GLU A 707 -4.72 3.78 46.71
N VAL A 708 -5.13 3.01 47.71
CA VAL A 708 -4.41 1.80 48.09
C VAL A 708 -5.17 0.53 47.69
N HIS A 709 -6.50 0.55 47.76
CA HIS A 709 -7.27 -0.66 47.49
C HIS A 709 -7.12 -1.10 46.03
N HIS A 710 -6.99 -0.14 45.10
CA HIS A 710 -6.79 -0.51 43.70
C HIS A 710 -5.52 -1.32 43.53
N ILE A 711 -4.45 -0.93 44.22
CA ILE A 711 -3.18 -1.65 44.13
C ILE A 711 -3.35 -3.07 44.65
N PHE A 712 -3.99 -3.23 45.80
CA PHE A 712 -4.23 -4.55 46.35
C PHE A 712 -5.02 -5.41 45.37
N MET A 713 -5.97 -4.81 44.66
CA MET A 713 -6.80 -5.60 43.75
C MET A 713 -6.06 -5.98 42.47
N THR A 714 -5.20 -5.10 41.96
CA THR A 714 -4.65 -5.28 40.62
C THR A 714 -3.17 -5.64 40.58
N PHE A 715 -2.51 -5.79 41.73
CA PHE A 715 -1.09 -6.10 41.71
C PHE A 715 -0.80 -7.44 41.04
N THR A 716 -1.59 -8.47 41.34
CA THR A 716 -1.38 -9.78 40.73
C THR A 716 -1.58 -9.71 39.22
N HIS A 717 -2.61 -9.00 38.78
CA HIS A 717 -2.89 -8.91 37.35
C HIS A 717 -1.78 -8.19 36.61
N TYR A 718 -1.20 -7.16 37.23
CA TYR A 718 -0.09 -6.47 36.55
C TYR A 718 1.17 -7.33 36.56
N THR A 719 1.42 -8.06 37.65
CA THR A 719 2.58 -8.94 37.71
C THR A 719 2.50 -10.03 36.66
N ALA A 720 1.29 -10.55 36.41
CA ALA A 720 1.14 -11.58 35.39
C ALA A 720 1.37 -11.06 33.97
N LEU A 721 1.44 -9.74 33.78
CA LEU A 721 1.59 -9.17 32.44
C LEU A 721 2.81 -8.26 32.30
N ILE A 722 3.67 -8.19 33.31
CA ILE A 722 4.92 -7.43 33.15
C ILE A 722 5.72 -7.86 31.92
N PRO A 723 6.10 -9.14 31.76
CA PRO A 723 6.95 -9.49 30.61
C PRO A 723 6.26 -9.31 29.27
N SER A 724 4.96 -9.58 29.22
CA SER A 724 4.22 -9.34 27.99
C SER A 724 4.28 -7.87 27.61
N PHE A 725 3.98 -6.99 28.57
CA PHE A 725 4.18 -5.55 28.37
C PHE A 725 5.52 -5.29 27.73
N VAL A 726 6.60 -5.57 28.46
CA VAL A 726 7.94 -5.20 28.00
C VAL A 726 8.18 -5.74 26.59
N ASN A 727 8.27 -7.06 26.47
CA ASN A 727 8.73 -7.66 25.21
C ASN A 727 7.77 -7.35 24.07
N ILE A 728 6.49 -7.72 24.22
CA ILE A 728 5.58 -7.63 23.09
C ILE A 728 5.39 -6.18 22.66
N PHE A 729 5.10 -5.29 23.61
CA PHE A 729 4.79 -3.92 23.22
C PHE A 729 6.01 -3.23 22.63
N THR A 730 7.19 -3.42 23.24
CA THR A 730 8.37 -2.74 22.69
C THR A 730 8.72 -3.28 21.30
N ILE A 731 8.63 -4.60 21.10
CA ILE A 731 9.00 -5.16 19.80
C ILE A 731 8.04 -4.68 18.73
N TYR A 732 6.73 -4.74 18.99
CA TYR A 732 5.78 -4.31 17.98
C TYR A 732 5.90 -2.82 17.71
N SER A 733 6.16 -2.01 18.75
CA SER A 733 6.36 -0.59 18.54
C SER A 733 7.56 -0.31 17.66
N PHE A 734 8.67 -0.99 17.90
CA PHE A 734 9.88 -0.74 17.12
C PHE A 734 9.82 -1.32 15.72
N CYS A 735 8.98 -2.32 15.48
CA CYS A 735 8.91 -2.93 14.15
C CYS A 735 8.11 -2.12 13.15
N ASN A 736 7.47 -1.02 13.56
CA ASN A 736 6.59 -0.25 12.69
C ASN A 736 6.88 1.24 12.80
N LEU A 737 8.16 1.62 12.71
CA LEU A 737 8.52 3.03 12.72
C LEU A 737 8.32 3.71 11.38
N GLN A 738 8.07 2.96 10.32
CA GLN A 738 7.84 3.55 9.01
C GLN A 738 6.37 3.83 8.73
N ASP A 739 5.47 3.39 9.61
CA ASP A 739 4.03 3.55 9.41
C ASP A 739 3.64 4.98 9.77
N LEU A 740 3.69 5.87 8.78
CA LEU A 740 3.36 7.27 8.95
C LEU A 740 2.42 7.72 7.84
N SER A 741 1.65 8.76 8.12
CA SER A 741 0.71 9.30 7.15
C SER A 741 1.44 10.12 6.09
N LYS A 762 -8.34 26.83 -25.36
CA LYS A 762 -8.55 26.92 -26.80
C LYS A 762 -7.26 26.64 -27.56
N GLY A 763 -6.67 25.48 -27.30
CA GLY A 763 -5.44 25.08 -27.93
C GLY A 763 -5.65 24.15 -29.11
N ASP A 764 -4.64 24.07 -29.97
CA ASP A 764 -4.68 23.20 -31.13
C ASP A 764 -4.22 21.80 -30.73
N PHE A 765 -3.98 20.93 -31.73
CA PHE A 765 -3.65 19.55 -31.46
C PHE A 765 -2.32 19.42 -30.72
N LYS A 766 -1.32 20.21 -31.12
CA LYS A 766 -0.03 20.17 -30.46
C LYS A 766 -0.14 20.57 -28.99
N ASP A 767 -1.06 21.48 -28.68
CA ASP A 767 -1.32 21.80 -27.28
C ASP A 767 -1.82 20.59 -26.51
N VAL A 768 -2.70 19.80 -27.14
CA VAL A 768 -3.20 18.58 -26.50
C VAL A 768 -2.05 17.60 -26.26
N ILE A 769 -1.18 17.44 -27.25
CA ILE A 769 -0.06 16.52 -27.09
C ILE A 769 0.85 16.97 -25.96
N ALA A 770 1.15 18.28 -25.91
CA ALA A 770 2.00 18.80 -24.84
C ALA A 770 1.36 18.61 -23.48
N LYS A 771 0.04 18.81 -23.38
CA LYS A 771 -0.65 18.60 -22.12
C LYS A 771 -0.57 17.14 -21.67
N ARG A 772 -0.75 16.21 -22.60
CA ARG A 772 -0.61 14.79 -22.25
C ARG A 772 0.79 14.47 -21.76
N ARG A 773 1.81 15.00 -22.44
CA ARG A 773 3.19 14.74 -22.02
C ARG A 773 3.46 15.32 -20.64
N ALA A 774 2.96 16.53 -20.37
CA ALA A 774 3.15 17.13 -19.05
C ALA A 774 2.48 16.31 -17.97
N LEU A 775 1.26 15.82 -18.24
CA LEU A 775 0.58 14.98 -17.26
C LEU A 775 1.38 13.71 -16.97
N GLU A 776 1.91 13.08 -18.03
CA GLU A 776 2.70 11.87 -17.83
C GLU A 776 3.95 12.15 -17.00
N GLU A 777 4.63 13.26 -17.28
CA GLU A 777 5.84 13.60 -16.52
C GLU A 777 5.50 13.85 -15.05
N LEU A 778 4.42 14.57 -14.79
CA LEU A 778 4.03 14.82 -13.40
C LEU A 778 3.70 13.53 -12.68
N ARG A 779 2.97 12.62 -13.34
CA ARG A 779 2.62 11.36 -12.71
C ARG A 779 3.87 10.54 -12.38
N ARG A 780 4.81 10.46 -13.32
CA ARG A 780 6.01 9.68 -13.07
C ARG A 780 6.84 10.28 -11.95
N GLU A 781 6.98 11.60 -11.91
CA GLU A 781 7.74 12.23 -10.85
C GLU A 781 7.08 12.01 -9.49
N GLU A 782 5.75 12.08 -9.43
CA GLU A 782 5.06 11.83 -8.18
C GLU A 782 5.30 10.40 -7.68
N LYS A 783 5.23 9.43 -8.59
CA LYS A 783 5.50 8.05 -8.20
C LYS A 783 6.93 7.88 -7.69
N GLU A 784 7.89 8.51 -8.37
CA GLU A 784 9.28 8.41 -7.93
C GLU A 784 9.47 9.01 -6.55
N ARG A 785 8.83 10.16 -6.29
CA ARG A 785 8.95 10.79 -4.97
C ARG A 785 8.36 9.90 -3.88
N VAL A 786 7.20 9.29 -4.15
CA VAL A 786 6.59 8.41 -3.16
C VAL A 786 7.50 7.21 -2.87
N GLU A 787 8.09 6.64 -3.93
CA GLU A 787 9.02 5.52 -3.74
C GLU A 787 10.21 5.94 -2.89
N ASN A 788 10.76 7.11 -3.14
CA ASN A 788 11.92 7.58 -2.36
C ASN A 788 11.55 7.75 -0.89
N ARG A 789 10.37 8.32 -0.61
CA ARG A 789 9.94 8.49 0.77
C ARG A 789 9.81 7.14 1.47
N LYS A 790 9.18 6.18 0.79
CA LYS A 790 9.03 4.84 1.37
C LYS A 790 10.38 4.21 1.65
N LYS A 791 11.33 4.36 0.72
CA LYS A 791 12.67 3.81 0.92
C LYS A 791 13.32 4.39 2.17
N ASN A 792 13.27 5.72 2.32
CA ASN A 792 13.93 6.35 3.46
C ASN A 792 13.30 5.89 4.78
N PHE A 793 11.97 5.85 4.84
CA PHE A 793 11.31 5.46 6.09
C PHE A 793 11.63 4.00 6.45
N GLU A 794 11.59 3.11 5.46
CA GLU A 794 11.89 1.71 5.74
C GLU A 794 13.33 1.53 6.21
N ALA A 795 14.28 2.23 5.56
CA ALA A 795 15.67 2.12 5.98
C ALA A 795 15.85 2.60 7.42
N PHE A 796 15.22 3.72 7.76
CA PHE A 796 15.35 4.24 9.12
C PHE A 796 14.81 3.25 10.15
N ARG A 797 13.61 2.71 9.90
CA ARG A 797 13.03 1.81 10.89
C ARG A 797 13.86 0.54 11.04
N THR A 798 14.37 0.01 9.92
CA THR A 798 15.20 -1.19 9.99
C THR A 798 16.47 -0.94 10.79
N ASN A 799 17.13 0.20 10.54
CA ASN A 799 18.35 0.51 11.28
C ASN A 799 18.08 0.62 12.77
N VAL A 800 17.00 1.30 13.15
CA VAL A 800 16.70 1.46 14.57
C VAL A 800 16.41 0.11 15.22
N LEU A 801 15.60 -0.72 14.56
CA LEU A 801 15.27 -2.02 15.13
C LEU A 801 16.51 -2.89 15.28
N LEU A 802 17.38 -2.90 14.28
CA LEU A 802 18.60 -3.70 14.38
C LEU A 802 19.48 -3.20 15.52
N THR A 803 19.65 -1.89 15.65
CA THR A 803 20.45 -1.35 16.74
C THR A 803 19.92 -1.81 18.09
N TRP A 804 18.61 -1.64 18.30
CA TRP A 804 18.03 -1.99 19.60
C TRP A 804 18.19 -3.49 19.89
N ALA A 805 17.79 -4.34 18.95
CA ALA A 805 17.82 -5.77 19.20
C ALA A 805 19.23 -6.28 19.42
N PHE A 806 20.18 -5.83 18.59
CA PHE A 806 21.55 -6.34 18.73
C PHE A 806 22.24 -5.80 19.96
N SER A 807 21.94 -4.56 20.37
CA SER A 807 22.48 -4.06 21.63
C SER A 807 22.00 -4.91 22.79
N ASN A 808 20.70 -5.22 22.82
CA ASN A 808 20.18 -6.05 23.91
C ASN A 808 20.79 -7.44 23.90
N LEU A 809 20.91 -8.06 22.72
CA LEU A 809 21.48 -9.40 22.64
C LEU A 809 22.94 -9.42 23.08
N ILE A 810 23.73 -8.44 22.64
CA ILE A 810 25.14 -8.41 23.00
C ILE A 810 25.30 -8.18 24.50
N PHE A 811 24.49 -7.29 25.08
CA PHE A 811 24.56 -7.08 26.52
C PHE A 811 24.24 -8.35 27.27
N ALA A 812 23.17 -9.06 26.87
CA ALA A 812 22.79 -10.28 27.56
C ALA A 812 23.88 -11.33 27.47
N LEU A 813 24.47 -11.51 26.28
CA LEU A 813 25.50 -12.53 26.12
C LEU A 813 26.75 -12.19 26.92
N PHE A 814 27.19 -10.93 26.88
CA PHE A 814 28.42 -10.57 27.60
C PHE A 814 28.21 -10.52 29.09
N VAL A 815 26.97 -10.44 29.58
CA VAL A 815 26.75 -10.59 31.02
C VAL A 815 26.64 -12.05 31.41
N VAL A 816 26.02 -12.89 30.57
CA VAL A 816 25.88 -14.29 30.91
C VAL A 816 27.25 -14.98 30.93
N TYR A 817 28.06 -14.74 29.90
CA TYR A 817 29.31 -15.49 29.79
C TYR A 817 30.39 -15.00 30.74
N PHE A 818 30.48 -13.68 30.97
CA PHE A 818 31.61 -13.11 31.68
C PHE A 818 31.28 -12.65 33.10
N ALA A 819 30.07 -12.86 33.58
CA ALA A 819 29.69 -12.40 34.91
C ALA A 819 28.92 -13.49 35.64
N SER A 820 29.10 -13.53 36.95
CA SER A 820 28.40 -14.47 37.82
C SER A 820 27.19 -13.78 38.46
N SER A 821 26.39 -14.59 39.16
CA SER A 821 25.22 -14.04 39.85
C SER A 821 25.63 -13.18 41.02
N SER A 822 26.76 -13.47 41.66
CA SER A 822 27.20 -12.71 42.82
C SER A 822 27.83 -11.37 42.46
N THR A 823 28.21 -11.17 41.20
CA THR A 823 28.86 -9.95 40.76
C THR A 823 27.97 -9.08 39.89
N TYR A 824 26.71 -9.47 39.70
CA TYR A 824 25.78 -8.69 38.87
C TYR A 824 24.51 -8.30 39.59
N MET A 825 23.94 -9.19 40.40
CA MET A 825 22.69 -8.86 41.09
C MET A 825 22.80 -7.67 42.04
N PRO A 826 23.86 -7.51 42.84
CA PRO A 826 23.93 -6.29 43.68
C PRO A 826 23.87 -5.00 42.88
N VAL A 827 24.50 -4.95 41.70
CA VAL A 827 24.43 -3.74 40.88
C VAL A 827 23.00 -3.46 40.45
N LEU A 828 22.28 -4.49 40.00
CA LEU A 828 20.90 -4.30 39.59
C LEU A 828 20.04 -3.84 40.76
N TYR A 829 20.25 -4.43 41.94
CA TYR A 829 19.51 -4.02 43.12
C TYR A 829 19.79 -2.56 43.47
N ILE A 830 21.04 -2.14 43.39
CA ILE A 830 21.39 -0.75 43.69
C ILE A 830 20.70 0.18 42.70
N PHE A 831 20.73 -0.16 41.41
CA PHE A 831 20.13 0.70 40.40
C PHE A 831 18.62 0.84 40.62
N VAL A 832 17.93 -0.28 40.82
CA VAL A 832 16.48 -0.24 41.01
C VAL A 832 16.13 0.50 42.28
N ALA A 833 16.87 0.26 43.36
CA ALA A 833 16.60 0.96 44.61
C ALA A 833 16.81 2.46 44.47
N SER A 834 17.84 2.88 43.75
CA SER A 834 18.06 4.30 43.53
C SER A 834 16.91 4.93 42.77
N LEU A 835 16.48 4.29 41.68
CA LEU A 835 15.38 4.85 40.89
C LEU A 835 14.10 4.96 41.72
N ASN A 836 13.75 3.89 42.44
CA ASN A 836 12.51 3.93 43.21
C ASN A 836 12.59 4.88 44.39
N THR A 837 13.77 5.04 44.99
CA THR A 837 13.94 6.03 46.05
C THR A 837 13.70 7.44 45.52
N CYS A 838 14.25 7.74 44.34
CA CYS A 838 14.03 9.06 43.75
C CYS A 838 12.54 9.28 43.46
N ARG A 839 11.87 8.26 42.91
CA ARG A 839 10.44 8.41 42.62
C ARG A 839 9.63 8.60 43.89
N LEU A 840 9.94 7.87 44.95
CA LEU A 840 9.22 8.03 46.21
C LEU A 840 9.45 9.40 46.82
N LEU A 841 10.68 9.90 46.76
CA LEU A 841 10.95 11.25 47.25
C LEU A 841 10.14 12.28 46.47
N GLY A 842 10.06 12.12 45.15
CA GLY A 842 9.25 13.03 44.35
C GLY A 842 7.78 12.98 44.73
N SER A 843 7.24 11.78 44.93
CA SER A 843 5.83 11.67 45.31
C SER A 843 5.56 12.32 46.67
N ILE A 844 6.44 12.09 47.64
CA ILE A 844 6.27 12.70 48.95
C ILE A 844 6.36 14.21 48.86
N GLY A 845 7.30 14.71 48.05
CA GLY A 845 7.40 16.15 47.86
C GLY A 845 6.14 16.75 47.26
N HIS A 846 5.56 16.07 46.28
CA HIS A 846 4.32 16.56 45.68
C HIS A 846 3.19 16.57 46.70
N TRP A 847 3.10 15.53 47.53
CA TRP A 847 2.06 15.51 48.56
C TRP A 847 2.25 16.66 49.54
N VAL A 848 3.49 16.90 49.96
CA VAL A 848 3.76 18.01 50.87
C VAL A 848 3.37 19.34 50.24
N TYR A 849 3.70 19.52 48.95
CA TYR A 849 3.33 20.76 48.28
C TYR A 849 1.83 20.92 48.20
N ILE A 850 1.10 19.86 47.87
CA ILE A 850 -0.34 19.97 47.70
C ILE A 850 -1.05 20.18 49.04
N HIS A 851 -0.46 19.74 50.14
CA HIS A 851 -1.07 19.95 51.46
C HIS A 851 -0.43 21.09 52.25
N THR A 852 0.51 21.82 51.67
CA THR A 852 1.21 22.88 52.39
C THR A 852 1.13 24.24 51.72
N GLU A 853 1.19 24.29 50.38
CA GLU A 853 1.28 25.58 49.70
C GLU A 853 0.05 26.44 49.95
N GLY A 854 -1.09 25.82 50.28
CA GLY A 854 -2.26 26.60 50.65
C GLY A 854 -2.02 27.47 51.87
N LEU A 855 -1.36 26.90 52.89
CA LEU A 855 -1.02 27.68 54.08
C LEU A 855 0.06 28.71 53.78
N ARG A 856 1.08 28.34 53.02
CA ARG A 856 2.23 29.19 52.76
C ARG A 856 2.09 29.98 51.45
N GLY A 857 0.86 30.32 51.07
CA GLY A 857 0.66 31.16 49.90
C GLY A 857 1.09 32.60 50.12
N ARG A 858 1.09 33.06 51.37
CA ARG A 858 1.53 34.41 51.67
C ARG A 858 3.01 34.60 51.36
N VAL A 859 3.84 33.61 51.70
CA VAL A 859 5.27 33.69 51.46
C VAL A 859 5.64 32.95 50.19
N HIS B 23 -7.58 45.14 29.23
CA HIS B 23 -8.69 44.80 28.35
C HIS B 23 -8.64 45.62 27.07
N ALA B 24 -7.66 46.52 26.98
CA ALA B 24 -7.51 47.34 25.78
C ALA B 24 -7.23 46.53 24.52
N PRO B 25 -6.31 45.56 24.51
CA PRO B 25 -6.08 44.81 23.26
C PRO B 25 -7.30 44.07 22.75
N ARG B 26 -8.11 43.51 23.65
CA ARG B 26 -9.30 42.77 23.22
C ARG B 26 -10.30 43.70 22.54
N SER B 27 -10.56 44.85 23.17
CA SER B 27 -11.47 45.82 22.57
C SER B 27 -10.93 46.34 21.24
N SER B 28 -9.60 46.57 21.18
CA SER B 28 -9.00 47.04 19.94
C SER B 28 -9.17 46.02 18.82
N MET B 29 -8.95 44.73 19.11
CA MET B 29 -9.07 43.73 18.06
C MET B 29 -10.52 43.52 17.65
N MET B 30 -11.46 43.62 18.60
CA MET B 30 -12.87 43.55 18.24
C MET B 30 -13.28 44.71 17.34
N SER B 31 -12.79 45.91 17.67
CA SER B 31 -13.06 47.08 16.82
C SER B 31 -12.44 46.91 15.44
N VAL B 32 -11.25 46.32 15.38
CA VAL B 32 -10.62 46.07 14.09
C VAL B 32 -11.46 45.12 13.26
N GLU B 33 -11.96 44.04 13.87
CA GLU B 33 -12.83 43.12 13.17
C GLU B 33 -14.09 43.81 12.67
N TYR B 34 -14.70 44.64 13.52
CA TYR B 34 -15.92 45.35 13.13
C TYR B 34 -15.66 46.29 11.96
N ASP B 35 -14.51 46.99 11.99
CA ASP B 35 -14.18 47.89 10.90
C ASP B 35 -13.83 47.13 9.62
N GLY B 36 -13.33 45.90 9.75
CA GLY B 36 -13.12 45.06 8.59
C GLY B 36 -14.34 44.35 8.07
N ILE B 37 -15.43 44.36 8.84
CA ILE B 37 -16.67 43.72 8.38
C ILE B 37 -17.21 44.34 7.09
N PRO B 38 -17.34 45.66 6.95
CA PRO B 38 -18.06 46.20 5.78
C PRO B 38 -17.41 45.80 4.46
N LEU B 39 -18.27 45.51 3.48
CA LEU B 39 -17.87 45.12 2.13
C LEU B 39 -16.90 43.93 2.15
N SER B 49 -22.70 39.34 -5.60
CA SER B 49 -22.49 38.75 -4.29
C SER B 49 -21.35 39.44 -3.56
N GLN B 50 -21.70 40.18 -2.51
CA GLN B 50 -20.70 40.91 -1.73
C GLN B 50 -19.86 39.93 -0.90
N GLN B 51 -18.94 40.49 -0.11
CA GLN B 51 -17.99 39.67 0.64
C GLN B 51 -18.69 38.75 1.63
N TYR B 52 -19.67 39.27 2.36
CA TYR B 52 -20.29 38.52 3.45
C TYR B 52 -21.74 38.93 3.58
N VAL B 53 -22.65 37.96 3.45
CA VAL B 53 -24.08 38.19 3.59
C VAL B 53 -24.64 37.18 4.58
N THR B 54 -25.42 37.66 5.54
CA THR B 54 -26.09 36.81 6.53
C THR B 54 -27.59 36.88 6.27
N SER B 55 -28.21 35.72 6.07
CA SER B 55 -29.62 35.64 5.72
C SER B 55 -30.30 34.57 6.55
N TYR B 56 -31.61 34.74 6.75
CA TYR B 56 -32.45 33.74 7.39
C TYR B 56 -33.51 33.30 6.38
N ILE B 57 -33.59 32.00 6.15
CA ILE B 57 -34.53 31.43 5.18
C ILE B 57 -35.71 30.86 5.96
N PRO B 58 -36.91 31.41 5.83
CA PRO B 58 -38.07 30.84 6.54
C PRO B 58 -38.69 29.67 5.77
N THR B 59 -38.84 28.54 6.44
CA THR B 59 -39.39 27.34 5.82
C THR B 59 -40.90 27.30 5.99
N GLY B 60 -41.59 26.86 4.94
CA GLY B 60 -43.03 26.74 4.95
C GLY B 60 -43.78 27.89 4.30
N ALA B 61 -43.13 29.04 4.12
CA ALA B 61 -43.79 30.15 3.43
C ALA B 61 -43.97 29.85 1.95
N ALA B 62 -42.90 29.41 1.28
CA ALA B 62 -42.81 28.99 -0.11
C ALA B 62 -42.89 30.16 -1.09
N PHE B 63 -43.14 31.39 -0.62
CA PHE B 63 -43.07 32.63 -1.38
C PHE B 63 -44.24 32.79 -2.34
N PRO B 64 -44.62 34.01 -2.69
CA PRO B 64 -45.62 34.23 -3.72
C PRO B 64 -44.98 34.38 -5.09
N PRO B 65 -45.59 33.85 -6.15
CA PRO B 65 -45.00 33.96 -7.50
C PRO B 65 -45.37 35.28 -8.19
N SER B 66 -45.22 36.38 -7.44
CA SER B 66 -45.45 37.71 -8.00
C SER B 66 -44.19 38.55 -7.95
N SER B 67 -43.53 38.58 -6.78
CA SER B 67 -42.32 39.38 -6.61
C SER B 67 -41.10 38.70 -7.23
N VAL B 68 -41.10 37.37 -7.34
CA VAL B 68 -39.93 36.67 -7.85
C VAL B 68 -39.69 37.03 -9.31
N GLN B 69 -40.75 37.08 -10.12
CA GLN B 69 -40.60 37.41 -11.53
C GLN B 69 -40.06 38.83 -11.71
N ASP B 70 -40.60 39.78 -10.96
CA ASP B 70 -40.11 41.16 -11.07
C ASP B 70 -38.67 41.28 -10.59
N MET B 71 -38.33 40.56 -9.52
CA MET B 71 -36.95 40.59 -9.02
C MET B 71 -35.99 40.01 -10.05
N ILE B 72 -36.38 38.93 -10.72
CA ILE B 72 -35.54 38.36 -11.77
C ILE B 72 -35.40 39.35 -12.92
N SER B 73 -36.51 39.98 -13.33
CA SER B 73 -36.47 40.95 -14.41
C SER B 73 -35.83 42.27 -14.01
N SER B 74 -35.56 42.48 -12.72
CA SER B 74 -34.98 43.72 -12.24
C SER B 74 -33.47 43.76 -12.34
N MET B 75 -32.83 42.68 -12.77
CA MET B 75 -31.38 42.61 -12.91
C MET B 75 -31.01 42.58 -14.38
N LYS B 76 -30.14 43.50 -14.79
CA LYS B 76 -29.74 43.62 -16.19
C LYS B 76 -28.34 43.09 -16.47
N SER B 77 -27.54 42.82 -15.44
CA SER B 77 -26.22 42.23 -15.65
C SER B 77 -26.32 40.83 -16.25
N TYR B 78 -27.45 40.16 -16.07
CA TYR B 78 -27.63 38.85 -16.68
C TYR B 78 -27.57 38.94 -18.20
N ALA B 79 -28.05 40.04 -18.78
CA ALA B 79 -27.94 40.23 -20.22
C ALA B 79 -26.48 40.30 -20.66
N SER B 80 -25.65 41.03 -19.90
CA SER B 80 -24.23 41.11 -20.23
C SER B 80 -23.56 39.74 -20.09
N ALA B 81 -23.90 39.01 -19.04
CA ALA B 81 -23.33 37.67 -18.86
C ALA B 81 -23.72 36.75 -20.00
N THR B 82 -25.00 36.78 -20.41
CA THR B 82 -25.45 35.95 -21.51
C THR B 82 -24.76 36.34 -22.82
N ASP B 83 -24.61 37.64 -23.07
CA ASP B 83 -23.91 38.07 -24.27
C ASP B 83 -22.47 37.59 -24.28
N LEU B 84 -21.79 37.69 -23.13
CA LEU B 84 -20.40 37.25 -23.05
C LEU B 84 -20.29 35.75 -23.29
N VAL B 85 -21.17 34.97 -22.68
CA VAL B 85 -21.13 33.52 -22.87
C VAL B 85 -21.41 33.15 -24.32
N ARG B 86 -22.42 33.79 -24.92
CA ARG B 86 -22.76 33.50 -26.31
C ARG B 86 -21.61 33.86 -27.24
N THR B 87 -20.95 35.00 -27.00
CA THR B 87 -19.81 35.37 -27.83
C THR B 87 -18.66 34.39 -27.67
N TYR B 88 -18.40 33.94 -26.44
CA TYR B 88 -17.29 33.03 -26.21
C TYR B 88 -17.54 31.66 -26.83
N SER B 89 -18.77 31.16 -26.72
CA SER B 89 -19.08 29.80 -27.14
C SER B 89 -19.22 29.63 -28.65
N GLU B 90 -18.91 30.66 -29.44
CA GLU B 90 -19.09 30.57 -30.88
C GLU B 90 -18.06 29.62 -31.50
N ILE B 91 -16.80 29.75 -31.12
CA ILE B 91 -15.71 29.00 -31.74
C ILE B 91 -15.39 27.79 -30.86
N PRO B 92 -15.52 26.57 -31.37
CA PRO B 92 -15.13 25.39 -30.61
C PRO B 92 -13.63 25.12 -30.79
N SER B 93 -13.16 24.10 -30.08
CA SER B 93 -11.75 23.73 -30.12
C SER B 93 -11.62 22.21 -30.13
N VAL B 94 -10.42 21.74 -30.48
CA VAL B 94 -10.17 20.30 -30.54
C VAL B 94 -10.29 19.68 -29.15
N GLU B 95 -9.71 20.35 -28.14
CA GLU B 95 -9.67 19.79 -26.79
C GLU B 95 -11.07 19.61 -26.23
N GLU B 96 -11.95 20.60 -26.44
CA GLU B 96 -13.31 20.50 -25.93
C GLU B 96 -14.07 19.37 -26.64
N ALA B 97 -13.87 19.22 -27.95
CA ALA B 97 -14.53 18.13 -28.66
C ALA B 97 -14.08 16.78 -28.13
N LEU B 98 -12.77 16.62 -27.91
CA LEU B 98 -12.27 15.34 -27.40
C LEU B 98 -12.77 15.07 -25.99
N SER B 99 -12.84 16.11 -25.15
CA SER B 99 -13.37 15.93 -23.80
C SER B 99 -14.83 15.53 -23.82
N THR B 100 -15.63 16.16 -24.69
CA THR B 100 -17.03 15.79 -24.80
C THR B 100 -17.18 14.36 -25.29
N LEU B 101 -16.34 13.94 -26.25
CA LEU B 101 -16.40 12.56 -26.70
C LEU B 101 -16.02 11.58 -25.60
N ASP B 102 -15.04 11.94 -24.77
CA ASP B 102 -14.69 11.08 -23.64
C ASP B 102 -15.85 10.96 -22.65
N ARG B 103 -16.51 12.07 -22.36
CA ARG B 103 -17.67 12.03 -21.47
C ARG B 103 -18.79 11.19 -22.07
N ALA B 104 -18.98 11.29 -23.39
CA ALA B 104 -19.98 10.47 -24.05
C ALA B 104 -19.64 9.00 -23.95
N ALA B 105 -18.37 8.65 -24.11
CA ALA B 105 -17.95 7.26 -23.97
C ALA B 105 -18.21 6.76 -22.56
N ALA B 106 -17.90 7.57 -21.55
CA ALA B 106 -18.19 7.17 -20.17
C ALA B 106 -19.69 6.98 -19.95
N ALA B 107 -20.51 7.89 -20.48
CA ALA B 107 -21.95 7.78 -20.31
C ALA B 107 -22.50 6.53 -20.99
N LEU B 108 -22.01 6.21 -22.18
CA LEU B 108 -22.42 4.98 -22.84
C LEU B 108 -21.94 3.75 -22.07
N ASN B 109 -20.77 3.83 -21.43
CA ASN B 109 -20.33 2.75 -20.56
C ASN B 109 -21.26 2.58 -19.38
N ALA B 110 -21.86 3.67 -18.91
CA ALA B 110 -22.82 3.61 -17.82
C ALA B 110 -24.25 3.37 -18.29
N ARG B 111 -24.45 3.17 -19.60
CA ARG B 111 -25.77 2.91 -20.18
C ARG B 111 -26.76 4.03 -19.86
N ARG B 112 -26.36 5.24 -20.21
CA ARG B 112 -27.21 6.43 -20.15
C ARG B 112 -27.26 6.96 -21.58
N TYR B 113 -28.24 6.47 -22.34
CA TYR B 113 -28.21 6.64 -23.80
C TYR B 113 -28.59 8.05 -24.24
N ARG B 114 -29.48 8.73 -23.52
CA ARG B 114 -29.86 10.09 -23.92
C ARG B 114 -28.67 11.04 -23.82
N ASP B 115 -28.01 11.05 -22.67
CA ASP B 115 -26.84 11.90 -22.49
C ASP B 115 -25.72 11.51 -23.43
N ALA B 116 -25.52 10.20 -23.64
CA ALA B 116 -24.49 9.75 -24.57
C ALA B 116 -24.77 10.24 -25.98
N LEU B 117 -26.02 10.16 -26.42
CA LEU B 117 -26.39 10.63 -27.75
C LEU B 117 -26.17 12.13 -27.88
N LYS B 118 -26.56 12.90 -26.87
CA LYS B 118 -26.38 14.35 -26.92
C LYS B 118 -24.91 14.71 -27.00
N LEU B 119 -24.08 14.09 -26.14
CA LEU B 119 -22.67 14.41 -26.13
C LEU B 119 -21.98 13.96 -27.41
N TYR B 120 -22.39 12.81 -27.96
CA TYR B 120 -21.82 12.35 -29.22
C TYR B 120 -22.17 13.31 -30.36
N LEU B 121 -23.41 13.80 -30.39
CA LEU B 121 -23.78 14.77 -31.42
C LEU B 121 -22.95 16.05 -31.27
N GLU B 122 -22.80 16.54 -30.05
CA GLU B 122 -22.01 17.75 -29.83
C GLU B 122 -20.57 17.55 -30.28
N GLY B 123 -19.97 16.42 -29.92
CA GLY B 123 -18.59 16.16 -30.32
C GLY B 123 -18.43 16.01 -31.82
N GLY B 124 -19.37 15.34 -32.47
CA GLY B 124 -19.30 15.20 -33.91
C GLY B 124 -19.38 16.53 -34.63
N TYR B 125 -20.35 17.37 -34.23
CA TYR B 125 -20.46 18.70 -34.83
C TYR B 125 -19.21 19.53 -34.56
N ALA B 126 -18.67 19.44 -33.34
CA ALA B 126 -17.48 20.21 -33.00
C ALA B 126 -16.29 19.79 -33.84
N MET B 127 -16.09 18.48 -34.02
CA MET B 127 -14.96 18.02 -34.82
C MET B 127 -15.15 18.36 -36.30
N ALA B 128 -16.38 18.28 -36.80
CA ALA B 128 -16.64 18.67 -38.18
C ALA B 128 -16.31 20.14 -38.40
N ASN B 129 -16.67 21.00 -37.44
CA ASN B 129 -16.32 22.42 -37.55
C ASN B 129 -14.82 22.63 -37.44
N VAL B 130 -14.16 21.89 -36.54
CA VAL B 130 -12.74 22.10 -36.29
C VAL B 130 -11.90 21.69 -37.49
N ALA B 131 -12.30 20.62 -38.19
CA ALA B 131 -11.49 20.10 -39.27
C ALA B 131 -11.20 21.13 -40.35
N GLU B 132 -12.08 22.13 -40.50
CA GLU B 132 -11.86 23.17 -41.50
C GLU B 132 -10.63 24.02 -41.18
N ARG B 133 -10.41 24.34 -39.90
CA ARG B 133 -9.39 25.30 -39.51
C ARG B 133 -7.99 24.72 -39.59
N GLN B 134 -7.83 23.41 -39.37
CA GLN B 134 -6.50 22.83 -39.26
C GLN B 134 -5.70 22.96 -40.56
N ALA B 135 -4.44 23.34 -40.42
CA ALA B 135 -3.57 23.51 -41.58
C ALA B 135 -2.98 22.20 -42.07
N ASN B 136 -2.71 21.26 -41.18
CA ASN B 136 -2.12 19.99 -41.57
C ASN B 136 -3.14 19.16 -42.34
N PRO B 137 -2.86 18.76 -43.58
CA PRO B 137 -3.85 17.96 -44.33
C PRO B 137 -4.22 16.65 -43.66
N LYS B 138 -3.24 15.96 -43.06
CA LYS B 138 -3.54 14.70 -42.40
C LYS B 138 -4.51 14.90 -41.25
N ILE B 139 -4.28 15.92 -40.42
CA ILE B 139 -5.17 16.20 -39.31
C ILE B 139 -6.56 16.54 -39.82
N CYS B 140 -6.65 17.34 -40.89
CA CYS B 140 -7.95 17.70 -41.45
C CYS B 140 -8.71 16.46 -41.91
N ASN B 141 -8.04 15.58 -42.63
CA ASN B 141 -8.69 14.37 -43.12
C ASN B 141 -9.15 13.48 -41.98
N LEU B 142 -8.30 13.29 -40.98
CA LEU B 142 -8.66 12.44 -39.85
C LEU B 142 -9.85 13.02 -39.08
N LEU B 143 -9.83 14.34 -38.83
CA LEU B 143 -10.93 14.96 -38.11
C LEU B 143 -12.23 14.87 -38.89
N THR B 144 -12.18 15.10 -40.20
CA THR B 144 -13.39 15.01 -41.01
C THR B 144 -13.97 13.60 -41.00
N SER B 145 -13.10 12.59 -41.18
CA SER B 145 -13.57 11.22 -41.18
C SER B 145 -14.16 10.84 -39.82
N LYS B 146 -13.50 11.24 -38.74
CA LYS B 146 -14.02 10.93 -37.41
C LYS B 146 -15.36 11.61 -37.18
N GLY B 147 -15.51 12.85 -37.63
CA GLY B 147 -16.78 13.54 -37.50
C GLY B 147 -17.90 12.84 -38.24
N PHE B 148 -17.64 12.42 -39.48
CA PHE B 148 -18.65 11.71 -40.23
C PHE B 148 -19.01 10.38 -39.57
N GLU B 149 -18.00 9.65 -39.08
CA GLU B 149 -18.28 8.41 -38.38
C GLU B 149 -19.11 8.64 -37.13
N THR B 150 -18.80 9.69 -36.37
CA THR B 150 -19.55 10.01 -35.17
C THR B 150 -21.00 10.36 -35.49
N LEU B 151 -21.22 11.12 -36.57
CA LEU B 151 -22.58 11.47 -36.96
C LEU B 151 -23.38 10.24 -37.38
N ASN B 152 -22.75 9.33 -38.13
CA ASN B 152 -23.43 8.10 -38.51
C ASN B 152 -23.76 7.26 -37.28
N TRP B 153 -22.84 7.18 -36.32
CA TRP B 153 -23.11 6.46 -35.08
C TRP B 153 -24.25 7.11 -34.32
N CYS B 154 -24.31 8.44 -34.31
CA CYS B 154 -25.43 9.13 -33.65
C CYS B 154 -26.75 8.76 -34.31
N ALA B 155 -26.77 8.70 -35.65
CA ALA B 155 -27.99 8.28 -36.34
C ALA B 155 -28.38 6.87 -35.95
N ARG B 156 -27.42 5.95 -35.92
CA ARG B 156 -27.73 4.57 -35.54
C ARG B 156 -28.24 4.48 -34.11
N LEU B 157 -27.64 5.24 -33.19
CA LEU B 157 -28.08 5.21 -31.80
C LEU B 157 -29.49 5.80 -31.67
N CYS B 158 -29.79 6.85 -32.42
CA CYS B 158 -31.14 7.40 -32.40
C CYS B 158 -32.15 6.37 -32.91
N ASP B 159 -31.80 5.65 -33.98
CA ASP B 159 -32.68 4.59 -34.46
C ASP B 159 -32.86 3.51 -33.41
N TRP B 160 -31.80 3.16 -32.69
CA TRP B 160 -31.92 2.14 -31.65
C TRP B 160 -32.81 2.63 -30.51
N ILE B 161 -32.69 3.90 -30.15
CA ILE B 161 -33.53 4.46 -29.08
C ILE B 161 -34.99 4.48 -29.50
N GLU B 162 -35.26 4.79 -30.77
CA GLU B 162 -36.64 4.80 -31.25
C GLU B 162 -37.28 3.42 -31.13
N GLY B 163 -36.48 2.37 -31.26
CA GLY B 163 -37.00 1.01 -31.28
C GLY B 163 -37.30 0.47 -32.66
N ARG B 164 -37.06 1.27 -33.71
CA ARG B 164 -37.21 0.77 -35.07
C ARG B 164 -36.19 -0.34 -35.35
N ILE B 165 -34.99 -0.21 -34.81
CA ILE B 165 -33.97 -1.26 -34.84
C ILE B 165 -33.76 -1.75 -33.42
N LYS B 166 -33.83 -3.07 -33.23
CA LYS B 166 -33.68 -3.69 -31.92
C LYS B 166 -32.39 -4.50 -31.92
N GLU B 167 -31.51 -4.22 -30.95
CA GLU B 167 -30.22 -4.88 -30.86
C GLU B 167 -29.82 -4.95 -29.39
N LYS B 168 -28.89 -5.86 -29.10
CA LYS B 168 -28.43 -6.09 -27.74
C LYS B 168 -27.09 -5.38 -27.54
N HIS B 169 -27.06 -4.48 -26.55
CA HIS B 169 -25.86 -3.73 -26.16
C HIS B 169 -25.22 -3.05 -27.36
N PRO B 170 -25.82 -1.98 -27.88
CA PRO B 170 -25.26 -1.31 -29.06
C PRO B 170 -23.92 -0.67 -28.77
N ARG B 171 -23.08 -0.62 -29.79
CA ARG B 171 -21.76 0.01 -29.73
C ARG B 171 -21.46 0.64 -31.08
N PRO B 172 -20.62 1.68 -31.10
CA PRO B 172 -20.25 2.29 -32.39
C PRO B 172 -19.58 1.27 -33.30
N GLY B 173 -19.84 1.41 -34.60
CA GLY B 173 -19.36 0.43 -35.55
C GLY B 173 -17.85 0.40 -35.66
N VAL B 174 -17.32 -0.80 -35.92
CA VAL B 174 -15.89 -0.98 -36.04
C VAL B 174 -15.39 -0.34 -37.34
N HIS B 175 -14.34 0.46 -37.24
CA HIS B 175 -13.80 1.17 -38.38
C HIS B 175 -12.29 1.21 -38.26
N LYS B 176 -11.60 0.64 -39.26
CA LYS B 176 -10.15 0.61 -39.27
C LYS B 176 -9.64 1.54 -40.37
N VAL B 177 -8.52 2.21 -40.08
CA VAL B 177 -7.97 3.23 -40.96
C VAL B 177 -6.57 2.79 -41.40
N GLY B 178 -6.33 2.81 -42.70
CA GLY B 178 -5.01 2.56 -43.26
C GLY B 178 -4.41 3.86 -43.77
N ILE B 179 -3.20 4.14 -43.32
CA ILE B 179 -2.53 5.39 -43.72
C ILE B 179 -1.15 5.08 -44.28
N PRO B 180 -0.64 5.90 -45.19
CA PRO B 180 0.73 5.70 -45.67
C PRO B 180 1.74 5.86 -44.55
N VAL B 181 2.82 5.09 -44.63
CA VAL B 181 3.88 5.19 -43.64
C VAL B 181 4.67 6.47 -43.86
N SER B 182 5.03 7.14 -42.76
CA SER B 182 5.73 8.41 -42.87
C SER B 182 7.10 8.25 -43.52
N ASN B 183 7.84 7.21 -43.14
CA ASN B 183 9.17 6.95 -43.66
C ASN B 183 9.18 5.60 -44.37
N TRP B 184 9.52 5.62 -45.65
CA TRP B 184 9.60 4.40 -46.45
C TRP B 184 10.96 4.35 -47.13
N ASP B 185 11.55 3.16 -47.14
CA ASP B 185 12.88 2.97 -47.72
C ASP B 185 12.75 2.78 -49.24
N GLU B 186 13.30 3.73 -50.00
CA GLU B 186 13.28 3.62 -51.45
C GLU B 186 14.11 2.43 -51.93
N ASP B 187 15.26 2.21 -51.31
CA ASP B 187 16.18 1.15 -51.71
C ASP B 187 15.99 -0.05 -50.78
N TRP B 188 15.17 -1.01 -51.21
CA TRP B 188 14.97 -2.22 -50.45
C TRP B 188 14.67 -3.36 -51.43
N VAL B 189 15.07 -4.57 -51.03
CA VAL B 189 14.95 -5.75 -51.87
C VAL B 189 14.04 -6.75 -51.18
N GLY B 190 13.07 -7.28 -51.93
CA GLY B 190 12.15 -8.26 -51.42
C GLY B 190 11.64 -9.17 -52.52
N PRO B 191 10.96 -10.25 -52.13
CA PRO B 191 10.41 -11.17 -53.13
C PRO B 191 9.35 -10.49 -54.00
N PHE B 192 8.28 -10.02 -53.38
CA PHE B 192 7.26 -9.23 -54.05
C PHE B 192 6.33 -8.66 -53.00
N MET B 193 5.98 -7.39 -53.16
CA MET B 193 5.11 -6.70 -52.21
C MET B 193 4.13 -5.82 -52.98
N ASP B 194 2.84 -6.01 -52.71
CA ASP B 194 1.84 -5.10 -53.24
C ASP B 194 2.00 -3.74 -52.58
N GLU B 195 1.72 -2.68 -53.36
CA GLU B 195 1.92 -1.33 -52.85
C GLU B 195 1.05 -1.07 -51.62
N GLU B 196 -0.18 -1.59 -51.62
CA GLU B 196 -1.05 -1.43 -50.46
C GLU B 196 -0.45 -2.07 -49.23
N GLU B 197 0.11 -3.27 -49.36
CA GLU B 197 0.75 -3.93 -48.22
C GLU B 197 2.08 -3.28 -47.87
N ALA B 198 2.82 -2.81 -48.87
CA ALA B 198 4.17 -2.30 -48.61
C ALA B 198 4.14 -0.93 -47.95
N ARG B 199 3.25 -0.03 -48.40
CA ARG B 199 3.33 1.36 -47.98
C ARG B 199 2.30 1.75 -46.93
N ARG B 200 1.18 1.02 -46.82
CA ARG B 200 0.11 1.37 -45.90
C ARG B 200 0.24 0.58 -44.61
N MET B 201 0.13 1.28 -43.48
CA MET B 201 0.01 0.66 -42.17
C MET B 201 -1.42 0.82 -41.69
N TRP B 202 -1.98 -0.24 -41.14
CA TRP B 202 -3.38 -0.24 -40.76
C TRP B 202 -3.53 -0.14 -39.24
N TYR B 203 -4.65 0.42 -38.80
CA TYR B 203 -4.87 0.65 -37.38
C TYR B 203 -6.35 0.48 -37.05
N THR B 204 -6.63 -0.12 -35.89
CA THR B 204 -7.99 -0.15 -35.39
C THR B 204 -8.02 -0.26 -33.88
N PRO B 205 -8.90 0.49 -33.21
CA PRO B 205 -9.09 0.30 -31.77
C PRO B 205 -10.20 -0.71 -31.49
N VAL B 206 -10.04 -1.57 -30.49
CA VAL B 206 -11.04 -2.58 -30.22
C VAL B 206 -11.60 -2.37 -28.82
N TYR B 207 -12.87 -2.75 -28.64
CA TYR B 207 -13.54 -2.61 -27.36
C TYR B 207 -13.72 -3.93 -26.63
N CYS B 208 -13.40 -5.05 -27.27
CA CYS B 208 -13.80 -6.38 -26.80
C CYS B 208 -13.40 -6.58 -25.34
N PRO B 209 -14.35 -6.63 -24.40
CA PRO B 209 -13.96 -6.83 -22.99
C PRO B 209 -13.51 -8.24 -22.69
N HIS B 210 -14.16 -9.24 -23.26
CA HIS B 210 -13.74 -10.63 -23.15
C HIS B 210 -13.09 -11.04 -24.46
N PRO B 211 -11.79 -11.31 -24.48
CA PRO B 211 -11.12 -11.58 -25.76
C PRO B 211 -11.65 -12.79 -26.51
N ILE B 212 -12.49 -13.61 -25.87
CA ILE B 212 -13.06 -14.76 -26.57
C ILE B 212 -13.97 -14.30 -27.71
N ASP B 213 -14.67 -13.18 -27.52
CA ASP B 213 -15.62 -12.67 -28.50
C ASP B 213 -14.98 -11.72 -29.50
N PHE B 214 -13.67 -11.84 -29.73
CA PHE B 214 -12.99 -10.92 -30.64
C PHE B 214 -13.51 -11.06 -32.07
N SER B 215 -13.70 -12.29 -32.54
CA SER B 215 -14.15 -12.51 -33.91
C SER B 215 -15.66 -12.36 -34.07
N ASN B 216 -16.42 -12.38 -32.96
CA ASN B 216 -17.86 -12.21 -33.06
C ASN B 216 -18.25 -10.75 -33.29
N LEU B 217 -17.49 -9.81 -32.75
CA LEU B 217 -17.80 -8.39 -32.87
C LEU B 217 -17.44 -7.81 -34.23
N GLY B 218 -16.80 -8.58 -35.10
CA GLY B 218 -16.50 -8.15 -36.45
C GLY B 218 -15.07 -7.75 -36.70
N TYR B 219 -14.19 -7.85 -35.72
CA TYR B 219 -12.79 -7.47 -35.93
C TYR B 219 -12.07 -8.53 -36.74
N ARG B 220 -11.28 -8.07 -37.72
CA ARG B 220 -10.49 -8.96 -38.55
C ARG B 220 -9.08 -8.39 -38.69
N LEU B 221 -8.14 -9.28 -39.00
CA LEU B 221 -6.74 -8.90 -39.22
C LEU B 221 -6.44 -8.84 -40.72
N ARG B 222 -5.32 -8.19 -41.05
CA ARG B 222 -4.96 -8.02 -42.45
C ARG B 222 -4.67 -9.36 -43.12
N CYS B 223 -4.06 -10.30 -42.38
CA CYS B 223 -3.77 -11.60 -42.97
C CYS B 223 -5.03 -12.33 -43.37
N VAL B 224 -6.08 -12.26 -42.54
CA VAL B 224 -7.33 -12.91 -42.87
C VAL B 224 -8.00 -12.23 -44.05
N GLU B 225 -7.97 -10.89 -44.09
CA GLU B 225 -8.57 -10.16 -45.21
C GLU B 225 -7.88 -10.48 -46.52
N THR B 226 -6.55 -10.49 -46.53
CA THR B 226 -5.79 -10.70 -47.76
C THR B 226 -5.84 -12.15 -48.23
N GLY B 227 -6.37 -13.06 -47.43
CA GLY B 227 -6.45 -14.46 -47.79
C GLY B 227 -5.29 -15.31 -47.33
N ARG B 228 -4.25 -14.70 -46.75
CA ARG B 228 -3.13 -15.47 -46.24
C ARG B 228 -3.56 -16.26 -45.00
N ARG B 229 -3.00 -17.46 -44.85
CA ARG B 229 -3.25 -18.32 -43.70
C ARG B 229 -1.92 -18.73 -43.11
N PRO B 230 -1.37 -17.92 -42.19
CA PRO B 230 -0.12 -18.29 -41.55
C PRO B 230 -0.26 -19.55 -40.70
N ARG B 231 0.83 -20.31 -40.61
CA ARG B 231 0.84 -21.55 -39.87
C ARG B 231 1.63 -21.49 -38.57
N LEU B 232 2.46 -20.48 -38.39
CA LEU B 232 3.24 -20.31 -37.17
C LEU B 232 3.05 -18.90 -36.64
N MET B 233 2.86 -18.78 -35.33
CA MET B 233 2.67 -17.49 -34.68
C MET B 233 3.66 -17.35 -33.53
N ILE B 234 4.20 -16.14 -33.38
CA ILE B 234 5.19 -15.84 -32.34
C ILE B 234 4.70 -14.63 -31.56
N CYS B 235 4.78 -14.70 -30.24
CA CYS B 235 4.33 -13.63 -29.36
C CYS B 235 5.53 -13.06 -28.61
N ILE B 236 5.70 -11.74 -28.69
CA ILE B 236 6.81 -11.04 -28.05
C ILE B 236 6.21 -10.09 -27.03
N THR B 237 6.10 -10.53 -25.78
CA THR B 237 5.57 -9.67 -24.73
C THR B 237 6.57 -8.56 -24.40
N MET B 238 6.06 -7.35 -24.21
CA MET B 238 6.88 -6.17 -23.98
C MET B 238 6.29 -5.33 -22.87
N TYR B 239 7.16 -4.81 -22.00
CA TYR B 239 6.76 -3.86 -20.97
C TYR B 239 8.01 -3.16 -20.46
N ASN B 240 8.07 -1.84 -20.65
CA ASN B 240 9.13 -1.00 -20.11
C ASN B 240 10.51 -1.50 -20.55
N GLU B 241 10.71 -1.49 -21.86
CA GLU B 241 11.96 -1.97 -22.45
C GLU B 241 12.53 -0.91 -23.38
N GLY B 242 13.86 -0.90 -23.49
CA GLY B 242 14.55 -0.01 -24.39
C GLY B 242 14.44 -0.48 -25.83
N PRO B 243 14.74 0.41 -26.78
CA PRO B 243 14.67 0.02 -28.19
C PRO B 243 15.64 -1.08 -28.58
N GLN B 244 16.79 -1.17 -27.90
CA GLN B 244 17.84 -2.08 -28.33
C GLN B 244 17.37 -3.53 -28.25
N GLN B 245 16.67 -3.89 -27.17
CA GLN B 245 16.24 -5.27 -27.01
C GLN B 245 15.27 -5.68 -28.10
N LEU B 246 14.29 -4.81 -28.40
CA LEU B 246 13.33 -5.12 -29.45
C LEU B 246 14.01 -5.20 -30.81
N LYS B 247 14.95 -4.30 -31.08
CA LYS B 247 15.65 -4.32 -32.35
C LYS B 247 16.46 -5.61 -32.51
N ALA B 248 17.14 -6.04 -31.45
CA ALA B 248 17.88 -7.29 -31.51
C ALA B 248 16.96 -8.49 -31.72
N THR B 249 15.83 -8.52 -31.02
CA THR B 249 14.90 -9.63 -31.18
C THR B 249 14.37 -9.69 -32.61
N LEU B 250 14.00 -8.55 -33.18
CA LEU B 250 13.49 -8.55 -34.54
C LEU B 250 14.55 -8.96 -35.54
N LYS B 251 15.80 -8.48 -35.36
CA LYS B 251 16.87 -8.87 -36.26
C LYS B 251 17.11 -10.38 -36.20
N LYS B 252 17.11 -10.95 -35.00
CA LYS B 252 17.32 -12.39 -34.88
C LYS B 252 16.19 -13.19 -35.50
N LEU B 253 14.94 -12.73 -35.31
CA LEU B 253 13.82 -13.42 -35.96
C LEU B 253 13.92 -13.36 -37.48
N ALA B 254 14.34 -12.21 -38.01
CA ALA B 254 14.53 -12.10 -39.45
C ALA B 254 15.63 -13.04 -39.94
N ASN B 255 16.71 -13.17 -39.16
CA ASN B 255 17.77 -14.10 -39.52
C ASN B 255 17.26 -15.55 -39.53
N ASN B 256 16.44 -15.90 -38.54
CA ASN B 256 15.87 -17.25 -38.52
C ASN B 256 14.99 -17.49 -39.74
N LEU B 257 14.18 -16.50 -40.12
CA LEU B 257 13.36 -16.64 -41.32
C LEU B 257 14.24 -16.81 -42.56
N ALA B 258 15.33 -16.04 -42.64
CA ALA B 258 16.22 -16.16 -43.78
C ALA B 258 16.86 -17.55 -43.85
N TYR B 259 17.25 -18.09 -42.69
CA TYR B 259 17.80 -19.44 -42.66
C TYR B 259 16.75 -20.46 -43.11
N LEU B 260 15.51 -20.29 -42.68
CA LEU B 260 14.46 -21.23 -43.10
C LEU B 260 14.21 -21.14 -44.60
N LYS B 261 14.30 -19.93 -45.17
CA LYS B 261 14.08 -19.75 -46.61
C LYS B 261 15.12 -20.50 -47.42
N GLU B 262 16.40 -20.34 -47.07
CA GLU B 262 17.51 -20.92 -47.81
C GLU B 262 17.67 -22.42 -47.60
N GLN B 263 16.71 -23.07 -46.94
CA GLN B 263 16.79 -24.50 -46.69
C GLN B 263 16.81 -25.26 -48.02
N MET B 264 17.76 -26.20 -48.14
CA MET B 264 17.90 -26.95 -49.37
C MET B 264 16.68 -27.83 -49.58
N PRO B 265 16.18 -27.94 -50.81
CA PRO B 265 15.01 -28.79 -51.06
C PRO B 265 15.40 -30.23 -51.36
N GLY B 266 14.41 -31.10 -51.25
CA GLY B 266 14.63 -32.52 -51.56
C GLY B 266 15.73 -33.17 -50.77
N ASP B 267 15.79 -32.90 -49.46
CA ASP B 267 16.80 -33.49 -48.60
C ASP B 267 16.12 -34.16 -47.41
N GLU B 268 16.80 -35.16 -46.84
CA GLU B 268 16.23 -35.89 -45.71
C GLU B 268 16.06 -35.01 -44.49
N LYS B 269 17.06 -34.17 -44.19
CA LYS B 269 16.98 -33.31 -43.02
C LYS B 269 16.05 -32.13 -43.23
N SER B 270 15.86 -31.70 -44.48
CA SER B 270 15.11 -30.48 -44.76
C SER B 270 13.63 -30.65 -44.42
N LEU B 271 13.02 -29.55 -44.01
CA LEU B 271 11.58 -29.52 -43.78
C LEU B 271 10.83 -29.43 -45.10
N THR B 272 9.62 -29.99 -45.11
CA THR B 272 8.77 -29.99 -46.29
C THR B 272 7.39 -29.52 -45.90
N GLY B 273 6.71 -28.87 -46.84
CA GLY B 273 5.37 -28.38 -46.60
C GLY B 273 5.28 -26.86 -46.60
N ALA B 274 4.48 -26.32 -45.66
CA ALA B 274 4.26 -24.89 -45.61
C ALA B 274 5.51 -24.10 -45.23
N PHE B 275 6.48 -24.76 -44.61
CA PHE B 275 7.70 -24.09 -44.14
C PHE B 275 8.85 -24.22 -45.13
N ALA B 276 8.55 -24.32 -46.42
CA ALA B 276 9.57 -24.47 -47.44
C ALA B 276 10.21 -23.11 -47.72
N GLY B 277 10.98 -23.04 -48.81
CA GLY B 277 11.66 -21.81 -49.16
C GLY B 277 10.85 -20.92 -50.09
N ASP B 278 11.25 -19.65 -50.12
CA ASP B 278 10.72 -18.58 -50.97
C ASP B 278 9.31 -18.17 -50.60
N ASP B 279 8.63 -18.88 -49.70
CA ASP B 279 7.30 -18.48 -49.25
C ASP B 279 7.16 -18.64 -47.73
N VAL B 280 8.26 -18.81 -47.00
CA VAL B 280 8.17 -19.02 -45.57
C VAL B 280 7.70 -17.76 -44.86
N TRP B 281 8.15 -16.59 -45.32
CA TRP B 281 7.80 -15.34 -44.65
C TRP B 281 6.31 -15.05 -44.69
N GLN B 282 5.56 -15.69 -45.59
CA GLN B 282 4.11 -15.53 -45.63
C GLN B 282 3.39 -16.39 -44.61
N ASN B 283 4.06 -17.37 -44.01
CA ASN B 283 3.43 -18.30 -43.08
C ASN B 283 3.75 -18.00 -41.63
N VAL B 284 4.39 -16.87 -41.35
CA VAL B 284 4.80 -16.51 -39.99
C VAL B 284 4.23 -15.15 -39.65
N LEU B 285 3.57 -15.05 -38.51
CA LEU B 285 3.01 -13.80 -38.01
C LEU B 285 3.59 -13.52 -36.62
N VAL B 286 3.99 -12.28 -36.37
CA VAL B 286 4.62 -11.89 -35.12
C VAL B 286 3.70 -10.91 -34.41
N CYS B 287 3.29 -11.26 -33.20
CA CYS B 287 2.41 -10.42 -32.39
C CYS B 287 3.23 -9.80 -31.27
N ILE B 288 3.26 -8.48 -31.22
CA ILE B 288 3.95 -7.74 -30.17
C ILE B 288 2.88 -7.14 -29.27
N VAL B 289 2.74 -7.68 -28.06
CA VAL B 289 1.67 -7.30 -27.16
C VAL B 289 2.28 -6.44 -26.06
N ALA B 290 2.12 -5.13 -26.16
CA ALA B 290 2.57 -4.25 -25.10
C ALA B 290 1.62 -4.34 -23.90
N ASP B 291 2.12 -3.92 -22.75
CA ASP B 291 1.38 -4.11 -21.50
C ASP B 291 0.65 -2.86 -21.03
N GLY B 292 1.13 -1.68 -21.37
CA GLY B 292 0.44 -0.46 -20.97
C GLY B 292 0.99 0.78 -21.63
N ARG B 293 0.10 1.60 -22.20
CA ARG B 293 0.55 2.80 -22.89
C ARG B 293 1.19 3.81 -21.97
N GLU B 294 0.90 3.73 -20.66
CA GLU B 294 1.48 4.67 -19.70
C GLU B 294 2.89 4.27 -19.27
N GLN B 295 3.32 3.05 -19.57
CA GLN B 295 4.61 2.55 -19.11
C GLN B 295 5.62 2.29 -20.22
N VAL B 296 5.20 2.37 -21.49
CA VAL B 296 6.13 2.11 -22.59
C VAL B 296 7.21 3.19 -22.60
N HIS B 297 8.45 2.76 -22.77
CA HIS B 297 9.56 3.69 -22.84
C HIS B 297 9.41 4.60 -24.06
N PRO B 298 9.54 5.92 -23.89
CA PRO B 298 9.31 6.82 -25.05
C PRO B 298 10.23 6.53 -26.22
N LYS B 299 11.48 6.15 -25.98
CA LYS B 299 12.36 5.79 -27.07
C LYS B 299 11.86 4.55 -27.81
N THR B 300 11.24 3.62 -27.09
CA THR B 300 10.65 2.47 -27.75
C THR B 300 9.52 2.89 -28.69
N LEU B 301 8.69 3.83 -28.24
CA LEU B 301 7.62 4.33 -29.11
C LEU B 301 8.21 5.03 -30.34
N ASP B 302 9.27 5.82 -30.15
CA ASP B 302 9.91 6.47 -31.28
C ASP B 302 10.46 5.45 -32.27
N TYR B 303 11.10 4.40 -31.77
CA TYR B 303 11.64 3.37 -32.66
C TYR B 303 10.51 2.65 -33.40
N LEU B 304 9.40 2.36 -32.71
CA LEU B 304 8.27 1.73 -33.38
C LEU B 304 7.70 2.64 -34.46
N GLU B 305 7.62 3.94 -34.19
CA GLU B 305 7.15 4.88 -35.19
C GLU B 305 8.11 4.95 -36.38
N ALA B 306 9.40 4.73 -36.13
CA ALA B 306 10.38 4.75 -37.22
C ALA B 306 10.12 3.64 -38.22
N ILE B 307 9.79 2.44 -37.75
CA ILE B 307 9.62 1.29 -38.64
C ILE B 307 8.19 1.21 -39.13
N GLY B 308 7.39 2.24 -38.84
CA GLY B 308 6.02 2.28 -39.33
C GLY B 308 5.09 1.34 -38.58
N LEU B 309 5.04 1.49 -37.26
CA LEU B 309 4.16 0.65 -36.45
C LEU B 309 3.46 1.44 -35.35
N TYR B 310 3.56 2.76 -35.36
CA TYR B 310 2.93 3.59 -34.34
C TYR B 310 2.81 5.01 -34.86
N ASP B 311 1.72 5.67 -34.47
CA ASP B 311 1.49 7.07 -34.84
C ASP B 311 0.56 7.67 -33.80
N GLU B 312 1.00 8.73 -33.13
CA GLU B 312 0.26 9.24 -31.99
C GLU B 312 -1.00 9.99 -32.41
N ASP B 313 -0.93 10.75 -33.51
CA ASP B 313 -2.08 11.54 -33.94
C ASP B 313 -3.25 10.63 -34.31
N LEU B 314 -2.98 9.55 -35.05
CA LEU B 314 -4.04 8.63 -35.44
C LEU B 314 -4.68 7.99 -34.22
N LEU B 315 -3.86 7.57 -33.25
CA LEU B 315 -4.39 6.96 -32.03
C LEU B 315 -5.24 7.96 -31.25
N THR B 316 -4.78 9.21 -31.16
CA THR B 316 -5.53 10.21 -30.39
C THR B 316 -6.86 10.54 -31.06
N ILE B 317 -6.87 10.66 -32.38
CA ILE B 317 -8.08 11.10 -33.07
C ILE B 317 -9.09 9.96 -33.17
N ASN B 318 -8.66 8.79 -33.65
CA ASN B 318 -9.60 7.72 -33.96
C ASN B 318 -10.12 6.97 -32.74
N SER B 319 -9.49 7.15 -31.58
CA SER B 319 -9.92 6.47 -30.36
C SER B 319 -10.67 7.39 -29.41
N ALA B 320 -11.18 8.52 -29.90
CA ALA B 320 -11.77 9.52 -29.02
C ALA B 320 -13.06 9.02 -28.36
N GLY B 321 -13.98 8.50 -29.16
CA GLY B 321 -15.29 8.14 -28.64
C GLY B 321 -15.47 6.67 -28.32
N ILE B 322 -14.64 5.81 -28.90
CA ILE B 322 -14.85 4.37 -28.76
C ILE B 322 -14.62 3.91 -27.33
N GLY B 323 -13.63 4.48 -26.65
CA GLY B 323 -13.26 3.98 -25.34
C GLY B 323 -12.66 2.59 -25.44
N ALA B 324 -11.69 2.45 -26.34
CA ALA B 324 -11.13 1.14 -26.67
C ALA B 324 -10.34 0.54 -25.51
N GLN B 325 -10.40 -0.79 -25.40
CA GLN B 325 -9.57 -1.50 -24.44
C GLN B 325 -8.12 -1.58 -24.90
N CYS B 326 -7.90 -1.83 -26.19
CA CYS B 326 -6.55 -1.86 -26.74
C CYS B 326 -6.61 -1.50 -28.22
N HIS B 327 -5.53 -0.91 -28.71
CA HIS B 327 -5.42 -0.48 -30.10
C HIS B 327 -4.38 -1.31 -30.81
N LEU B 328 -4.71 -1.82 -32.00
CA LEU B 328 -3.80 -2.69 -32.73
C LEU B 328 -3.43 -2.08 -34.07
N PHE B 329 -2.13 -2.03 -34.33
CA PHE B 329 -1.54 -1.62 -35.60
C PHE B 329 -1.04 -2.86 -36.33
N GLU B 330 -1.12 -2.82 -37.66
CA GLU B 330 -0.72 -3.95 -38.49
C GLU B 330 0.16 -3.45 -39.63
N HIS B 331 1.26 -4.17 -39.87
CA HIS B 331 2.17 -3.78 -40.95
C HIS B 331 3.07 -4.95 -41.30
N THR B 332 3.44 -5.03 -42.58
CA THR B 332 4.41 -6.02 -43.05
C THR B 332 5.76 -5.32 -43.13
N LEU B 333 6.44 -5.25 -41.98
CA LEU B 333 7.60 -4.39 -41.86
C LEU B 333 8.80 -4.96 -42.61
N GLN B 334 9.60 -4.06 -43.16
CA GLN B 334 10.85 -4.38 -43.82
C GLN B 334 11.99 -3.75 -43.04
N LEU B 335 12.95 -4.56 -42.62
CA LEU B 335 14.08 -4.10 -41.83
C LEU B 335 15.37 -4.25 -42.60
N SER B 336 16.26 -3.26 -42.47
CA SER B 336 17.55 -3.26 -43.12
C SER B 336 18.64 -3.07 -42.08
N VAL B 337 19.64 -3.93 -42.09
CA VAL B 337 20.77 -3.85 -41.18
C VAL B 337 22.04 -3.74 -42.01
N ASN B 338 22.72 -2.60 -41.89
CA ASN B 338 23.95 -2.31 -42.63
C ASN B 338 23.63 -2.44 -44.12
N GLY B 339 24.42 -3.18 -44.90
CA GLY B 339 24.15 -3.39 -46.30
C GLY B 339 23.26 -4.55 -46.62
N LYS B 340 22.74 -5.25 -45.61
CA LYS B 340 21.88 -6.41 -45.82
C LYS B 340 20.43 -6.05 -45.54
N CYS B 341 19.54 -6.50 -46.41
CA CYS B 341 18.11 -6.27 -46.27
C CYS B 341 17.45 -7.55 -45.76
N LEU B 342 16.88 -7.47 -44.56
CA LEU B 342 16.22 -8.62 -43.97
C LEU B 342 14.89 -8.90 -44.65
N LEU B 343 14.40 -10.12 -44.48
CA LEU B 343 13.13 -10.51 -45.08
C LEU B 343 11.97 -9.77 -44.42
N PRO B 344 10.88 -9.54 -45.15
CA PRO B 344 9.72 -8.89 -44.54
C PRO B 344 9.10 -9.74 -43.45
N ILE B 345 8.56 -9.07 -42.43
CA ILE B 345 7.94 -9.74 -41.30
C ILE B 345 6.54 -9.17 -41.13
N GLN B 346 5.54 -10.05 -41.14
CA GLN B 346 4.17 -9.65 -40.85
C GLN B 346 4.04 -9.43 -39.34
N THR B 347 3.66 -8.21 -38.94
CA THR B 347 3.68 -7.85 -37.53
C THR B 347 2.37 -7.18 -37.14
N VAL B 348 1.87 -7.57 -35.97
CA VAL B 348 0.69 -6.98 -35.37
C VAL B 348 1.08 -6.49 -33.99
N PHE B 349 1.04 -5.17 -33.78
CA PHE B 349 1.41 -4.57 -32.51
C PHE B 349 0.13 -4.17 -31.78
N ALA B 350 -0.16 -4.86 -30.68
CA ALA B 350 -1.35 -4.61 -29.88
C ALA B 350 -0.93 -3.91 -28.60
N LEU B 351 -1.34 -2.66 -28.45
CA LEU B 351 -1.00 -1.84 -27.29
C LEU B 351 -2.23 -1.71 -26.42
N LYS B 352 -2.11 -2.14 -25.16
CA LYS B 352 -3.23 -2.13 -24.23
C LYS B 352 -3.26 -0.82 -23.47
N GLU B 353 -4.47 -0.32 -23.23
CA GLU B 353 -4.64 0.99 -22.59
C GLU B 353 -4.19 0.96 -21.14
N ASN B 354 -4.64 -0.04 -20.38
CA ASN B 354 -4.35 -0.14 -18.96
C ASN B 354 -3.34 -1.25 -18.69
N LYS B 355 -2.61 -1.11 -17.60
CA LYS B 355 -1.63 -2.11 -17.22
C LYS B 355 -2.32 -3.37 -16.70
N ALA B 356 -1.73 -4.52 -17.02
CA ALA B 356 -2.21 -5.80 -16.53
C ALA B 356 -1.03 -6.75 -16.46
N SER B 357 -1.29 -7.99 -16.06
CA SER B 357 -0.23 -8.97 -15.95
C SER B 357 0.15 -9.53 -17.32
N LYS B 358 1.32 -10.16 -17.38
CA LYS B 358 1.73 -10.84 -18.61
C LYS B 358 0.75 -11.93 -18.99
N LEU B 359 0.14 -12.58 -18.00
CA LEU B 359 -0.89 -13.56 -18.27
C LEU B 359 -2.05 -12.96 -19.04
N ASP B 360 -2.35 -11.67 -18.80
CA ASP B 360 -3.38 -10.99 -19.57
C ASP B 360 -2.96 -10.82 -21.03
N SER B 361 -1.69 -10.51 -21.26
CA SER B 361 -1.19 -10.43 -22.63
C SER B 361 -1.32 -11.77 -23.34
N HIS B 362 -0.97 -12.86 -22.64
CA HIS B 362 -1.15 -14.19 -23.23
C HIS B 362 -2.62 -14.50 -23.44
N HIS B 363 -3.49 -14.03 -22.55
CA HIS B 363 -4.93 -14.18 -22.75
C HIS B 363 -5.36 -13.55 -24.06
N TRP B 364 -4.98 -12.29 -24.27
CA TRP B 364 -5.38 -11.62 -25.51
C TRP B 364 -4.82 -12.35 -26.72
N TYR B 365 -3.51 -12.62 -26.70
CA TYR B 365 -2.85 -13.29 -27.82
C TYR B 365 -3.53 -14.61 -28.13
N PHE B 366 -3.48 -15.56 -27.19
CA PHE B 366 -4.05 -16.88 -27.42
C PHE B 366 -5.50 -16.76 -27.87
N ASN B 367 -6.39 -16.26 -27.00
CA ASN B 367 -7.81 -16.28 -27.33
C ASN B 367 -8.07 -15.59 -28.67
N ALA B 368 -7.86 -14.28 -28.75
CA ALA B 368 -8.30 -13.57 -29.94
C ALA B 368 -7.57 -14.08 -31.19
N PHE B 369 -6.23 -13.98 -31.20
CA PHE B 369 -5.54 -14.21 -32.45
C PHE B 369 -5.49 -15.68 -32.83
N ALA B 370 -5.28 -16.58 -31.87
CA ALA B 370 -5.27 -18.00 -32.20
C ALA B 370 -6.66 -18.46 -32.64
N GLU B 371 -7.72 -18.04 -31.94
CA GLU B 371 -9.05 -18.49 -32.32
C GLU B 371 -9.43 -17.98 -33.70
N GLN B 372 -8.99 -16.77 -34.06
CA GLN B 372 -9.31 -16.28 -35.39
C GLN B 372 -8.46 -16.97 -36.46
N ILE B 373 -7.13 -16.89 -36.32
CA ILE B 373 -6.25 -17.39 -37.37
C ILE B 373 -6.28 -18.91 -37.45
N GLN B 374 -6.36 -19.58 -36.29
CA GLN B 374 -6.30 -21.04 -36.19
C GLN B 374 -4.98 -21.55 -36.73
N PRO B 375 -3.87 -21.30 -36.06
CA PRO B 375 -2.55 -21.72 -36.56
C PRO B 375 -2.32 -23.20 -36.27
N GLU B 376 -1.12 -23.65 -36.60
CA GLU B 376 -0.68 -25.01 -36.29
C GLU B 376 0.25 -25.04 -35.08
N TYR B 377 1.24 -24.15 -35.04
CA TYR B 377 2.16 -24.04 -33.92
C TYR B 377 2.08 -22.63 -33.33
N THR B 378 2.38 -22.55 -32.04
CA THR B 378 2.31 -21.28 -31.31
C THR B 378 3.55 -21.16 -30.43
N ALA B 379 4.41 -20.20 -30.73
CA ALA B 379 5.66 -20.01 -30.01
C ALA B 379 5.56 -18.79 -29.11
N VAL B 380 6.15 -18.89 -27.92
CA VAL B 380 6.10 -17.82 -26.92
C VAL B 380 7.52 -17.50 -26.50
N MET B 381 7.85 -16.22 -26.49
CA MET B 381 9.15 -15.73 -26.05
C MET B 381 8.97 -14.35 -25.43
N ASP B 382 9.99 -13.91 -24.70
CA ASP B 382 9.99 -12.57 -24.13
C ASP B 382 10.68 -11.62 -25.11
N VAL B 383 10.94 -10.39 -24.66
CA VAL B 383 11.63 -9.39 -25.46
C VAL B 383 13.09 -9.36 -25.03
N GLY B 384 13.99 -9.34 -26.01
CA GLY B 384 15.41 -9.42 -25.76
C GLY B 384 16.01 -10.79 -25.95
N THR B 385 15.17 -11.83 -26.03
CA THR B 385 15.64 -13.18 -26.30
C THR B 385 16.18 -13.25 -27.72
N MET B 386 17.49 -13.43 -27.85
CA MET B 386 18.15 -13.45 -29.14
C MET B 386 18.39 -14.91 -29.55
N LEU B 387 17.72 -15.34 -30.62
CA LEU B 387 17.80 -16.72 -31.06
C LEU B 387 18.96 -16.91 -32.02
N THR B 388 19.49 -18.13 -32.07
CA THR B 388 20.48 -18.48 -33.06
C THR B 388 19.81 -18.71 -34.42
N LYS B 389 20.61 -18.95 -35.45
CA LYS B 389 20.08 -19.08 -36.79
C LYS B 389 19.32 -20.37 -37.03
N SER B 390 19.36 -21.32 -36.10
CA SER B 390 18.78 -22.65 -36.32
C SER B 390 17.74 -23.05 -35.28
N ALA B 391 17.30 -22.11 -34.44
CA ALA B 391 16.35 -22.47 -33.39
C ALA B 391 15.01 -22.89 -33.96
N LEU B 392 14.44 -22.06 -34.85
CA LEU B 392 13.14 -22.37 -35.43
C LEU B 392 13.19 -23.66 -36.24
N TYR B 393 14.28 -23.88 -36.98
CA TYR B 393 14.40 -25.10 -37.77
C TYR B 393 14.37 -26.33 -36.88
N HIS B 394 15.12 -26.31 -35.78
CA HIS B 394 15.15 -27.47 -34.89
C HIS B 394 13.81 -27.69 -34.21
N LEU B 395 13.16 -26.62 -33.75
CA LEU B 395 11.85 -26.77 -33.14
C LEU B 395 10.84 -27.37 -34.10
N LEU B 396 10.76 -26.82 -35.31
CA LEU B 396 9.81 -27.33 -36.30
C LEU B 396 10.16 -28.76 -36.71
N PHE B 397 11.45 -29.08 -36.82
CA PHE B 397 11.85 -30.43 -37.18
C PHE B 397 11.39 -31.42 -36.13
N ALA B 398 11.59 -31.10 -34.84
CA ALA B 398 11.14 -31.99 -33.78
C ALA B 398 9.63 -32.15 -33.82
N PHE B 399 8.90 -31.04 -33.97
CA PHE B 399 7.44 -31.10 -33.98
C PHE B 399 6.92 -31.94 -35.14
N GLU B 400 7.52 -31.79 -36.31
CA GLU B 400 7.04 -32.53 -37.49
C GLU B 400 7.41 -34.00 -37.42
N ARG B 401 8.63 -34.32 -36.97
CA ARG B 401 9.07 -35.71 -37.00
C ARG B 401 8.41 -36.54 -35.90
N ASN B 402 8.30 -35.99 -34.69
CA ASN B 402 7.86 -36.85 -33.58
C ASN B 402 6.35 -37.09 -33.61
N HIS B 403 5.56 -36.02 -33.73
CA HIS B 403 4.11 -36.08 -33.86
C HIS B 403 3.42 -36.49 -32.57
N GLN B 404 4.18 -36.83 -31.53
CA GLN B 404 3.63 -37.05 -30.21
C GLN B 404 3.89 -35.89 -29.27
N ILE B 405 4.60 -34.86 -29.74
CA ILE B 405 5.02 -33.75 -28.89
C ILE B 405 3.90 -32.72 -28.84
N GLY B 406 3.45 -32.41 -27.63
CA GLY B 406 2.46 -31.37 -27.45
C GLY B 406 3.08 -30.05 -27.03
N GLY B 407 4.37 -30.09 -26.72
CA GLY B 407 5.09 -28.89 -26.34
C GLY B 407 6.59 -29.09 -26.29
N ALA B 408 7.35 -28.04 -26.55
CA ALA B 408 8.80 -28.12 -26.56
C ALA B 408 9.38 -26.83 -25.99
N CYS B 409 10.61 -26.94 -25.50
CA CYS B 409 11.33 -25.80 -24.96
C CYS B 409 12.78 -25.87 -25.38
N GLY B 410 13.35 -24.71 -25.74
CA GLY B 410 14.72 -24.63 -26.16
C GLY B 410 15.67 -24.36 -25.00
N GLN B 411 16.95 -24.35 -25.34
CA GLN B 411 17.99 -24.08 -24.35
C GLN B 411 18.09 -22.59 -24.07
N LEU B 412 18.24 -22.24 -22.81
CA LEU B 412 18.40 -20.86 -22.37
C LEU B 412 19.85 -20.61 -21.98
N THR B 413 20.43 -19.53 -22.48
CA THR B 413 21.85 -19.26 -22.28
C THR B 413 22.03 -17.79 -21.91
N VAL B 414 23.22 -17.45 -21.44
CA VAL B 414 23.58 -16.08 -21.09
C VAL B 414 24.40 -15.50 -22.23
N ASP B 415 24.03 -14.31 -22.69
CA ASP B 415 24.74 -13.65 -23.77
C ASP B 415 26.11 -13.16 -23.28
N ASN B 416 27.15 -13.44 -24.07
CA ASN B 416 28.52 -13.06 -23.78
C ASN B 416 28.96 -13.56 -22.41
N PRO B 417 29.07 -14.88 -22.20
CA PRO B 417 29.53 -15.36 -20.90
C PRO B 417 31.02 -15.16 -20.68
N PHE B 418 31.85 -15.43 -21.69
CA PHE B 418 33.29 -15.33 -21.53
C PHE B 418 33.72 -13.88 -21.29
N GLU B 419 33.11 -12.94 -22.00
CA GLU B 419 33.35 -11.53 -21.72
C GLU B 419 32.81 -11.18 -20.34
N ASN B 420 33.42 -10.17 -19.72
CA ASN B 420 33.06 -9.75 -18.36
C ASN B 420 33.20 -10.91 -17.38
N LEU B 421 34.25 -11.70 -17.55
CA LEU B 421 34.50 -12.84 -16.66
C LEU B 421 34.87 -12.39 -15.26
N SER B 422 35.27 -11.13 -15.08
CA SER B 422 35.58 -10.63 -13.74
C SER B 422 34.34 -10.54 -12.86
N ASN B 423 33.16 -10.47 -13.44
CA ASN B 423 31.93 -10.38 -12.65
C ASN B 423 31.53 -11.77 -12.17
N TRP B 424 31.37 -11.92 -10.86
CA TRP B 424 31.09 -13.23 -10.29
C TRP B 424 29.64 -13.64 -10.50
N VAL B 425 28.71 -12.68 -10.46
CA VAL B 425 27.29 -13.01 -10.59
C VAL B 425 26.99 -13.59 -11.97
N ILE B 426 27.55 -12.97 -13.02
CA ILE B 426 27.27 -13.44 -14.38
C ILE B 426 27.82 -14.85 -14.58
N SER B 427 29.03 -15.12 -14.08
CA SER B 427 29.60 -16.45 -14.23
C SER B 427 28.81 -17.49 -13.42
N ALA B 428 28.38 -17.11 -12.22
CA ALA B 428 27.56 -18.03 -11.43
C ALA B 428 26.26 -18.36 -12.15
N GLN B 429 25.61 -17.35 -12.74
CA GLN B 429 24.37 -17.59 -13.46
C GLN B 429 24.61 -18.44 -14.69
N HIS B 430 25.73 -18.23 -15.38
CA HIS B 430 26.04 -19.06 -16.55
C HIS B 430 26.22 -20.52 -16.15
N PHE B 431 26.96 -20.77 -15.08
CA PHE B 431 27.13 -22.14 -14.61
C PHE B 431 25.80 -22.75 -14.20
N GLU B 432 24.97 -21.98 -13.49
CA GLU B 432 23.67 -22.49 -13.07
C GLU B 432 22.80 -22.85 -14.27
N TYR B 433 22.76 -21.98 -15.28
CA TYR B 433 21.96 -22.26 -16.46
C TYR B 433 22.43 -23.51 -17.18
N LYS B 434 23.76 -23.64 -17.37
CA LYS B 434 24.26 -24.82 -18.08
C LYS B 434 23.96 -26.11 -17.32
N ILE B 435 24.23 -26.12 -16.02
CA ILE B 435 24.01 -27.34 -15.24
C ILE B 435 22.53 -27.68 -15.18
N SER B 436 21.68 -26.68 -14.94
CA SER B 436 20.25 -26.93 -14.88
C SER B 436 19.76 -27.50 -16.20
N ASN B 437 20.09 -26.84 -17.31
CA ASN B 437 19.66 -27.34 -18.61
C ASN B 437 20.09 -28.78 -18.79
N ILE B 438 21.40 -29.04 -18.76
CA ILE B 438 21.90 -30.38 -19.04
C ILE B 438 21.21 -31.40 -18.13
N LEU B 439 21.51 -31.36 -16.83
CA LEU B 439 21.09 -32.43 -15.95
C LEU B 439 19.56 -32.50 -15.85
N ASP B 440 18.93 -31.41 -15.37
CA ASP B 440 17.52 -31.49 -15.06
C ASP B 440 16.68 -31.63 -16.32
N LYS B 441 16.96 -30.82 -17.35
CA LYS B 441 16.15 -30.89 -18.56
C LYS B 441 16.29 -32.24 -19.24
N SER B 442 17.50 -32.80 -19.31
CA SER B 442 17.65 -34.11 -19.94
C SER B 442 16.91 -35.18 -19.14
N LEU B 443 17.07 -35.17 -17.81
CA LEU B 443 16.40 -36.19 -17.01
C LEU B 443 14.89 -36.11 -17.14
N GLU B 444 14.34 -34.89 -17.12
CA GLU B 444 12.89 -34.75 -17.23
C GLU B 444 12.39 -35.07 -18.63
N SER B 445 13.18 -34.73 -19.66
CA SER B 445 12.76 -34.96 -21.03
C SER B 445 12.84 -36.44 -21.41
N CYS B 446 13.63 -37.24 -20.70
CA CYS B 446 13.64 -38.67 -20.96
C CYS B 446 12.26 -39.27 -20.70
N PHE B 447 11.58 -38.84 -19.64
CA PHE B 447 10.27 -39.34 -19.30
C PHE B 447 9.14 -38.62 -20.03
N GLY B 448 9.45 -37.60 -20.82
CA GLY B 448 8.42 -36.83 -21.50
C GLY B 448 7.57 -35.97 -20.59
N PHE B 449 8.19 -35.29 -19.62
CA PHE B 449 7.49 -34.33 -18.77
C PHE B 449 8.49 -33.29 -18.32
N ILE B 450 8.26 -32.03 -18.68
CA ILE B 450 9.24 -30.97 -18.47
C ILE B 450 8.60 -29.84 -17.67
N SER B 451 9.34 -29.32 -16.69
CA SER B 451 8.99 -28.09 -15.99
C SER B 451 9.77 -26.95 -16.65
N VAL B 452 9.07 -26.09 -17.38
CA VAL B 452 9.73 -25.07 -18.19
C VAL B 452 10.31 -23.99 -17.29
N LEU B 453 11.55 -23.62 -17.55
CA LEU B 453 12.16 -22.50 -16.84
C LEU B 453 11.43 -21.20 -17.20
N PRO B 454 11.13 -20.36 -16.22
CA PRO B 454 10.47 -19.08 -16.52
C PRO B 454 11.35 -18.21 -17.40
N GLY B 455 10.72 -17.48 -18.32
CA GLY B 455 11.43 -16.62 -19.25
C GLY B 455 12.01 -17.34 -20.44
N ALA B 456 11.84 -18.64 -20.56
CA ALA B 456 12.41 -19.39 -21.65
C ALA B 456 11.62 -19.18 -22.94
N PHE B 457 12.21 -19.63 -24.05
CA PHE B 457 11.57 -19.57 -25.36
C PHE B 457 10.94 -20.93 -25.63
N SER B 458 9.62 -21.00 -25.58
CA SER B 458 8.92 -22.27 -25.66
C SER B 458 7.97 -22.29 -26.86
N ALA B 459 7.45 -23.47 -27.17
CA ALA B 459 6.52 -23.61 -28.27
C ALA B 459 5.53 -24.72 -27.95
N TYR B 460 4.34 -24.60 -28.53
CA TYR B 460 3.32 -25.63 -28.45
C TYR B 460 2.70 -25.78 -29.83
N ARG B 461 1.80 -26.73 -29.97
CA ARG B 461 0.97 -26.83 -31.15
C ARG B 461 -0.47 -26.53 -30.76
N TYR B 462 -1.15 -25.72 -31.57
CA TYR B 462 -2.49 -25.29 -31.19
C TYR B 462 -3.50 -26.38 -31.48
N GLU B 463 -3.18 -27.59 -31.03
CA GLU B 463 -4.12 -28.71 -31.02
C GLU B 463 -4.18 -29.43 -29.68
N ALA B 464 -3.12 -29.38 -28.88
CA ALA B 464 -3.14 -29.96 -27.54
C ALA B 464 -3.53 -28.96 -26.47
N ILE B 465 -3.51 -27.66 -26.78
CA ILE B 465 -3.89 -26.63 -25.84
C ILE B 465 -5.20 -25.97 -26.26
N ARG B 466 -5.99 -26.65 -27.08
CA ARG B 466 -7.19 -26.03 -27.65
C ARG B 466 -8.22 -25.72 -26.56
N GLY B 467 -8.48 -26.66 -25.67
CA GLY B 467 -9.60 -26.54 -24.75
C GLY B 467 -9.24 -26.39 -23.28
N ALA B 468 -9.34 -27.49 -22.55
CA ALA B 468 -9.17 -27.45 -21.09
C ALA B 468 -7.83 -26.88 -20.63
N PRO B 469 -6.68 -27.19 -21.25
CA PRO B 469 -5.42 -26.61 -20.74
C PRO B 469 -5.43 -25.09 -20.69
N LEU B 470 -6.00 -24.42 -21.68
CA LEU B 470 -6.06 -22.96 -21.64
C LEU B 470 -7.03 -22.46 -20.57
N ASP B 471 -8.12 -23.20 -20.34
CA ASP B 471 -9.02 -22.82 -19.25
C ASP B 471 -8.31 -22.89 -17.90
N ALA B 472 -7.52 -23.95 -17.69
CA ALA B 472 -6.72 -24.04 -16.47
C ALA B 472 -5.68 -22.93 -16.42
N TYR B 473 -5.13 -22.57 -17.57
CA TYR B 473 -4.13 -21.50 -17.64
C TYR B 473 -4.72 -20.17 -17.21
N PHE B 474 -5.94 -19.86 -17.67
CA PHE B 474 -6.55 -18.55 -17.48
C PHE B 474 -7.57 -18.52 -16.35
N GLN B 475 -7.68 -19.59 -15.56
CA GLN B 475 -8.59 -19.59 -14.42
C GLN B 475 -8.35 -18.41 -13.49
N THR B 476 -7.09 -17.99 -13.33
CA THR B 476 -6.82 -16.85 -12.46
C THR B 476 -7.44 -15.57 -12.99
N LEU B 477 -7.36 -15.35 -14.30
CA LEU B 477 -7.99 -14.17 -14.88
C LEU B 477 -9.51 -14.27 -14.87
N ASN B 478 -10.05 -15.49 -14.99
CA ASN B 478 -11.50 -15.64 -15.02
C ASN B 478 -12.13 -15.36 -13.66
N ILE B 479 -11.50 -15.81 -12.58
CA ILE B 479 -12.05 -15.71 -11.24
C ILE B 479 -11.11 -14.88 -10.38
N GLU B 480 -11.68 -13.91 -9.65
CA GLU B 480 -10.87 -13.05 -8.80
C GLU B 480 -10.23 -13.85 -7.67
N LEU B 481 -9.11 -13.31 -7.17
CA LEU B 481 -8.30 -14.03 -6.19
C LEU B 481 -9.02 -14.29 -4.88
N ASP B 482 -10.05 -13.51 -4.56
CA ASP B 482 -10.73 -13.67 -3.27
C ASP B 482 -11.37 -15.04 -3.16
N VAL B 483 -12.00 -15.53 -4.24
CA VAL B 483 -12.61 -16.84 -4.22
C VAL B 483 -11.54 -17.94 -4.19
N LEU B 484 -10.50 -17.79 -5.01
CA LEU B 484 -9.48 -18.83 -5.10
C LEU B 484 -8.68 -18.94 -3.81
N GLY B 485 -8.18 -17.81 -3.31
CA GLY B 485 -7.35 -17.81 -2.13
C GLY B 485 -5.91 -17.45 -2.46
N PRO B 486 -5.01 -17.60 -1.48
CA PRO B 486 -3.62 -17.26 -1.71
C PRO B 486 -2.81 -18.37 -2.37
N PHE B 487 -3.18 -19.63 -2.09
CA PHE B 487 -2.45 -20.76 -2.66
C PHE B 487 -2.55 -20.74 -4.18
N ILE B 488 -3.76 -20.52 -4.71
CA ILE B 488 -3.95 -20.54 -6.16
C ILE B 488 -3.23 -19.38 -6.81
N GLY B 489 -3.28 -18.19 -6.20
CA GLY B 489 -2.56 -17.05 -6.76
C GLY B 489 -1.06 -17.27 -6.80
N ASN B 490 -0.50 -17.79 -5.72
CA ASN B 490 0.93 -18.08 -5.70
C ASN B 490 1.28 -19.17 -6.71
N MET B 491 0.41 -20.16 -6.87
CA MET B 491 0.64 -21.20 -7.86
C MET B 491 0.67 -20.62 -9.27
N TYR B 492 -0.27 -19.75 -9.59
CA TYR B 492 -0.35 -19.19 -10.93
C TYR B 492 0.59 -18.01 -11.14
N LEU B 493 1.32 -17.59 -10.10
CA LEU B 493 2.38 -16.62 -10.30
C LEU B 493 3.36 -17.06 -11.38
N ALA B 494 3.58 -18.36 -11.51
CA ALA B 494 4.29 -18.94 -12.65
C ALA B 494 3.41 -20.07 -13.17
N ALA B 495 2.57 -19.75 -14.15
CA ALA B 495 1.53 -20.67 -14.63
C ALA B 495 1.93 -21.41 -15.89
N ASP B 496 3.19 -21.30 -16.33
CA ASP B 496 3.63 -22.09 -17.47
C ASP B 496 3.68 -23.57 -17.13
N ARG B 497 4.12 -23.90 -15.91
CA ARG B 497 4.14 -25.29 -15.48
C ARG B 497 2.74 -25.87 -15.40
N ILE B 498 1.76 -25.05 -15.04
CA ILE B 498 0.37 -25.50 -15.04
C ILE B 498 -0.05 -25.92 -16.44
N LEU B 499 0.29 -25.09 -17.43
CA LEU B 499 -0.04 -25.43 -18.81
C LEU B 499 0.67 -26.70 -19.26
N SER B 500 1.95 -26.85 -18.89
CA SER B 500 2.69 -28.06 -19.26
C SER B 500 2.04 -29.30 -18.67
N PHE B 501 1.69 -29.25 -17.38
CA PHE B 501 1.07 -30.41 -16.74
C PHE B 501 -0.28 -30.71 -17.37
N GLU B 502 -1.07 -29.68 -17.68
CA GLU B 502 -2.37 -29.91 -18.30
C GLU B 502 -2.21 -30.52 -19.68
N VAL B 503 -1.16 -30.13 -20.42
CA VAL B 503 -0.90 -30.74 -21.72
C VAL B 503 -0.57 -32.21 -21.55
N VAL B 504 0.29 -32.54 -20.58
CA VAL B 504 0.70 -33.93 -20.42
C VAL B 504 -0.46 -34.79 -19.93
N ALA B 505 -1.24 -34.28 -18.97
CA ALA B 505 -2.31 -35.04 -18.34
C ALA B 505 -3.68 -34.71 -18.92
N ARG B 506 -3.75 -34.42 -20.22
CA ARG B 506 -5.03 -34.06 -20.82
C ARG B 506 -5.92 -35.30 -20.97
N LYS B 507 -7.21 -35.11 -20.72
CA LYS B 507 -8.15 -36.23 -20.76
C LYS B 507 -8.35 -36.73 -22.18
N ASN B 508 -8.36 -38.07 -22.32
CA ASN B 508 -8.60 -38.76 -23.58
C ASN B 508 -7.53 -38.47 -24.64
N CYS B 509 -6.39 -37.91 -24.23
CA CYS B 509 -5.29 -37.64 -25.15
C CYS B 509 -3.97 -37.99 -24.48
N ASN B 510 -2.98 -38.33 -25.29
CA ASN B 510 -1.64 -38.68 -24.82
C ASN B 510 -0.63 -37.75 -25.47
N TRP B 511 -0.42 -36.59 -24.85
CA TRP B 511 0.54 -35.60 -25.31
C TRP B 511 1.72 -35.57 -24.36
N THR B 512 2.93 -35.63 -24.93
CA THR B 512 4.16 -35.53 -24.16
C THR B 512 4.93 -34.28 -24.56
N MET B 513 5.94 -33.96 -23.79
CA MET B 513 6.79 -32.80 -24.04
C MET B 513 8.19 -33.24 -24.41
N HIS B 514 9.00 -32.28 -24.87
CA HIS B 514 10.32 -32.59 -25.37
C HIS B 514 11.23 -31.39 -25.15
N TYR B 515 12.53 -31.66 -25.08
CA TYR B 515 13.55 -30.63 -24.89
C TYR B 515 14.52 -30.70 -26.06
N VAL B 516 14.71 -29.58 -26.73
CA VAL B 516 15.60 -29.51 -27.89
C VAL B 516 16.89 -28.81 -27.46
N LYS B 517 18.02 -29.50 -27.60
CA LYS B 517 19.29 -28.96 -27.13
C LYS B 517 19.83 -27.86 -28.05
N ASP B 518 19.48 -27.91 -29.33
CA ASP B 518 20.07 -27.02 -30.32
C ASP B 518 19.31 -25.71 -30.52
N ALA B 519 18.17 -25.54 -29.85
CA ALA B 519 17.42 -24.28 -29.94
C ALA B 519 17.94 -23.33 -28.86
N VAL B 520 19.05 -22.68 -29.19
CA VAL B 520 19.75 -21.83 -28.24
C VAL B 520 19.16 -20.43 -28.27
N ALA B 521 18.77 -19.92 -27.11
CA ALA B 521 18.24 -18.57 -26.97
C ALA B 521 19.03 -17.87 -25.87
N ARG B 522 19.63 -16.74 -26.20
CA ARG B 522 20.54 -16.04 -25.30
C ARG B 522 19.85 -14.81 -24.73
N THR B 523 19.78 -14.74 -23.40
CA THR B 523 19.17 -13.62 -22.71
C THR B 523 20.25 -12.71 -22.13
N ASP B 524 19.83 -11.70 -21.36
CA ASP B 524 20.73 -10.73 -20.74
C ASP B 524 20.42 -10.70 -19.25
N VAL B 525 21.17 -11.47 -18.47
CA VAL B 525 20.92 -11.66 -17.05
C VAL B 525 21.32 -10.41 -16.27
N PRO B 526 20.75 -10.18 -15.09
CA PRO B 526 21.14 -9.01 -14.30
C PRO B 526 22.59 -9.11 -13.82
N HIS B 527 23.22 -7.95 -13.68
CA HIS B 527 24.62 -7.85 -13.28
C HIS B 527 24.81 -7.56 -11.81
N ASP B 528 23.74 -7.44 -11.04
CA ASP B 528 23.82 -7.09 -9.63
C ASP B 528 23.09 -8.12 -8.79
N LEU B 529 23.41 -8.13 -7.49
CA LEU B 529 22.81 -9.10 -6.59
C LEU B 529 21.35 -8.82 -6.33
N VAL B 530 20.93 -7.55 -6.33
CA VAL B 530 19.57 -7.19 -5.92
C VAL B 530 18.56 -7.57 -7.00
N GLY B 531 18.85 -7.27 -8.26
CA GLY B 531 17.98 -7.70 -9.33
C GLY B 531 17.88 -9.21 -9.41
N LEU B 532 19.00 -9.89 -9.19
CA LEU B 532 18.99 -11.35 -9.12
C LEU B 532 18.10 -11.82 -7.98
N ILE B 533 18.14 -11.12 -6.85
CA ILE B 533 17.32 -11.50 -5.70
C ILE B 533 15.84 -11.41 -6.05
N SER B 534 15.43 -10.31 -6.68
CA SER B 534 14.02 -10.14 -7.02
C SER B 534 13.56 -11.18 -8.06
N GLN B 535 14.36 -11.34 -9.12
CA GLN B 535 14.04 -12.31 -10.16
C GLN B 535 13.91 -13.71 -9.56
N ARG B 536 14.86 -14.09 -8.72
CA ARG B 536 14.82 -15.41 -8.11
C ARG B 536 13.66 -15.52 -7.12
N LYS B 537 13.24 -14.43 -6.51
CA LYS B 537 12.06 -14.46 -5.66
C LYS B 537 10.84 -14.93 -6.46
N ARG B 538 10.60 -14.28 -7.60
CA ARG B 538 9.46 -14.67 -8.42
C ARG B 538 9.61 -16.12 -8.89
N TRP B 539 10.81 -16.48 -9.36
CA TRP B 539 11.03 -17.83 -9.86
C TRP B 539 10.75 -18.87 -8.79
N LEU B 540 11.28 -18.66 -7.58
CA LEU B 540 11.18 -19.66 -6.53
C LEU B 540 9.74 -19.81 -6.05
N ASN B 541 9.03 -18.70 -5.86
CA ASN B 541 7.63 -18.82 -5.44
C ASN B 541 6.83 -19.62 -6.47
N GLY B 542 6.94 -19.24 -7.75
CA GLY B 542 6.19 -19.95 -8.78
C GLY B 542 6.55 -21.42 -8.84
N ALA B 543 7.86 -21.73 -8.82
CA ALA B 543 8.29 -23.11 -8.95
C ALA B 543 7.82 -23.95 -7.76
N PHE B 544 7.94 -23.43 -6.55
CA PHE B 544 7.55 -24.19 -5.36
C PHE B 544 6.06 -24.53 -5.40
N PHE B 545 5.23 -23.52 -5.68
CA PHE B 545 3.80 -23.83 -5.62
C PHE B 545 3.32 -24.64 -6.82
N ALA B 546 3.93 -24.46 -7.99
CA ALA B 546 3.61 -25.33 -9.12
C ALA B 546 4.00 -26.77 -8.83
N THR B 547 5.15 -26.97 -8.17
CA THR B 547 5.56 -28.32 -7.79
C THR B 547 4.57 -28.94 -6.81
N LEU B 548 4.11 -28.17 -5.83
CA LEU B 548 3.10 -28.71 -4.91
C LEU B 548 1.83 -29.10 -5.65
N PHE B 549 1.38 -28.25 -6.58
CA PHE B 549 0.18 -28.58 -7.36
C PHE B 549 0.37 -29.86 -8.16
N SER B 550 1.53 -30.00 -8.81
CA SER B 550 1.80 -31.20 -9.61
C SER B 550 1.82 -32.44 -8.73
N ILE B 551 2.45 -32.35 -7.56
CA ILE B 551 2.51 -33.49 -6.66
C ILE B 551 1.10 -33.90 -6.23
N TRP B 552 0.25 -32.92 -5.92
CA TRP B 552 -1.09 -33.27 -5.47
C TRP B 552 -1.93 -33.85 -6.60
N ASN B 553 -1.78 -33.34 -7.83
CA ASN B 553 -2.66 -33.74 -8.92
C ASN B 553 -2.04 -34.77 -9.86
N TRP B 554 -0.92 -35.39 -9.47
CA TRP B 554 -0.29 -36.39 -10.33
C TRP B 554 -1.22 -37.54 -10.69
N GLY B 555 -2.22 -37.82 -9.85
CA GLY B 555 -3.09 -38.97 -10.10
C GLY B 555 -3.93 -38.86 -11.35
N ARG B 556 -4.13 -37.64 -11.86
CA ARG B 556 -4.94 -37.44 -13.05
C ARG B 556 -4.35 -38.12 -14.28
N ILE B 557 -3.04 -38.36 -14.30
CA ILE B 557 -2.42 -39.04 -15.43
C ILE B 557 -2.95 -40.46 -15.56
N TYR B 558 -3.10 -41.15 -14.43
CA TYR B 558 -3.64 -42.51 -14.47
C TYR B 558 -5.16 -42.52 -14.54
N SER B 559 -5.81 -41.62 -13.78
CA SER B 559 -7.26 -41.68 -13.68
C SER B 559 -7.94 -41.21 -14.97
N GLU B 560 -7.41 -40.17 -15.62
CA GLU B 560 -8.10 -39.53 -16.73
C GLU B 560 -7.40 -39.70 -18.07
N SER B 561 -6.07 -39.53 -18.13
CA SER B 561 -5.36 -39.60 -19.39
C SER B 561 -5.37 -41.03 -19.94
N LYS B 562 -4.95 -41.17 -21.19
CA LYS B 562 -4.84 -42.47 -21.86
C LYS B 562 -3.46 -42.58 -22.50
N HIS B 563 -2.49 -43.01 -21.69
CA HIS B 563 -1.12 -43.25 -22.15
C HIS B 563 -0.89 -44.75 -22.32
N THR B 564 0.31 -45.10 -22.78
CA THR B 564 0.72 -46.48 -22.77
C THR B 564 1.07 -46.91 -21.35
N PHE B 565 0.98 -48.22 -21.10
CA PHE B 565 1.29 -48.74 -19.77
C PHE B 565 2.73 -48.46 -19.40
N VAL B 566 3.64 -48.60 -20.36
CA VAL B 566 5.05 -48.29 -20.12
C VAL B 566 5.21 -46.83 -19.71
N ARG B 567 4.48 -45.93 -20.38
CA ARG B 567 4.54 -44.52 -20.02
C ARG B 567 4.06 -44.28 -18.59
N LYS B 568 2.99 -44.97 -18.20
CA LYS B 568 2.49 -44.81 -16.83
C LYS B 568 3.51 -45.31 -15.80
N MET B 569 4.16 -46.43 -16.08
CA MET B 569 5.19 -46.93 -15.16
C MET B 569 6.36 -45.95 -15.07
N ALA B 570 6.79 -45.40 -16.20
CA ALA B 570 7.87 -44.42 -16.19
C ALA B 570 7.46 -43.17 -15.42
N PHE B 571 6.21 -42.74 -15.57
CA PHE B 571 5.71 -41.61 -14.81
C PHE B 571 5.71 -41.90 -13.32
N LEU B 572 5.37 -43.13 -12.92
CA LEU B 572 5.41 -43.48 -11.50
C LEU B 572 6.83 -43.43 -10.95
N VAL B 573 7.79 -43.95 -11.71
CA VAL B 573 9.19 -43.90 -11.28
C VAL B 573 9.64 -42.44 -11.12
N PHE B 574 9.31 -41.61 -12.12
CA PHE B 574 9.68 -40.21 -12.04
C PHE B 574 8.97 -39.51 -10.89
N TYR B 575 7.76 -39.94 -10.55
CA TYR B 575 7.04 -39.37 -9.42
C TYR B 575 7.76 -39.66 -8.11
N VAL B 576 8.22 -40.90 -7.94
CA VAL B 576 8.99 -41.24 -6.74
C VAL B 576 10.26 -40.39 -6.66
N TYR B 577 10.97 -40.26 -7.79
CA TYR B 577 12.17 -39.45 -7.81
C TYR B 577 11.87 -38.00 -7.48
N HIS B 578 10.76 -37.47 -8.03
CA HIS B 578 10.39 -36.08 -7.79
C HIS B 578 10.07 -35.85 -6.32
N LEU B 579 9.35 -36.78 -5.69
CA LEU B 579 9.07 -36.66 -4.27
C LEU B 579 10.36 -36.60 -3.47
N LEU B 580 11.29 -37.52 -3.73
CA LEU B 580 12.54 -37.53 -2.97
C LEU B 580 13.35 -36.25 -3.20
N TYR B 581 13.42 -35.79 -4.44
CA TYR B 581 14.19 -34.60 -4.76
C TYR B 581 13.60 -33.36 -4.09
N THR B 582 12.27 -33.22 -4.12
CA THR B 582 11.64 -32.07 -3.48
C THR B 582 11.83 -32.13 -1.96
N ALA B 583 11.67 -33.30 -1.36
CA ALA B 583 11.87 -33.42 0.08
C ALA B 583 13.29 -33.05 0.47
N PHE B 584 14.29 -33.49 -0.31
CA PHE B 584 15.67 -33.10 -0.03
C PHE B 584 15.86 -31.60 -0.20
N GLY B 585 15.27 -31.02 -1.23
CA GLY B 585 15.43 -29.60 -1.46
C GLY B 585 14.82 -28.74 -0.37
N PHE B 586 13.74 -29.21 0.25
CA PHE B 586 13.10 -28.42 1.31
C PHE B 586 14.04 -28.22 2.49
N PHE B 587 14.82 -29.25 2.85
CA PHE B 587 15.73 -29.20 3.99
C PHE B 587 17.16 -28.89 3.58
N LEU B 588 17.35 -28.03 2.58
CA LEU B 588 18.69 -27.74 2.08
C LEU B 588 19.51 -26.84 2.99
N PRO B 589 18.97 -25.75 3.53
CA PRO B 589 19.80 -24.90 4.41
C PRO B 589 20.32 -25.62 5.65
N ALA B 590 19.47 -26.45 6.28
CA ALA B 590 19.90 -27.19 7.45
C ALA B 590 21.00 -28.18 7.09
N ASN B 591 20.87 -28.87 5.97
CA ASN B 591 21.90 -29.82 5.56
C ASN B 591 23.21 -29.11 5.23
N LEU B 592 23.14 -27.95 4.57
CA LEU B 592 24.36 -27.20 4.30
C LEU B 592 25.05 -26.79 5.58
N TYR B 593 24.29 -26.26 6.54
CA TYR B 593 24.89 -25.85 7.81
C TYR B 593 25.49 -27.04 8.53
N LEU B 594 24.78 -28.17 8.58
CA LEU B 594 25.29 -29.35 9.27
C LEU B 594 26.57 -29.86 8.62
N ALA B 595 26.59 -29.93 7.29
CA ALA B 595 27.77 -30.44 6.60
C ALA B 595 28.97 -29.55 6.88
N LEU B 596 28.82 -28.23 6.71
CA LEU B 596 29.94 -27.33 6.96
C LEU B 596 30.41 -27.44 8.40
N PHE B 597 29.47 -27.35 9.35
CA PHE B 597 29.82 -27.37 10.77
C PHE B 597 30.56 -28.65 11.12
N PHE B 598 29.91 -29.80 10.90
CA PHE B 598 30.56 -31.07 11.18
C PHE B 598 31.94 -31.12 10.56
N ILE B 599 32.01 -31.19 9.22
CA ILE B 599 33.28 -31.43 8.56
C ILE B 599 34.33 -30.43 9.03
N VAL B 600 34.18 -29.16 8.67
CA VAL B 600 35.27 -28.22 8.89
C VAL B 600 35.50 -27.98 10.38
N PHE B 601 34.46 -27.55 11.10
CA PHE B 601 34.71 -27.00 12.42
C PHE B 601 34.83 -28.08 13.49
N GLN B 602 34.18 -29.24 13.34
CA GLN B 602 34.49 -30.33 14.24
C GLN B 602 35.61 -31.23 13.71
N GLY B 603 36.23 -30.87 12.59
CA GLY B 603 37.52 -31.43 12.28
C GLY B 603 38.62 -30.60 12.91
N PHE B 604 38.40 -29.28 12.96
CA PHE B 604 39.38 -28.42 13.63
C PHE B 604 39.34 -28.60 15.14
N GLN B 605 38.14 -28.63 15.73
CA GLN B 605 38.03 -28.70 17.18
C GLN B 605 38.42 -30.08 17.71
N GLN B 606 37.93 -31.14 17.08
CA GLN B 606 38.14 -32.49 17.57
C GLN B 606 39.25 -33.22 16.81
N ASN B 607 40.10 -32.48 16.10
CA ASN B 607 41.28 -33.03 15.43
C ASN B 607 40.90 -34.14 14.46
N ARG B 608 40.13 -33.76 13.44
CA ARG B 608 39.80 -34.67 12.35
C ARG B 608 40.28 -34.16 10.99
N LEU B 609 40.88 -32.98 10.94
CA LEU B 609 41.58 -32.56 9.74
C LEU B 609 42.83 -33.41 9.59
N GLU B 610 42.94 -34.12 8.46
CA GLU B 610 43.99 -35.11 8.32
C GLU B 610 45.36 -34.52 7.99
N PHE B 611 45.42 -33.26 7.58
CA PHE B 611 46.68 -32.65 7.17
C PHE B 611 47.32 -31.79 8.26
N ILE B 612 46.78 -31.84 9.48
CA ILE B 612 47.34 -31.08 10.60
C ILE B 612 46.85 -31.73 11.89
N ASP B 613 47.60 -31.52 12.97
CA ASP B 613 47.25 -32.06 14.29
C ASP B 613 46.89 -30.89 15.20
N THR B 614 45.60 -30.78 15.51
CA THR B 614 45.08 -29.73 16.38
C THR B 614 44.71 -30.29 17.75
N SER B 615 45.43 -31.30 18.21
CA SER B 615 45.05 -31.98 19.44
C SER B 615 45.20 -31.07 20.66
N GLU B 616 46.36 -30.43 20.82
CA GLU B 616 46.57 -29.79 22.10
C GLU B 616 46.18 -28.32 22.09
N TYR B 617 46.98 -27.45 21.47
CA TYR B 617 46.59 -26.07 21.19
C TYR B 617 46.35 -25.32 22.50
N SER B 618 45.86 -24.08 22.39
CA SER B 618 45.55 -23.30 23.58
C SER B 618 44.37 -23.87 24.34
N GLN B 619 43.43 -24.50 23.64
CA GLN B 619 42.12 -24.98 24.10
C GLN B 619 41.15 -23.80 24.21
N THR B 620 41.63 -22.57 24.11
CA THR B 620 40.78 -21.41 23.98
C THR B 620 40.48 -21.11 22.52
N VAL B 621 41.10 -21.83 21.61
CA VAL B 621 40.87 -21.69 20.18
C VAL B 621 40.00 -22.80 19.64
N LEU B 622 40.07 -23.99 20.23
CA LEU B 622 39.29 -25.11 19.75
C LEU B 622 37.79 -24.84 19.85
N ASP B 623 37.34 -24.26 20.96
CA ASP B 623 35.94 -23.86 21.08
C ASP B 623 35.67 -22.53 20.42
N CYS B 624 36.69 -21.69 20.26
CA CYS B 624 36.51 -20.36 19.70
C CYS B 624 36.00 -20.44 18.27
N ALA B 625 36.54 -21.36 17.47
CA ALA B 625 36.12 -21.48 16.08
C ALA B 625 34.64 -21.85 15.99
N VAL B 626 34.22 -22.82 16.80
CA VAL B 626 32.81 -23.25 16.77
C VAL B 626 31.90 -22.13 17.24
N TYR B 627 32.28 -21.43 18.30
CA TYR B 627 31.45 -20.33 18.79
C TYR B 627 31.34 -19.21 17.77
N ILE B 628 32.46 -18.86 17.13
CA ILE B 628 32.43 -17.80 16.12
C ILE B 628 31.55 -18.22 14.95
N TYR B 629 31.68 -19.47 14.49
CA TYR B 629 30.89 -19.92 13.35
C TYR B 629 29.40 -19.89 13.68
N ASN B 630 29.02 -20.42 14.86
CA ASN B 630 27.61 -20.44 15.22
C ASN B 630 27.04 -19.04 15.35
N PHE B 631 27.77 -18.14 16.04
CA PHE B 631 27.25 -16.79 16.23
C PHE B 631 27.14 -16.04 14.90
N SER B 632 28.15 -16.17 14.03
CA SER B 632 28.09 -15.49 12.74
C SER B 632 26.93 -16.02 11.91
N TYR B 633 26.75 -17.34 11.86
CA TYR B 633 25.66 -17.90 11.06
C TYR B 633 24.30 -17.44 11.58
N LEU B 634 24.10 -17.52 12.90
CA LEU B 634 22.81 -17.12 13.46
C LEU B 634 22.53 -15.64 13.26
N PHE B 635 23.53 -14.78 13.50
CA PHE B 635 23.31 -13.35 13.33
C PHE B 635 23.05 -13.00 11.87
N GLY B 636 23.78 -13.64 10.94
CA GLY B 636 23.50 -13.40 9.54
C GLY B 636 22.11 -13.80 9.13
N LEU B 637 21.65 -14.97 9.58
CA LEU B 637 20.30 -15.40 9.25
C LEU B 637 19.25 -14.46 9.84
N LEU B 638 19.45 -14.02 11.09
CA LEU B 638 18.51 -13.09 11.69
C LEU B 638 18.44 -11.78 10.92
N MET B 639 19.60 -11.24 10.55
CA MET B 639 19.63 -9.99 9.80
C MET B 639 18.94 -10.16 8.45
N LEU B 640 19.20 -11.28 7.77
CA LEU B 640 18.57 -11.51 6.47
C LEU B 640 17.05 -11.60 6.60
N ILE B 641 16.56 -12.31 7.62
CA ILE B 641 15.11 -12.42 7.79
C ILE B 641 14.50 -11.04 8.08
N ILE B 642 15.14 -10.26 8.95
CA ILE B 642 14.61 -8.95 9.30
C ILE B 642 14.57 -8.05 8.07
N ILE B 643 15.64 -8.04 7.27
CA ILE B 643 15.67 -7.19 6.09
C ILE B 643 14.65 -7.65 5.06
N GLY B 644 14.62 -8.95 4.77
CA GLY B 644 13.72 -9.45 3.72
C GLY B 644 12.26 -9.25 4.07
N LEU B 645 11.89 -9.47 5.32
CA LEU B 645 10.50 -9.27 5.71
C LEU B 645 10.11 -7.80 5.73
N GLY B 646 11.08 -6.89 5.68
CA GLY B 646 10.81 -5.48 5.78
C GLY B 646 11.00 -4.69 4.49
N ASN B 647 12.12 -4.01 4.37
CA ASN B 647 12.34 -3.08 3.26
C ASN B 647 12.64 -3.81 1.96
N ASN B 648 12.38 -3.11 0.86
CA ASN B 648 12.65 -3.65 -0.47
C ASN B 648 14.16 -3.81 -0.68
N PRO B 649 14.60 -4.87 -1.35
CA PRO B 649 16.04 -5.09 -1.52
C PRO B 649 16.67 -4.18 -2.56
N LYS B 650 16.47 -2.88 -2.43
CA LYS B 650 17.13 -1.92 -3.30
C LYS B 650 17.91 -0.88 -2.51
N HIS B 651 17.37 -0.41 -1.39
CA HIS B 651 18.11 0.48 -0.51
C HIS B 651 19.19 -0.28 0.25
N MET B 652 18.99 -1.58 0.45
CA MET B 652 19.85 -2.41 1.31
C MET B 652 20.95 -3.11 0.54
N LYS B 653 21.46 -2.49 -0.52
CA LYS B 653 22.48 -3.13 -1.35
C LYS B 653 23.73 -3.48 -0.54
N LEU B 654 24.18 -2.56 0.32
CA LEU B 654 25.42 -2.79 1.05
C LEU B 654 25.30 -3.96 2.03
N THR B 655 24.18 -4.05 2.75
CA THR B 655 24.03 -5.13 3.72
C THR B 655 23.98 -6.49 3.04
N TYR B 656 23.22 -6.60 1.95
CA TYR B 656 23.18 -7.85 1.21
C TYR B 656 24.56 -8.20 0.67
N TYR B 657 25.29 -7.21 0.15
CA TYR B 657 26.63 -7.47 -0.36
C TYR B 657 27.55 -7.96 0.75
N PHE B 658 27.45 -7.36 1.94
CA PHE B 658 28.31 -7.77 3.05
C PHE B 658 28.01 -9.21 3.48
N VAL B 659 26.73 -9.54 3.62
CA VAL B 659 26.36 -10.90 4.02
C VAL B 659 26.81 -11.91 2.96
N GLY B 660 26.59 -11.57 1.69
CA GLY B 660 27.04 -12.45 0.63
C GLY B 660 28.54 -12.65 0.62
N ALA B 661 29.30 -11.58 0.87
CA ALA B 661 30.75 -11.70 0.92
C ALA B 661 31.20 -12.59 2.07
N VAL B 662 30.59 -12.42 3.24
CA VAL B 662 30.95 -13.26 4.39
C VAL B 662 30.67 -14.73 4.08
N PHE B 663 29.48 -15.02 3.55
CA PHE B 663 29.13 -16.40 3.24
C PHE B 663 30.03 -16.97 2.16
N GLY B 664 30.39 -16.17 1.16
CA GLY B 664 31.28 -16.64 0.11
C GLY B 664 32.66 -16.97 0.63
N LEU B 665 33.21 -16.11 1.49
CA LEU B 665 34.51 -16.40 2.07
C LEU B 665 34.46 -17.67 2.92
N MET B 666 33.38 -17.83 3.70
CA MET B 666 33.23 -19.05 4.49
C MET B 666 33.18 -20.29 3.61
N MET B 667 32.44 -20.22 2.51
CA MET B 667 32.32 -21.37 1.62
C MET B 667 33.64 -21.68 0.92
N MET B 668 34.39 -20.65 0.54
CA MET B 668 35.70 -20.88 -0.08
C MET B 668 36.66 -21.53 0.91
N LEU B 669 36.67 -21.07 2.16
CA LEU B 669 37.51 -21.69 3.17
C LEU B 669 37.11 -23.15 3.39
N SER B 670 35.81 -23.42 3.45
CA SER B 670 35.34 -24.79 3.63
C SER B 670 35.75 -25.67 2.45
N SER B 671 35.68 -25.13 1.23
CA SER B 671 36.08 -25.89 0.06
C SER B 671 37.56 -26.23 0.10
N LEU B 672 38.40 -25.26 0.48
CA LEU B 672 39.84 -25.54 0.58
C LEU B 672 40.12 -26.60 1.64
N VAL B 673 39.48 -26.50 2.80
CA VAL B 673 39.70 -27.48 3.86
C VAL B 673 39.23 -28.87 3.42
N GLY B 674 38.08 -28.93 2.74
CA GLY B 674 37.60 -30.22 2.25
C GLY B 674 38.52 -30.84 1.23
N ALA B 675 39.06 -30.02 0.33
CA ALA B 675 40.02 -30.53 -0.65
C ALA B 675 41.26 -31.06 0.04
N GLY B 676 41.76 -30.34 1.04
CA GLY B 676 42.92 -30.83 1.78
C GLY B 676 42.64 -32.15 2.48
N ILE B 677 41.47 -32.26 3.12
CA ILE B 677 41.11 -33.50 3.80
C ILE B 677 41.03 -34.65 2.81
N PHE B 678 40.40 -34.41 1.65
CA PHE B 678 40.26 -35.47 0.65
C PHE B 678 41.61 -35.92 0.13
N PHE B 679 42.52 -34.98 -0.12
CA PHE B 679 43.82 -35.35 -0.68
C PHE B 679 44.72 -36.02 0.37
N SER B 680 44.54 -35.69 1.65
CA SER B 680 45.34 -36.34 2.68
C SER B 680 44.88 -37.77 2.94
N THR B 681 43.62 -38.08 2.64
CA THR B 681 43.11 -39.42 2.84
C THR B 681 43.82 -40.40 1.91
N PRO B 682 44.04 -41.66 2.34
CA PRO B 682 44.70 -42.63 1.45
C PRO B 682 43.83 -43.13 0.31
N ALA B 683 42.67 -42.49 0.11
CA ALA B 683 41.81 -42.74 -1.05
C ALA B 683 41.31 -44.19 -1.10
N THR B 684 40.45 -44.52 -0.15
CA THR B 684 39.78 -45.80 -0.14
C THR B 684 38.80 -45.90 -1.31
N VAL B 685 38.42 -47.14 -1.65
CA VAL B 685 37.52 -47.37 -2.78
C VAL B 685 36.18 -46.68 -2.55
N HIS B 686 35.63 -46.83 -1.34
CA HIS B 686 34.39 -46.14 -1.02
C HIS B 686 34.53 -44.64 -1.16
N SER B 687 35.66 -44.09 -0.69
CA SER B 687 35.87 -42.65 -0.76
C SER B 687 35.90 -42.16 -2.21
N ILE B 688 36.63 -42.86 -3.08
CA ILE B 688 36.76 -42.40 -4.46
C ILE B 688 35.45 -42.58 -5.20
N VAL B 689 34.71 -43.66 -4.93
CA VAL B 689 33.41 -43.85 -5.59
C VAL B 689 32.45 -42.75 -5.18
N VAL B 690 32.39 -42.44 -3.88
CA VAL B 690 31.51 -41.38 -3.40
C VAL B 690 31.92 -40.04 -3.99
N SER B 691 33.22 -39.76 -4.06
CA SER B 691 33.69 -38.50 -4.62
C SER B 691 33.27 -38.37 -6.08
N ILE B 692 33.47 -39.44 -6.86
CA ILE B 692 33.03 -39.42 -8.26
C ILE B 692 31.54 -39.12 -8.34
N LEU B 693 30.72 -40.01 -7.76
CA LEU B 693 29.28 -39.90 -7.90
C LEU B 693 28.70 -38.66 -7.23
N THR B 694 29.48 -37.95 -6.43
CA THR B 694 28.99 -36.71 -5.82
C THR B 694 29.37 -35.48 -6.64
N VAL B 695 30.66 -35.31 -6.94
CA VAL B 695 31.12 -34.09 -7.57
C VAL B 695 31.38 -34.27 -9.06
N GLY B 696 32.00 -35.38 -9.46
CA GLY B 696 32.44 -35.50 -10.84
C GLY B 696 31.33 -35.72 -11.84
N VAL B 697 30.08 -35.86 -11.39
CA VAL B 697 28.96 -36.01 -12.32
C VAL B 697 28.83 -34.76 -13.18
N TYR B 698 29.08 -33.59 -12.61
CA TYR B 698 29.03 -32.35 -13.38
C TYR B 698 29.99 -32.40 -14.56
N PHE B 699 31.25 -32.73 -14.28
CA PHE B 699 32.26 -32.74 -15.33
C PHE B 699 32.01 -33.87 -16.32
N ILE B 700 31.53 -35.03 -15.85
CA ILE B 700 31.25 -36.14 -16.74
C ILE B 700 30.15 -35.76 -17.74
N ALA B 701 29.04 -35.21 -17.23
CA ALA B 701 27.96 -34.81 -18.12
C ALA B 701 28.38 -33.68 -19.06
N SER B 702 29.14 -32.72 -18.54
CA SER B 702 29.57 -31.60 -19.38
C SER B 702 30.48 -32.08 -20.50
N ALA B 703 31.41 -33.00 -20.20
CA ALA B 703 32.27 -33.54 -21.25
C ALA B 703 31.47 -34.39 -22.23
N LEU B 704 30.47 -35.13 -21.74
CA LEU B 704 29.66 -35.96 -22.63
C LEU B 704 28.89 -35.09 -23.62
N HIS B 705 28.33 -33.98 -23.15
CA HIS B 705 27.56 -33.10 -24.02
C HIS B 705 28.41 -32.05 -24.72
N GLY B 706 29.72 -32.02 -24.48
CA GLY B 706 30.62 -31.13 -25.19
C GLY B 706 30.72 -29.73 -24.64
N GLU B 707 29.92 -29.38 -23.63
CA GLU B 707 29.95 -28.05 -23.01
C GLU B 707 30.74 -28.15 -21.71
N VAL B 708 32.06 -28.23 -21.83
CA VAL B 708 32.93 -28.49 -20.69
C VAL B 708 33.72 -27.26 -20.28
N HIS B 709 34.15 -26.42 -21.24
CA HIS B 709 34.97 -25.28 -20.91
C HIS B 709 34.23 -24.26 -20.03
N HIS B 710 32.92 -24.12 -20.23
CA HIS B 710 32.14 -23.21 -19.40
C HIS B 710 32.20 -23.63 -17.93
N ILE B 711 32.13 -24.94 -17.68
CA ILE B 711 32.19 -25.45 -16.30
C ILE B 711 33.55 -25.13 -15.69
N PHE B 712 34.62 -25.38 -16.43
CA PHE B 712 35.96 -25.07 -15.94
C PHE B 712 36.08 -23.60 -15.61
N MET B 713 35.47 -22.74 -16.41
CA MET B 713 35.60 -21.30 -16.19
C MET B 713 34.78 -20.83 -14.99
N THR B 714 33.58 -21.40 -14.78
CA THR B 714 32.63 -20.83 -13.83
C THR B 714 32.43 -21.65 -12.55
N PHE B 715 33.15 -22.76 -12.39
CA PHE B 715 32.94 -23.59 -11.20
C PHE B 715 33.29 -22.83 -9.93
N THR B 716 34.40 -22.11 -9.92
CA THR B 716 34.80 -21.36 -8.74
C THR B 716 33.79 -20.28 -8.40
N HIS B 717 33.30 -19.58 -9.42
CA HIS B 717 32.34 -18.50 -9.19
C HIS B 717 31.04 -19.04 -8.62
N TYR B 718 30.59 -20.21 -9.09
CA TYR B 718 29.37 -20.77 -8.53
C TYR B 718 29.59 -21.31 -7.11
N THR B 719 30.76 -21.89 -6.85
CA THR B 719 31.05 -22.36 -5.50
C THR B 719 31.11 -21.21 -4.51
N ALA B 720 31.61 -20.06 -4.92
CA ALA B 720 31.65 -18.90 -4.04
C ALA B 720 30.27 -18.34 -3.73
N LEU B 721 29.23 -18.76 -4.45
CA LEU B 721 27.89 -18.21 -4.26
C LEU B 721 26.84 -19.27 -3.94
N ILE B 722 27.23 -20.53 -3.73
CA ILE B 722 26.27 -21.54 -3.29
C ILE B 722 25.50 -21.12 -2.04
N PRO B 723 26.14 -20.77 -0.92
CA PRO B 723 25.35 -20.47 0.29
C PRO B 723 24.50 -19.22 0.15
N SER B 724 25.01 -18.22 -0.56
CA SER B 724 24.22 -17.02 -0.82
C SER B 724 22.95 -17.38 -1.59
N PHE B 725 23.09 -18.14 -2.67
CA PHE B 725 21.95 -18.68 -3.39
C PHE B 725 20.94 -19.26 -2.41
N VAL B 726 21.33 -20.34 -1.72
CA VAL B 726 20.39 -21.07 -0.87
C VAL B 726 19.72 -20.12 0.11
N ASN B 727 20.50 -19.60 1.06
CA ASN B 727 19.92 -18.87 2.18
C ASN B 727 19.19 -17.62 1.71
N ILE B 728 19.90 -16.72 1.00
CA ILE B 728 19.32 -15.42 0.70
C ILE B 728 18.11 -15.57 -0.21
N PHE B 729 18.25 -16.33 -1.30
CA PHE B 729 17.15 -16.39 -2.25
C PHE B 729 15.94 -17.08 -1.64
N THR B 730 16.13 -18.19 -0.91
CA THR B 730 14.98 -18.87 -0.35
C THR B 730 14.29 -18.00 0.71
N ILE B 731 15.06 -17.32 1.56
CA ILE B 731 14.45 -16.50 2.61
C ILE B 731 13.66 -15.35 2.01
N TYR B 732 14.25 -14.65 1.05
CA TYR B 732 13.53 -13.52 0.46
C TYR B 732 12.31 -14.00 -0.33
N SER B 733 12.41 -15.14 -0.99
CA SER B 733 11.26 -15.68 -1.70
C SER B 733 10.13 -16.01 -0.75
N PHE B 734 10.44 -16.65 0.39
CA PHE B 734 9.40 -17.05 1.32
C PHE B 734 8.84 -15.88 2.13
N CYS B 735 9.59 -14.79 2.26
CA CYS B 735 9.11 -13.66 3.04
C CYS B 735 8.10 -12.79 2.31
N ASN B 736 7.82 -13.06 1.04
CA ASN B 736 6.95 -12.20 0.23
C ASN B 736 5.95 -13.03 -0.55
N LEU B 737 5.27 -13.96 0.12
CA LEU B 737 4.23 -14.74 -0.53
C LEU B 737 2.91 -14.00 -0.64
N GLN B 738 2.76 -12.86 0.02
CA GLN B 738 1.53 -12.08 -0.08
C GLN B 738 1.56 -11.04 -1.18
N ASP B 739 2.71 -10.84 -1.82
CA ASP B 739 2.87 -9.82 -2.85
C ASP B 739 2.27 -10.36 -4.15
N LEU B 740 0.98 -10.07 -4.34
CA LEU B 740 0.24 -10.50 -5.53
C LEU B 740 -0.55 -9.33 -6.08
N SER B 741 -0.84 -9.40 -7.38
CA SER B 741 -1.61 -8.35 -8.05
C SER B 741 -3.08 -8.45 -7.70
N LYS B 762 -33.12 11.95 -14.46
CA LYS B 762 -34.11 12.97 -14.17
C LYS B 762 -34.80 12.72 -12.84
N GLY B 763 -34.01 12.60 -11.77
CA GLY B 763 -34.52 12.34 -10.46
C GLY B 763 -34.64 13.60 -9.61
N ASP B 764 -35.46 13.51 -8.57
CA ASP B 764 -35.66 14.62 -7.66
C ASP B 764 -34.57 14.59 -6.57
N PHE B 765 -34.75 15.40 -5.53
CA PHE B 765 -33.73 15.53 -4.50
C PHE B 765 -33.51 14.22 -3.75
N LYS B 766 -34.60 13.52 -3.43
CA LYS B 766 -34.47 12.24 -2.73
C LYS B 766 -33.70 11.23 -3.55
N ASP B 767 -33.84 11.28 -4.87
CA ASP B 767 -33.03 10.43 -5.73
C ASP B 767 -31.55 10.74 -5.57
N VAL B 768 -31.19 12.02 -5.48
CA VAL B 768 -29.80 12.40 -5.26
C VAL B 768 -29.30 11.86 -3.93
N ILE B 769 -30.12 11.99 -2.88
CA ILE B 769 -29.71 11.49 -1.57
C ILE B 769 -29.49 9.98 -1.60
N ALA B 770 -30.42 9.25 -2.25
CA ALA B 770 -30.27 7.81 -2.36
C ALA B 770 -29.03 7.42 -3.14
N LYS B 771 -28.73 8.17 -4.20
CA LYS B 771 -27.52 7.89 -4.99
C LYS B 771 -26.27 8.09 -4.15
N ARG B 772 -26.23 9.17 -3.37
CA ARG B 772 -25.07 9.39 -2.50
C ARG B 772 -24.92 8.26 -1.49
N ARG B 773 -26.03 7.83 -0.88
CA ARG B 773 -25.95 6.75 0.09
C ARG B 773 -25.47 5.45 -0.56
N ALA B 774 -25.96 5.15 -1.76
CA ALA B 774 -25.52 3.95 -2.46
C ALA B 774 -24.03 4.01 -2.77
N LEU B 775 -23.54 5.17 -3.21
CA LEU B 775 -22.11 5.31 -3.48
C LEU B 775 -21.29 5.08 -2.21
N GLU B 776 -21.74 5.65 -1.08
CA GLU B 776 -21.01 5.45 0.16
C GLU B 776 -20.98 3.98 0.57
N GLU B 777 -22.12 3.29 0.44
CA GLU B 777 -22.16 1.88 0.80
C GLU B 777 -21.23 1.05 -0.09
N LEU B 778 -21.22 1.33 -1.40
CA LEU B 778 -20.34 0.59 -2.29
C LEU B 778 -18.87 0.84 -1.93
N ARG B 779 -18.51 2.09 -1.64
CA ARG B 779 -17.14 2.41 -1.29
C ARG B 779 -16.71 1.67 -0.04
N ARG B 780 -17.56 1.69 1.00
CA ARG B 780 -17.20 1.03 2.25
C ARG B 780 -17.08 -0.48 2.06
N GLU B 781 -17.99 -1.10 1.30
CA GLU B 781 -17.89 -2.53 1.07
C GLU B 781 -16.62 -2.89 0.29
N GLU B 782 -16.26 -2.07 -0.69
CA GLU B 782 -15.03 -2.32 -1.45
C GLU B 782 -13.80 -2.25 -0.53
N LYS B 783 -13.76 -1.25 0.34
CA LYS B 783 -12.63 -1.15 1.27
C LYS B 783 -12.58 -2.37 2.19
N GLU B 784 -13.74 -2.81 2.70
CA GLU B 784 -13.75 -3.97 3.58
C GLU B 784 -13.26 -5.22 2.86
N ARG B 785 -13.68 -5.40 1.59
CA ARG B 785 -13.23 -6.56 0.83
C ARG B 785 -11.72 -6.54 0.61
N VAL B 786 -11.17 -5.37 0.29
CA VAL B 786 -9.72 -5.26 0.10
C VAL B 786 -8.99 -5.60 1.39
N GLU B 787 -9.49 -5.10 2.53
CA GLU B 787 -8.86 -5.40 3.81
C GLU B 787 -8.89 -6.90 4.09
N ASN B 788 -10.02 -7.56 3.80
CA ASN B 788 -10.11 -9.00 4.05
C ASN B 788 -9.12 -9.77 3.18
N ARG B 789 -8.99 -9.39 1.91
CA ARG B 789 -8.03 -10.06 1.03
C ARG B 789 -6.60 -9.90 1.56
N LYS B 790 -6.24 -8.68 1.97
CA LYS B 790 -4.92 -8.45 2.51
C LYS B 790 -4.68 -9.29 3.77
N LYS B 791 -5.68 -9.37 4.64
CA LYS B 791 -5.56 -10.18 5.85
C LYS B 791 -5.27 -11.64 5.51
N ASN B 792 -6.05 -12.21 4.58
CA ASN B 792 -5.86 -13.62 4.25
C ASN B 792 -4.49 -13.87 3.66
N PHE B 793 -4.04 -13.02 2.74
CA PHE B 793 -2.73 -13.24 2.12
C PHE B 793 -1.60 -13.14 3.14
N GLU B 794 -1.66 -12.13 4.00
CA GLU B 794 -0.62 -11.97 5.02
C GLU B 794 -0.58 -13.17 5.96
N ALA B 795 -1.76 -13.64 6.40
CA ALA B 795 -1.79 -14.79 7.29
C ALA B 795 -1.18 -16.02 6.62
N PHE B 796 -1.52 -16.25 5.35
CA PHE B 796 -0.97 -17.41 4.66
C PHE B 796 0.56 -17.34 4.57
N ARG B 797 1.08 -16.18 4.16
CA ARG B 797 2.53 -16.08 4.00
C ARG B 797 3.24 -16.24 5.33
N THR B 798 2.69 -15.66 6.41
CA THR B 798 3.33 -15.80 7.71
C THR B 798 3.33 -17.26 8.17
N ASN B 799 2.21 -17.96 7.98
CA ASN B 799 2.17 -19.37 8.38
C ASN B 799 3.20 -20.20 7.62
N VAL B 800 3.30 -19.98 6.30
CA VAL B 800 4.25 -20.77 5.52
C VAL B 800 5.68 -20.47 5.95
N LEU B 801 6.01 -19.20 6.14
CA LEU B 801 7.38 -18.85 6.55
C LEU B 801 7.72 -19.44 7.91
N LEU B 802 6.79 -19.37 8.87
CA LEU B 802 7.06 -19.94 10.18
C LEU B 802 7.25 -21.45 10.10
N THR B 803 6.41 -22.14 9.33
CA THR B 803 6.57 -23.58 9.18
C THR B 803 7.96 -23.92 8.63
N TRP B 804 8.36 -23.26 7.55
CA TRP B 804 9.65 -23.56 6.93
C TRP B 804 10.80 -23.31 7.89
N ALA B 805 10.84 -22.11 8.48
CA ALA B 805 11.97 -21.74 9.33
C ALA B 805 12.06 -22.63 10.56
N PHE B 806 10.92 -22.90 11.21
CA PHE B 806 10.98 -23.69 12.43
C PHE B 806 11.27 -25.16 12.15
N SER B 807 10.79 -25.69 11.01
CA SER B 807 11.17 -27.05 10.65
C SER B 807 12.68 -27.15 10.46
N ASN B 808 13.27 -26.19 9.75
CA ASN B 808 14.71 -26.24 9.55
C ASN B 808 15.48 -26.11 10.86
N LEU B 809 15.05 -25.19 11.73
CA LEU B 809 15.74 -25.01 13.00
C LEU B 809 15.64 -26.25 13.88
N ILE B 810 14.45 -26.86 13.96
CA ILE B 810 14.28 -28.04 14.79
C ILE B 810 15.12 -29.20 14.25
N PHE B 811 15.14 -29.37 12.92
CA PHE B 811 15.97 -30.43 12.35
C PHE B 811 17.44 -30.21 12.68
N ALA B 812 17.93 -28.98 12.53
CA ALA B 812 19.33 -28.71 12.80
C ALA B 812 19.67 -28.97 14.27
N LEU B 813 18.81 -28.53 15.19
CA LEU B 813 19.09 -28.73 16.61
C LEU B 813 19.06 -30.21 16.99
N PHE B 814 18.06 -30.94 16.50
CA PHE B 814 17.96 -32.35 16.88
C PHE B 814 19.02 -33.21 16.19
N VAL B 815 19.65 -32.72 15.13
CA VAL B 815 20.78 -33.45 14.58
C VAL B 815 22.07 -33.08 15.29
N VAL B 816 22.24 -31.81 15.68
CA VAL B 816 23.45 -31.40 16.37
C VAL B 816 23.55 -32.04 17.75
N TYR B 817 22.44 -32.03 18.51
CA TYR B 817 22.52 -32.49 19.89
C TYR B 817 22.54 -34.02 20.00
N PHE B 818 21.78 -34.72 19.15
CA PHE B 818 21.58 -36.15 19.33
C PHE B 818 22.33 -37.01 18.33
N ALA B 819 23.14 -36.43 17.45
CA ALA B 819 23.85 -37.22 16.45
C ALA B 819 25.30 -36.77 16.35
N SER B 820 26.18 -37.72 16.06
CA SER B 820 27.59 -37.45 15.88
C SER B 820 27.91 -37.32 14.40
N SER B 821 29.16 -36.93 14.11
CA SER B 821 29.59 -36.81 12.73
C SER B 821 29.70 -38.17 12.05
N SER B 822 30.02 -39.22 12.81
CA SER B 822 30.18 -40.54 12.23
C SER B 822 28.86 -41.24 11.95
N THR B 823 27.76 -40.76 12.52
CA THR B 823 26.45 -41.38 12.32
C THR B 823 25.52 -40.55 11.45
N TYR B 824 26.00 -39.45 10.89
CA TYR B 824 25.18 -38.59 10.04
C TYR B 824 25.76 -38.36 8.66
N MET B 825 27.07 -38.17 8.56
CA MET B 825 27.68 -37.91 7.26
C MET B 825 27.49 -39.04 6.25
N PRO B 826 27.64 -40.33 6.61
CA PRO B 826 27.38 -41.37 5.61
C PRO B 826 25.98 -41.31 5.01
N VAL B 827 24.97 -40.98 5.82
CA VAL B 827 23.61 -40.87 5.28
C VAL B 827 23.52 -39.76 4.25
N LEU B 828 24.11 -38.60 4.56
CA LEU B 828 24.09 -37.49 3.62
C LEU B 828 24.83 -37.84 2.33
N TYR B 829 25.97 -38.53 2.46
CA TYR B 829 26.71 -38.95 1.27
C TYR B 829 25.89 -39.90 0.42
N ILE B 830 25.21 -40.85 1.06
CA ILE B 830 24.38 -41.80 0.31
C ILE B 830 23.27 -41.06 -0.42
N PHE B 831 22.60 -40.12 0.25
CA PHE B 831 21.51 -39.40 -0.38
C PHE B 831 21.98 -38.60 -1.58
N VAL B 832 23.08 -37.84 -1.41
CA VAL B 832 23.57 -37.01 -2.50
C VAL B 832 24.05 -37.88 -3.66
N ALA B 833 24.74 -38.99 -3.35
CA ALA B 833 25.21 -39.88 -4.41
C ALA B 833 24.04 -40.48 -5.18
N SER B 834 22.98 -40.86 -4.47
CA SER B 834 21.81 -41.42 -5.14
C SER B 834 21.19 -40.39 -6.10
N LEU B 835 21.00 -39.16 -5.62
CA LEU B 835 20.39 -38.14 -6.46
C LEU B 835 21.24 -37.87 -7.70
N ASN B 836 22.55 -37.70 -7.52
CA ASN B 836 23.40 -37.38 -8.66
C ASN B 836 23.55 -38.57 -9.60
N THR B 837 23.52 -39.79 -9.09
CA THR B 837 23.54 -40.96 -9.96
C THR B 837 22.28 -41.00 -10.83
N CYS B 838 21.13 -40.71 -10.25
CA CYS B 838 19.90 -40.69 -11.06
C CYS B 838 19.96 -39.60 -12.12
N ARG B 839 20.46 -38.41 -11.75
CA ARG B 839 20.57 -37.33 -12.74
C ARG B 839 21.54 -37.68 -13.86
N LEU B 840 22.68 -38.30 -13.53
CA LEU B 840 23.63 -38.69 -14.56
C LEU B 840 23.06 -39.75 -15.48
N LEU B 841 22.33 -40.73 -14.92
CA LEU B 841 21.69 -41.73 -15.76
C LEU B 841 20.70 -41.08 -16.71
N GLY B 842 19.92 -40.12 -16.22
CA GLY B 842 18.99 -39.41 -17.09
C GLY B 842 19.70 -38.67 -18.22
N SER B 843 20.79 -37.98 -17.89
CA SER B 843 21.52 -37.25 -18.93
C SER B 843 22.09 -38.20 -19.98
N ILE B 844 22.65 -39.32 -19.55
CA ILE B 844 23.20 -40.28 -20.51
C ILE B 844 22.09 -40.87 -21.37
N GLY B 845 20.93 -41.14 -20.77
CA GLY B 845 19.82 -41.64 -21.56
C GLY B 845 19.36 -40.64 -22.60
N HIS B 846 19.30 -39.36 -22.23
CA HIS B 846 18.91 -38.34 -23.20
C HIS B 846 19.92 -38.26 -24.34
N TRP B 847 21.21 -38.33 -24.02
CA TRP B 847 22.22 -38.30 -25.08
C TRP B 847 22.08 -39.50 -26.02
N VAL B 848 21.84 -40.68 -25.45
CA VAL B 848 21.65 -41.87 -26.27
C VAL B 848 20.43 -41.71 -27.17
N TYR B 849 19.34 -41.16 -26.63
CA TYR B 849 18.15 -40.96 -27.44
C TYR B 849 18.40 -39.97 -28.57
N ILE B 850 19.10 -38.87 -28.27
CA ILE B 850 19.31 -37.85 -29.29
C ILE B 850 20.29 -38.32 -30.37
N HIS B 851 21.18 -39.26 -30.06
CA HIS B 851 22.10 -39.78 -31.06
C HIS B 851 21.71 -41.14 -31.61
N THR B 852 20.55 -41.67 -31.22
CA THR B 852 20.14 -43.01 -31.64
C THR B 852 18.79 -43.03 -32.34
N GLU B 853 17.82 -42.24 -31.89
CA GLU B 853 16.47 -42.35 -32.42
C GLU B 853 16.40 -42.02 -33.90
N GLY B 854 17.37 -41.24 -34.41
CA GLY B 854 17.42 -41.00 -35.84
C GLY B 854 17.61 -42.28 -36.64
N LEU B 855 18.50 -43.16 -36.16
CA LEU B 855 18.70 -44.44 -36.82
C LEU B 855 17.49 -45.35 -36.63
N ARG B 856 16.94 -45.40 -35.43
CA ARG B 856 15.86 -46.33 -35.09
C ARG B 856 14.48 -45.69 -35.24
N GLY B 857 14.34 -44.74 -36.17
CA GLY B 857 13.02 -44.19 -36.46
C GLY B 857 12.08 -45.16 -37.14
N ARG B 858 12.64 -46.14 -37.86
CA ARG B 858 11.80 -47.14 -38.52
C ARG B 858 11.06 -48.00 -37.50
N VAL B 859 11.72 -48.39 -36.42
CA VAL B 859 11.09 -49.22 -35.40
C VAL B 859 10.63 -48.35 -34.24
#